data_8D9J
#
_entry.id   8D9J
#
_cell.length_a   75.430
_cell.length_b   179.678
_cell.length_c   79.891
_cell.angle_alpha   90.000
_cell.angle_beta   109.000
_cell.angle_gamma   90.000
#
_symmetry.space_group_name_H-M   'P 1 21 1'
#
loop_
_entity.id
_entity.type
_entity.pdbx_description
1 polymer 'Deoxynucleoside triphosphate triphosphohydrolase SAMHD1'
2 polymer "DNA (5'-D(*CP*AP*AP*TP*G)-3')"
3 non-polymer 'FE (III) ION'
4 non-polymer 'CALCIUM ION'
5 water water
#
loop_
_entity_poly.entity_id
_entity_poly.type
_entity_poly.pdbx_seq_one_letter_code
_entity_poly.pdbx_strand_id
1 'polypeptide(L)'
;MQRADSEQPSKRPRCDDSPRTPSNTPSAEADWSPGLELHPDYKTWGPEQVCSFLRRGGFEEPVLLKNIRENEITGALLPC
LDESRFENLGVSSLGERKKLLSYIQRLVQIHVDTMKVINDPIHGHIELHPLLVRIIDTPQFQRLRYIKQLGGGYYVFPGA
SHNRFEHSLGVGYLAGCLVHALGEKQPELQISERDVLCVQIAGLCHDLGHGPFSHMFDGRFIPLARPEVKWTHEQGSVMM
FEHLINSNGIKPVMEQYGLIPEEDICFIKEQIVGPLESPVEDSLWPYKGRPENKSFLYEIVSNKRNGIDVDKWDYFARDC
HHLGIQNNFDYKRFIKFARVCEVDNELRICARDKEVGNLYDMFHTRNSLHRRAYQHKVGNIIDTMITDAFLKADDYIEIT
GAGGKKYRISTAIDDMEAYTKLTDNIFLEILYSTDPKLKDAREILKQIEYRNLFKYVGETQPTGQIKIKREDYESLPKEV
ASAKPKVLLDVKLKAEDFIVDVINMDYGMQEKNPIDHVSFYCKTAPNRAIRITKNQVSQLLPEKFAEQLIRVYCKKVDRK
SLYAARQYFVQWCADRNFTKPQDGDVIAPLITPQKKEWNDSTSVQNPTRLREASKSRVQLFKDDPM
;
A,B,C,D
2 'polydeoxyribonucleotide' (DC)(DA)(DA)(DT)(DG) F,G,H,I
#
loop_
_chem_comp.id
_chem_comp.type
_chem_comp.name
_chem_comp.formula
CA non-polymer 'CALCIUM ION' 'Ca 2'
DA DNA linking 2'-DEOXYADENOSINE-5'-MONOPHOSPHATE 'C10 H14 N5 O6 P'
DC DNA linking 2'-DEOXYCYTIDINE-5'-MONOPHOSPHATE 'C9 H14 N3 O7 P'
DG DNA linking 2'-DEOXYGUANOSINE-5'-MONOPHOSPHATE 'C10 H14 N5 O7 P'
DT DNA linking THYMIDINE-5'-MONOPHOSPHATE 'C10 H15 N2 O8 P'
FE non-polymer 'FE (III) ION' 'Fe 3'
#
# COMPACT_ATOMS: atom_id res chain seq x y z
N THR A 114 32.95 -6.59 -5.24
CA THR A 114 34.06 -5.84 -4.67
C THR A 114 33.64 -4.40 -4.38
N MET A 115 32.85 -3.83 -5.30
CA MET A 115 32.41 -2.46 -5.17
C MET A 115 31.55 -2.27 -3.93
N LYS A 116 31.49 -1.01 -3.47
CA LYS A 116 30.76 -0.69 -2.25
C LYS A 116 29.26 -0.84 -2.47
N VAL A 117 28.56 -1.30 -1.44
CA VAL A 117 27.12 -1.55 -1.49
C VAL A 117 26.42 -0.62 -0.51
N ILE A 118 25.30 -0.05 -0.95
CA ILE A 118 24.52 0.90 -0.16
C ILE A 118 23.13 0.32 0.05
N ASN A 119 22.64 0.38 1.29
CA ASN A 119 21.25 0.08 1.58
C ASN A 119 20.45 1.37 1.50
N ASP A 120 19.53 1.45 0.54
CA ASP A 120 18.69 2.61 0.34
C ASP A 120 17.24 2.26 0.57
N PRO A 121 16.48 3.12 1.26
CA PRO A 121 15.07 2.78 1.56
C PRO A 121 14.19 2.68 0.32
N ILE A 122 14.59 3.28 -0.81
CA ILE A 122 13.77 3.30 -2.01
C ILE A 122 14.20 2.22 -3.00
N HIS A 123 15.50 2.11 -3.26
CA HIS A 123 16.00 1.23 -4.30
C HIS A 123 16.65 -0.04 -3.77
N GLY A 124 16.82 -0.16 -2.46
CA GLY A 124 17.42 -1.36 -1.90
C GLY A 124 18.93 -1.35 -1.96
N HIS A 125 19.53 -2.51 -2.26
CA HIS A 125 20.98 -2.60 -2.36
C HIS A 125 21.46 -2.06 -3.70
N ILE A 126 22.39 -1.11 -3.66
CA ILE A 126 22.92 -0.48 -4.87
C ILE A 126 24.44 -0.52 -4.80
N GLU A 127 25.06 -0.80 -5.95
CA GLU A 127 26.51 -0.98 -6.04
C GLU A 127 27.16 0.26 -6.63
N LEU A 128 28.28 0.68 -6.05
CA LEU A 128 28.96 1.91 -6.43
C LEU A 128 30.31 1.59 -7.03
N HIS A 129 30.53 2.02 -8.26
CA HIS A 129 31.84 1.85 -8.88
C HIS A 129 32.90 2.58 -8.07
N PRO A 130 34.12 2.04 -7.97
CA PRO A 130 35.16 2.72 -7.19
C PRO A 130 35.44 4.15 -7.63
N LEU A 131 35.23 4.48 -8.90
CA LEU A 131 35.34 5.87 -9.33
C LEU A 131 34.27 6.72 -8.68
N LEU A 132 33.02 6.24 -8.70
CA LEU A 132 31.93 6.97 -8.04
C LEU A 132 32.23 7.19 -6.57
N VAL A 133 32.79 6.19 -5.90
CA VAL A 133 33.09 6.31 -4.48
C VAL A 133 34.14 7.38 -4.24
N ARG A 134 35.14 7.47 -5.13
CA ARG A 134 36.15 8.53 -5.01
C ARG A 134 35.50 9.90 -5.10
N ILE A 135 34.48 10.04 -5.95
CA ILE A 135 33.78 11.31 -6.07
C ILE A 135 32.90 11.57 -4.85
N ILE A 136 32.34 10.52 -4.25
CA ILE A 136 31.47 10.70 -3.09
C ILE A 136 32.30 11.11 -1.87
N ASP A 137 33.41 10.43 -1.63
CA ASP A 137 34.28 10.74 -0.51
C ASP A 137 34.97 12.08 -0.73
N THR A 138 34.21 13.16 -0.66
CA THR A 138 34.68 14.47 -1.05
C THR A 138 33.91 15.53 -0.28
N PRO A 139 34.58 16.51 0.32
CA PRO A 139 33.85 17.56 1.05
C PRO A 139 32.91 18.34 0.16
N GLN A 140 33.24 18.46 -1.12
CA GLN A 140 32.34 19.11 -2.08
C GLN A 140 31.06 18.31 -2.27
N PHE A 141 31.12 16.97 -2.17
CA PHE A 141 29.94 16.15 -2.31
C PHE A 141 29.28 15.83 -0.97
N GLN A 142 30.07 15.61 0.08
CA GLN A 142 29.51 15.42 1.40
C GLN A 142 28.83 16.68 1.92
N ARG A 143 29.07 17.83 1.28
CA ARG A 143 28.31 19.04 1.58
C ARG A 143 26.81 18.81 1.41
N LEU A 144 26.42 17.89 0.54
CA LEU A 144 25.01 17.63 0.28
C LEU A 144 24.32 16.97 1.48
N ARG A 145 25.08 16.40 2.42
CA ARG A 145 24.47 15.82 3.61
C ARG A 145 23.79 16.86 4.48
N TYR A 146 24.11 18.14 4.30
CA TYR A 146 23.61 19.22 5.13
C TYR A 146 22.78 20.20 4.31
N ILE A 147 21.98 19.68 3.38
CA ILE A 147 21.11 20.47 2.51
C ILE A 147 19.77 19.76 2.47
N LYS A 148 18.80 20.28 3.21
CA LYS A 148 17.44 19.75 3.17
C LYS A 148 16.91 19.75 1.75
N GLN A 149 16.32 18.62 1.35
CA GLN A 149 15.74 18.53 0.01
C GLN A 149 14.53 19.45 -0.12
N LEU A 150 13.67 19.48 0.89
CA LEU A 150 12.43 20.25 0.83
C LEU A 150 12.50 21.57 1.58
N GLY A 151 13.57 21.83 2.31
CA GLY A 151 13.72 23.06 3.07
C GLY A 151 12.65 23.30 4.12
N GLY A 152 11.87 24.37 3.95
CA GLY A 152 10.80 24.72 4.87
C GLY A 152 9.74 23.66 5.02
N GLY A 153 9.65 22.70 4.09
CA GLY A 153 8.68 21.62 4.20
C GLY A 153 8.93 20.71 5.39
N TYR A 154 10.16 20.69 5.90
CA TYR A 154 10.45 19.88 7.10
C TYR A 154 9.70 20.40 8.31
N TYR A 155 9.47 21.71 8.39
CA TYR A 155 8.76 22.31 9.51
C TYR A 155 7.25 22.20 9.37
N VAL A 156 6.77 21.45 8.37
CA VAL A 156 5.38 21.09 8.24
C VAL A 156 5.20 19.58 8.18
N PHE A 157 6.11 18.88 7.49
CA PHE A 157 6.08 17.43 7.41
C PHE A 157 7.26 16.86 8.19
N PRO A 158 7.04 16.20 9.33
CA PRO A 158 8.17 15.74 10.15
C PRO A 158 9.01 14.68 9.47
N GLY A 159 8.42 13.82 8.65
CA GLY A 159 9.18 12.78 7.98
C GLY A 159 10.09 13.28 6.88
N ALA A 160 9.97 14.56 6.50
CA ALA A 160 10.75 15.12 5.40
C ALA A 160 12.08 15.68 5.89
N SER A 161 12.86 14.80 6.52
CA SER A 161 14.19 15.13 7.01
C SER A 161 15.30 14.77 6.05
N HIS A 162 14.96 14.27 4.87
CA HIS A 162 15.97 13.79 3.93
C HIS A 162 16.67 14.96 3.25
N ASN A 163 17.93 14.74 2.89
CA ASN A 163 18.79 15.76 2.30
C ASN A 163 19.07 15.42 0.84
N ARG A 164 19.90 16.25 0.21
CA ARG A 164 20.21 16.08 -1.20
C ARG A 164 21.23 14.96 -1.44
N PHE A 165 21.94 14.54 -0.40
CA PHE A 165 22.95 13.50 -0.55
C PHE A 165 22.33 12.16 -0.94
N GLU A 166 21.28 11.74 -0.21
CA GLU A 166 20.61 10.49 -0.52
C GLU A 166 19.93 10.54 -1.89
N HIS A 167 19.41 11.70 -2.27
CA HIS A 167 18.74 11.83 -3.57
C HIS A 167 19.73 11.72 -4.72
N SER A 168 20.89 12.37 -4.59
CA SER A 168 21.89 12.30 -5.65
C SER A 168 22.36 10.86 -5.86
N LEU A 169 22.52 10.10 -4.76
CA LEU A 169 22.89 8.70 -4.89
C LEU A 169 21.85 7.91 -5.67
N GLY A 170 20.57 8.18 -5.43
CA GLY A 170 19.53 7.48 -6.16
C GLY A 170 19.53 7.82 -7.65
N VAL A 171 19.68 9.09 -7.98
CA VAL A 171 19.72 9.51 -9.39
C VAL A 171 20.91 8.88 -10.10
N GLY A 172 22.07 8.85 -9.44
CA GLY A 172 23.23 8.21 -10.02
C GLY A 172 23.02 6.71 -10.22
N TYR A 173 22.20 6.08 -9.38
CA TYR A 173 21.93 4.67 -9.54
C TYR A 173 20.91 4.41 -10.64
N LEU A 174 19.83 5.21 -10.68
CA LEU A 174 18.80 5.01 -11.69
C LEU A 174 19.33 5.29 -13.08
N ALA A 175 20.16 6.32 -13.23
CA ALA A 175 20.73 6.65 -14.54
C ALA A 175 21.57 5.50 -15.07
N GLY A 176 22.38 4.89 -14.21
CA GLY A 176 23.16 3.75 -14.63
C GLY A 176 22.30 2.53 -14.95
N CYS A 177 21.24 2.33 -14.19
CA CYS A 177 20.32 1.23 -14.47
C CYS A 177 19.70 1.37 -15.85
N LEU A 178 19.25 2.58 -16.21
CA LEU A 178 18.60 2.79 -17.50
C LEU A 178 19.58 2.58 -18.65
N VAL A 179 20.78 3.15 -18.54
CA VAL A 179 21.77 2.99 -19.60
C VAL A 179 22.17 1.54 -19.75
N HIS A 180 22.42 0.86 -18.62
CA HIS A 180 22.78 -0.55 -18.66
C HIS A 180 21.65 -1.39 -19.24
N ALA A 181 20.40 -1.08 -18.88
CA ALA A 181 19.27 -1.83 -19.42
C ALA A 181 19.14 -1.63 -20.92
N LEU A 182 19.40 -0.41 -21.41
CA LEU A 182 19.35 -0.16 -22.85
C LEU A 182 20.47 -0.90 -23.57
N GLY A 183 21.69 -0.85 -23.02
CA GLY A 183 22.80 -1.51 -23.68
C GLY A 183 22.62 -3.01 -23.74
N GLU A 184 22.19 -3.62 -22.63
CA GLU A 184 21.97 -5.06 -22.61
C GLU A 184 20.83 -5.46 -23.55
N LYS A 185 19.74 -4.69 -23.55
CA LYS A 185 18.59 -4.99 -24.38
C LYS A 185 18.75 -4.53 -25.82
N GLN A 186 19.86 -3.88 -26.15
CA GLN A 186 20.07 -3.35 -27.50
C GLN A 186 21.56 -3.24 -27.76
N PRO A 187 22.23 -4.36 -28.04
CA PRO A 187 23.68 -4.34 -28.27
C PRO A 187 24.12 -3.58 -29.52
N GLU A 188 23.19 -2.98 -30.26
CA GLU A 188 23.55 -2.19 -31.45
C GLU A 188 23.95 -0.77 -31.12
N LEU A 189 23.69 -0.31 -29.89
CA LEU A 189 23.99 1.08 -29.54
C LEU A 189 25.44 1.29 -29.16
N GLN A 190 26.21 0.22 -28.98
CA GLN A 190 27.65 0.30 -28.67
C GLN A 190 27.89 1.09 -27.38
N ILE A 191 27.02 0.90 -26.40
CA ILE A 191 27.14 1.61 -25.12
C ILE A 191 28.24 0.92 -24.31
N SER A 192 29.36 1.62 -24.14
CA SER A 192 30.48 1.05 -23.41
C SER A 192 30.30 1.24 -21.91
N GLU A 193 31.10 0.50 -21.14
CA GLU A 193 31.09 0.67 -19.69
C GLU A 193 31.52 2.07 -19.29
N ARG A 194 32.35 2.72 -20.12
CA ARG A 194 32.73 4.10 -19.86
C ARG A 194 31.55 5.05 -20.10
N ASP A 195 30.69 4.74 -21.06
CA ASP A 195 29.48 5.53 -21.25
C ASP A 195 28.54 5.38 -20.07
N VAL A 196 28.51 4.21 -19.44
CA VAL A 196 27.68 4.01 -18.25
C VAL A 196 28.20 4.83 -17.09
N LEU A 197 29.53 4.82 -16.88
CA LEU A 197 30.10 5.57 -15.77
C LEU A 197 29.84 7.07 -15.92
N CYS A 198 29.96 7.59 -17.13
CA CYS A 198 29.76 9.02 -17.35
C CYS A 198 28.34 9.45 -16.98
N VAL A 199 27.35 8.65 -17.34
CA VAL A 199 25.97 8.96 -16.98
C VAL A 199 25.77 8.82 -15.48
N GLN A 200 26.40 7.82 -14.87
CA GLN A 200 26.31 7.63 -13.42
C GLN A 200 26.87 8.84 -12.67
N ILE A 201 28.06 9.29 -13.07
CA ILE A 201 28.66 10.48 -12.44
C ILE A 201 27.78 11.70 -12.66
N ALA A 202 27.16 11.80 -13.85
CA ALA A 202 26.34 12.97 -14.16
C ALA A 202 25.14 13.05 -13.24
N GLY A 203 24.41 11.95 -13.08
CA GLY A 203 23.30 11.94 -12.14
C GLY A 203 23.75 12.07 -10.71
N LEU A 204 24.94 11.57 -10.39
CA LEU A 204 25.48 11.68 -9.05
C LEU A 204 25.81 13.12 -8.67
N CYS A 205 26.09 13.98 -9.66
CA CYS A 205 26.56 15.34 -9.40
C CYS A 205 25.63 16.41 -9.95
N HIS A 206 24.40 16.06 -10.33
CA HIS A 206 23.52 17.03 -10.96
C HIS A 206 23.04 18.10 -9.97
N ASP A 207 23.00 17.79 -8.68
CA ASP A 207 22.49 18.71 -7.67
C ASP A 207 23.57 19.27 -6.77
N LEU A 208 24.83 19.23 -7.21
CA LEU A 208 25.95 19.68 -6.37
C LEU A 208 25.89 21.17 -6.07
N GLY A 209 25.14 21.95 -6.85
CA GLY A 209 25.09 23.38 -6.69
C GLY A 209 23.96 23.92 -5.83
N HIS A 210 23.17 23.06 -5.20
CA HIS A 210 22.08 23.53 -4.37
C HIS A 210 22.61 24.21 -3.11
N GLY A 211 21.96 25.30 -2.70
CA GLY A 211 22.36 26.04 -1.53
C GLY A 211 21.53 25.67 -0.32
N PRO A 212 21.61 26.50 0.73
CA PRO A 212 20.78 26.27 1.93
C PRO A 212 19.30 26.08 1.62
N PHE A 213 18.74 24.96 2.07
CA PHE A 213 17.32 24.65 1.93
C PHE A 213 16.88 24.60 0.47
N SER A 214 17.79 24.14 -0.40
CA SER A 214 17.50 23.76 -1.79
C SER A 214 16.95 24.95 -2.55
N HIS A 215 15.74 24.88 -3.11
CA HIS A 215 15.29 25.85 -4.11
C HIS A 215 14.98 27.22 -3.54
N MET A 216 14.85 27.37 -2.22
CA MET A 216 14.63 28.70 -1.68
C MET A 216 15.88 29.56 -1.71
N PHE A 217 17.05 28.96 -1.98
CA PHE A 217 18.27 29.75 -2.05
C PHE A 217 18.42 30.42 -3.41
N ASP A 218 18.32 29.64 -4.49
CA ASP A 218 18.40 30.19 -5.83
C ASP A 218 17.05 30.63 -6.37
N GLY A 219 15.95 30.28 -5.70
CA GLY A 219 14.64 30.63 -6.18
C GLY A 219 14.03 31.84 -5.51
N ARG A 220 14.56 32.23 -4.35
CA ARG A 220 14.03 33.41 -3.66
C ARG A 220 15.14 34.28 -3.07
N PHE A 221 16.07 33.68 -2.33
CA PHE A 221 17.03 34.47 -1.56
C PHE A 221 17.97 35.25 -2.47
N ILE A 222 18.68 34.53 -3.36
CA ILE A 222 19.62 35.21 -4.25
C ILE A 222 18.96 36.28 -5.10
N PRO A 223 17.78 36.05 -5.71
CA PRO A 223 17.12 37.16 -6.42
C PRO A 223 16.78 38.34 -5.54
N LEU A 224 16.61 38.13 -4.23
CA LEU A 224 16.29 39.21 -3.32
C LEU A 224 17.53 39.96 -2.83
N ALA A 225 18.61 39.24 -2.56
CA ALA A 225 19.83 39.88 -2.06
C ALA A 225 20.65 40.48 -3.20
N ARG A 226 20.71 39.81 -4.34
CA ARG A 226 21.44 40.29 -5.51
C ARG A 226 20.54 40.18 -6.73
N PRO A 227 19.57 41.09 -6.89
CA PRO A 227 18.65 41.00 -8.04
C PRO A 227 19.32 41.18 -9.39
N GLU A 228 20.58 41.63 -9.42
CA GLU A 228 21.24 41.89 -10.69
C GLU A 228 21.92 40.64 -11.25
N VAL A 229 22.34 39.73 -10.39
CA VAL A 229 23.09 38.55 -10.80
C VAL A 229 22.13 37.45 -11.20
N LYS A 230 22.50 36.70 -12.23
CA LYS A 230 21.75 35.53 -12.68
C LYS A 230 22.43 34.28 -12.16
N TRP A 231 21.69 33.46 -11.41
CA TRP A 231 22.26 32.29 -10.77
C TRP A 231 21.21 31.19 -10.70
N THR A 232 21.58 29.99 -11.15
CA THR A 232 20.75 28.80 -11.01
C THR A 232 21.60 27.71 -10.37
N HIS A 233 20.93 26.74 -9.76
CA HIS A 233 21.65 25.67 -9.06
C HIS A 233 22.32 24.70 -10.02
N GLU A 234 21.82 24.59 -11.26
CA GLU A 234 22.50 23.76 -12.24
C GLU A 234 23.77 24.45 -12.76
N GLN A 235 23.66 25.74 -13.07
CA GLN A 235 24.83 26.53 -13.45
C GLN A 235 25.84 26.60 -12.32
N GLY A 236 25.42 26.35 -11.08
CA GLY A 236 26.34 26.25 -9.97
C GLY A 236 26.82 24.84 -9.74
N SER A 237 26.03 23.86 -10.20
CA SER A 237 26.43 22.46 -10.07
C SER A 237 27.63 22.15 -10.94
N VAL A 238 27.72 22.76 -12.12
CA VAL A 238 28.86 22.53 -12.99
C VAL A 238 30.12 23.17 -12.41
N MET A 239 29.98 24.35 -11.80
CA MET A 239 31.10 24.95 -11.08
C MET A 239 31.53 24.06 -9.92
N MET A 240 30.56 23.51 -9.18
CA MET A 240 30.86 22.59 -8.09
C MET A 240 31.58 21.36 -8.61
N PHE A 241 31.15 20.84 -9.76
CA PHE A 241 31.77 19.63 -10.31
C PHE A 241 33.22 19.87 -10.70
N GLU A 242 33.51 20.99 -11.36
CA GLU A 242 34.88 21.31 -11.73
C GLU A 242 35.76 21.46 -10.49
N HIS A 243 35.29 22.22 -9.51
CA HIS A 243 36.04 22.38 -8.26
C HIS A 243 36.24 21.05 -7.57
N LEU A 244 35.21 20.19 -7.60
CA LEU A 244 35.33 18.85 -7.01
C LEU A 244 36.43 18.05 -7.71
N ILE A 245 36.40 18.02 -9.04
CA ILE A 245 37.36 17.21 -9.79
C ILE A 245 38.79 17.69 -9.53
N ASN A 246 39.00 19.02 -9.55
CA ASN A 246 40.35 19.55 -9.45
C ASN A 246 40.91 19.40 -8.05
N SER A 247 40.10 19.70 -7.02
CA SER A 247 40.60 19.72 -5.65
C SER A 247 40.89 18.33 -5.08
N ASN A 248 40.51 17.26 -5.80
CA ASN A 248 40.70 15.91 -5.28
C ASN A 248 41.50 15.03 -6.22
N GLY A 249 42.05 15.58 -7.30
CA GLY A 249 42.85 14.80 -8.23
C GLY A 249 42.13 13.61 -8.81
N ILE A 250 40.93 13.85 -9.35
CA ILE A 250 40.08 12.76 -9.81
C ILE A 250 40.40 12.33 -11.25
N LYS A 251 40.95 13.24 -12.06
CA LYS A 251 41.26 12.91 -13.46
C LYS A 251 42.13 11.67 -13.62
N PRO A 252 43.22 11.48 -12.86
CA PRO A 252 43.95 10.21 -12.99
C PRO A 252 43.11 9.00 -12.62
N VAL A 253 42.25 9.12 -11.61
CA VAL A 253 41.38 8.01 -11.24
C VAL A 253 40.38 7.74 -12.35
N MET A 254 39.90 8.79 -13.02
CA MET A 254 39.03 8.61 -14.18
C MET A 254 39.73 7.81 -15.27
N GLU A 255 40.99 8.16 -15.57
CA GLU A 255 41.71 7.52 -16.65
C GLU A 255 41.99 6.05 -16.34
N GLN A 256 42.32 5.73 -15.08
CA GLN A 256 42.61 4.37 -14.70
C GLN A 256 41.39 3.46 -14.78
N TYR A 257 40.19 4.03 -14.99
CA TYR A 257 38.99 3.25 -15.25
C TYR A 257 38.47 3.45 -16.67
N GLY A 258 39.33 3.90 -17.59
CA GLY A 258 38.96 3.99 -18.98
C GLY A 258 38.20 5.23 -19.39
N LEU A 259 38.24 6.29 -18.59
CA LEU A 259 37.53 7.53 -18.90
C LEU A 259 38.53 8.57 -19.38
N ILE A 260 38.26 9.17 -20.53
CA ILE A 260 39.12 10.20 -21.10
C ILE A 260 38.59 11.56 -20.67
N PRO A 261 39.34 12.33 -19.88
CA PRO A 261 38.75 13.51 -19.23
C PRO A 261 38.27 14.59 -20.20
N GLU A 262 38.93 14.75 -21.35
CA GLU A 262 38.57 15.83 -22.26
C GLU A 262 37.11 15.72 -22.71
N GLU A 263 36.75 14.56 -23.28
CA GLU A 263 35.39 14.38 -23.76
C GLU A 263 34.41 14.20 -22.60
N ASP A 264 34.83 13.50 -21.55
CA ASP A 264 33.89 13.06 -20.52
C ASP A 264 33.45 14.21 -19.62
N ILE A 265 34.39 15.04 -19.17
CA ILE A 265 34.01 16.19 -18.34
C ILE A 265 33.04 17.09 -19.11
N CYS A 266 33.29 17.29 -20.41
CA CYS A 266 32.34 18.02 -21.23
C CYS A 266 31.00 17.30 -21.31
N PHE A 267 31.04 15.97 -21.43
CA PHE A 267 29.80 15.18 -21.46
C PHE A 267 29.00 15.35 -20.18
N ILE A 268 29.65 15.19 -19.04
CA ILE A 268 28.95 15.27 -17.75
C ILE A 268 28.38 16.67 -17.54
N LYS A 269 29.13 17.70 -17.89
CA LYS A 269 28.63 19.07 -17.75
C LYS A 269 27.42 19.30 -18.65
N GLU A 270 27.43 18.73 -19.86
CA GLU A 270 26.38 19.03 -20.83
C GLU A 270 25.07 18.36 -20.45
N GLN A 271 25.11 17.14 -19.89
CA GLN A 271 23.89 16.50 -19.45
C GLN A 271 23.43 17.00 -18.08
N ILE A 272 23.95 18.13 -17.62
CA ILE A 272 23.51 18.74 -16.36
C ILE A 272 22.92 20.11 -16.66
N VAL A 273 23.71 20.98 -17.29
CA VAL A 273 23.27 22.34 -17.58
C VAL A 273 22.78 22.49 -19.03
N GLY A 274 23.25 21.66 -19.94
CA GLY A 274 22.88 21.76 -21.32
C GLY A 274 24.07 22.14 -22.18
N PRO A 275 23.86 22.27 -23.49
CA PRO A 275 24.94 22.71 -24.37
C PRO A 275 25.48 24.07 -23.96
N LEU A 276 26.80 24.18 -23.91
CA LEU A 276 27.46 25.41 -23.50
C LEU A 276 27.58 26.39 -24.66
N SER A 283 20.04 24.60 -34.91
CA SER A 283 20.57 24.55 -36.27
C SER A 283 21.23 23.20 -36.55
N LEU A 284 22.02 22.73 -35.60
CA LEU A 284 22.77 21.49 -35.76
C LEU A 284 23.22 21.03 -34.38
N TRP A 285 23.59 19.74 -34.30
CA TRP A 285 24.01 19.05 -33.08
C TRP A 285 24.95 19.90 -32.24
N PRO A 286 24.46 20.46 -31.13
CA PRO A 286 25.26 21.40 -30.34
C PRO A 286 26.07 20.78 -29.21
N TYR A 287 26.08 19.46 -29.09
CA TYR A 287 26.80 18.80 -28.01
C TYR A 287 28.21 18.41 -28.45
N LYS A 288 29.16 18.53 -27.53
CA LYS A 288 30.55 18.21 -27.82
C LYS A 288 31.03 16.93 -27.15
N GLY A 289 30.37 16.48 -26.08
CA GLY A 289 30.83 15.31 -25.36
C GLY A 289 30.55 14.00 -26.06
N ARG A 290 29.49 13.94 -26.87
CA ARG A 290 29.11 12.73 -27.59
C ARG A 290 28.55 13.13 -28.94
N PRO A 291 28.65 12.26 -29.95
CA PRO A 291 28.04 12.56 -31.23
C PRO A 291 26.53 12.33 -31.20
N GLU A 292 25.87 12.77 -32.27
CA GLU A 292 24.42 12.61 -32.40
C GLU A 292 24.01 11.14 -32.39
N ASN A 293 24.94 10.23 -32.70
CA ASN A 293 24.64 8.80 -32.65
C ASN A 293 24.29 8.33 -31.25
N LYS A 294 24.67 9.08 -30.22
CA LYS A 294 24.37 8.77 -28.83
C LYS A 294 23.53 9.88 -28.20
N SER A 295 22.61 10.46 -28.97
CA SER A 295 21.80 11.57 -28.48
C SER A 295 20.90 11.15 -27.32
N PHE A 296 20.43 9.91 -27.34
CA PHE A 296 19.56 9.41 -26.28
C PHE A 296 20.22 9.43 -24.90
N LEU A 297 21.56 9.49 -24.86
CA LEU A 297 22.25 9.54 -23.57
C LEU A 297 22.01 10.86 -22.86
N TYR A 298 21.75 11.93 -23.61
CA TYR A 298 21.52 13.25 -23.04
C TYR A 298 20.10 13.41 -22.49
N GLU A 299 19.26 12.40 -22.59
CA GLU A 299 17.85 12.49 -22.21
C GLU A 299 17.56 11.82 -20.87
N ILE A 300 18.58 11.44 -20.12
CA ILE A 300 18.41 10.56 -18.97
C ILE A 300 18.46 11.33 -17.66
N VAL A 301 19.55 12.08 -17.44
CA VAL A 301 19.72 12.78 -16.16
C VAL A 301 18.78 13.97 -16.08
N SER A 302 18.66 14.74 -17.16
CA SER A 302 17.75 15.88 -17.19
C SER A 302 17.27 16.05 -18.62
N ASN A 303 15.97 15.83 -18.84
CA ASN A 303 15.38 16.04 -20.16
C ASN A 303 14.82 17.46 -20.25
N LYS A 304 15.26 18.21 -21.27
CA LYS A 304 14.79 19.56 -21.51
C LYS A 304 13.73 19.62 -22.62
N ARG A 305 13.17 18.48 -22.99
CA ARG A 305 12.14 18.42 -24.03
C ARG A 305 10.75 18.21 -23.43
N ASN A 306 10.53 17.08 -22.76
CA ASN A 306 9.27 16.83 -22.08
C ASN A 306 9.39 16.86 -20.57
N GLY A 307 10.60 16.73 -20.01
CA GLY A 307 10.79 16.84 -18.59
C GLY A 307 10.60 15.56 -17.80
N ILE A 308 10.95 14.41 -18.36
CA ILE A 308 10.78 13.12 -17.71
C ILE A 308 12.16 12.49 -17.61
N ASP A 309 12.78 12.57 -16.44
CA ASP A 309 14.13 12.05 -16.24
C ASP A 309 14.15 11.18 -15.00
N VAL A 310 15.28 10.49 -14.80
CA VAL A 310 15.48 9.71 -13.58
C VAL A 310 15.61 10.60 -12.37
N ASP A 311 16.03 11.85 -12.55
CA ASP A 311 16.06 12.80 -11.45
C ASP A 311 14.68 12.95 -10.83
N LYS A 312 13.65 13.16 -11.65
CA LYS A 312 12.29 13.30 -11.14
C LYS A 312 11.77 11.98 -10.61
N TRP A 313 12.18 10.85 -11.19
CA TRP A 313 11.74 9.56 -10.67
C TRP A 313 12.21 9.35 -9.25
N ASP A 314 13.44 9.76 -8.94
CA ASP A 314 14.00 9.51 -7.60
C ASP A 314 13.24 10.30 -6.55
N TYR A 315 13.10 11.62 -6.73
CA TYR A 315 12.43 12.41 -5.71
C TYR A 315 10.91 12.38 -5.85
N PHE A 316 10.37 11.62 -6.80
CA PHE A 316 8.94 11.28 -6.74
C PHE A 316 8.70 10.19 -5.72
N ALA A 317 9.47 9.10 -5.80
CA ALA A 317 9.34 8.01 -4.83
C ALA A 317 9.89 8.42 -3.47
N ARG A 318 11.01 9.12 -3.45
CA ARG A 318 11.67 9.46 -2.19
C ARG A 318 10.84 10.45 -1.37
N ASP A 319 10.24 11.44 -2.04
CA ASP A 319 9.40 12.40 -1.31
C ASP A 319 8.11 11.75 -0.85
N CYS A 320 7.49 10.93 -1.71
CA CYS A 320 6.30 10.19 -1.30
C CYS A 320 6.60 9.29 -0.10
N HIS A 321 7.78 8.67 -0.09
CA HIS A 321 8.15 7.76 0.99
C HIS A 321 8.33 8.48 2.31
N HIS A 322 8.77 9.75 2.28
CA HIS A 322 9.02 10.51 3.49
C HIS A 322 7.85 11.36 3.94
N LEU A 323 6.91 11.67 3.06
CA LEU A 323 5.75 12.50 3.39
C LEU A 323 4.51 11.69 3.72
N GLY A 324 4.54 10.37 3.52
CA GLY A 324 3.34 9.58 3.67
C GLY A 324 2.37 9.66 2.52
N ILE A 325 2.79 10.24 1.40
CA ILE A 325 1.96 10.35 0.21
C ILE A 325 2.13 9.09 -0.62
N GLN A 326 1.01 8.60 -1.17
CA GLN A 326 1.04 7.36 -1.93
C GLN A 326 1.72 7.58 -3.28
N ASN A 327 2.76 6.78 -3.53
CA ASN A 327 3.45 6.79 -4.82
C ASN A 327 2.88 5.68 -5.68
N ASN A 328 2.34 6.05 -6.84
CA ASN A 328 1.72 5.08 -7.74
C ASN A 328 2.61 4.66 -8.89
N PHE A 329 3.59 5.47 -9.27
CA PHE A 329 4.48 5.12 -10.36
C PHE A 329 5.41 3.99 -9.93
N ASP A 330 5.66 3.08 -10.85
CA ASP A 330 6.70 2.07 -10.70
C ASP A 330 7.76 2.42 -11.74
N TYR A 331 8.88 2.99 -11.28
CA TYR A 331 9.97 3.31 -12.19
C TYR A 331 10.68 2.05 -12.67
N LYS A 332 10.61 0.96 -11.89
CA LYS A 332 11.31 -0.26 -12.26
C LYS A 332 10.68 -0.93 -13.49
N ARG A 333 9.37 -1.14 -13.48
CA ARG A 333 8.74 -1.75 -14.65
C ARG A 333 8.77 -0.81 -15.86
N PHE A 334 8.92 0.49 -15.64
CA PHE A 334 9.14 1.39 -16.76
C PHE A 334 10.51 1.14 -17.38
N ILE A 335 11.55 1.14 -16.55
CA ILE A 335 12.92 0.95 -17.05
C ILE A 335 13.04 -0.39 -17.76
N LYS A 336 12.34 -1.41 -17.26
CA LYS A 336 12.43 -2.74 -17.84
C LYS A 336 11.97 -2.75 -19.30
N PHE A 337 10.88 -2.05 -19.60
CA PHE A 337 10.30 -2.05 -20.94
C PHE A 337 10.66 -0.83 -21.76
N ALA A 338 11.66 -0.07 -21.33
CA ALA A 338 12.10 1.13 -22.04
C ALA A 338 13.11 0.75 -23.12
N ARG A 339 12.93 1.30 -24.31
CA ARG A 339 13.85 1.12 -25.42
C ARG A 339 14.10 2.46 -26.08
N VAL A 340 15.06 2.50 -27.00
CA VAL A 340 15.36 3.70 -27.78
C VAL A 340 14.93 3.42 -29.22
N CYS A 341 14.18 4.36 -29.79
CA CYS A 341 13.63 4.22 -31.13
C CYS A 341 14.01 5.44 -31.95
N GLU A 342 13.50 5.49 -33.18
CA GLU A 342 13.76 6.59 -34.10
C GLU A 342 12.49 7.42 -34.23
N VAL A 343 12.60 8.72 -33.95
CA VAL A 343 11.49 9.66 -34.04
C VAL A 343 11.96 10.83 -34.88
N ASP A 344 11.40 10.95 -36.09
CA ASP A 344 11.76 12.02 -37.02
C ASP A 344 13.26 12.05 -37.27
N ASN A 345 13.81 10.89 -37.64
CA ASN A 345 15.22 10.73 -37.97
C ASN A 345 16.12 11.14 -36.80
N GLU A 346 15.73 10.75 -35.60
CA GLU A 346 16.55 10.99 -34.41
C GLU A 346 16.22 9.94 -33.36
N LEU A 347 17.22 9.61 -32.55
CA LEU A 347 17.11 8.56 -31.56
C LEU A 347 16.60 9.15 -30.25
N ARG A 348 15.50 8.61 -29.73
CA ARG A 348 14.90 9.09 -28.51
C ARG A 348 14.46 7.92 -27.65
N ILE A 349 14.40 8.17 -26.34
CA ILE A 349 13.94 7.15 -25.39
C ILE A 349 12.43 7.03 -25.51
N CYS A 350 11.95 5.81 -25.79
CA CYS A 350 10.52 5.56 -25.94
C CYS A 350 10.11 4.38 -25.07
N ALA A 351 8.85 4.37 -24.66
CA ALA A 351 8.30 3.35 -23.80
C ALA A 351 7.39 2.41 -24.59
N ARG A 352 7.09 1.27 -23.98
CA ARG A 352 6.17 0.32 -24.58
C ARG A 352 4.75 0.87 -24.56
N ASP A 353 3.95 0.44 -25.55
CA ASP A 353 2.64 1.05 -25.78
C ASP A 353 1.68 0.83 -24.61
N LYS A 354 1.84 -0.25 -23.86
CA LYS A 354 0.92 -0.56 -22.78
C LYS A 354 1.40 -0.08 -21.42
N GLU A 355 2.54 0.61 -21.35
CA GLU A 355 3.04 1.17 -20.11
C GLU A 355 2.65 2.63 -19.92
N VAL A 356 1.61 3.09 -20.63
CA VAL A 356 1.16 4.47 -20.46
C VAL A 356 0.40 4.65 -19.16
N GLY A 357 -0.10 3.57 -18.57
CA GLY A 357 -0.71 3.66 -17.25
C GLY A 357 0.30 4.08 -16.20
N ASN A 358 1.53 3.60 -16.31
CA ASN A 358 2.59 4.05 -15.43
C ASN A 358 2.90 5.53 -15.66
N LEU A 359 2.80 5.97 -16.92
CA LEU A 359 3.11 7.36 -17.24
C LEU A 359 2.09 8.31 -16.61
N TYR A 360 0.82 7.93 -16.62
CA TYR A 360 -0.21 8.78 -16.02
C TYR A 360 -0.17 8.72 -14.50
N ASP A 361 0.21 7.58 -13.91
CA ASP A 361 0.43 7.52 -12.47
C ASP A 361 1.59 8.42 -12.06
N MET A 362 2.63 8.48 -12.89
CA MET A 362 3.70 9.44 -12.67
C MET A 362 3.16 10.87 -12.65
N PHE A 363 2.33 11.22 -13.63
CA PHE A 363 1.83 12.58 -13.73
C PHE A 363 0.91 12.93 -12.55
N HIS A 364 0.15 11.96 -12.04
CA HIS A 364 -0.70 12.23 -10.89
C HIS A 364 0.14 12.36 -9.63
N THR A 365 1.14 11.51 -9.45
CA THR A 365 2.03 11.62 -8.29
C THR A 365 2.74 12.97 -8.29
N ARG A 366 3.11 13.47 -9.48
CA ARG A 366 3.70 14.80 -9.56
C ARG A 366 2.70 15.87 -9.12
N ASN A 367 1.49 15.83 -9.68
CA ASN A 367 0.47 16.81 -9.33
C ASN A 367 0.14 16.75 -7.84
N SER A 368 0.05 15.55 -7.28
CA SER A 368 -0.22 15.40 -5.85
C SER A 368 0.91 16.00 -5.02
N LEU A 369 2.16 15.77 -5.42
CA LEU A 369 3.29 16.28 -4.66
C LEU A 369 3.34 17.80 -4.70
N HIS A 370 3.03 18.40 -5.84
CA HIS A 370 3.02 19.86 -5.92
C HIS A 370 1.87 20.45 -5.13
N ARG A 371 0.66 19.89 -5.31
CA ARG A 371 -0.51 20.45 -4.66
C ARG A 371 -0.43 20.34 -3.14
N ARG A 372 -0.02 19.17 -2.64
CA ARG A 372 -0.07 18.90 -1.21
C ARG A 372 1.23 19.17 -0.47
N ALA A 373 2.36 19.22 -1.17
CA ALA A 373 3.66 19.41 -0.51
C ALA A 373 4.37 20.66 -1.01
N TYR A 374 4.77 20.70 -2.29
CA TYR A 374 5.60 21.80 -2.77
C TYR A 374 4.88 23.14 -2.74
N GLN A 375 3.54 23.15 -2.78
CA GLN A 375 2.77 24.39 -2.76
C GLN A 375 2.00 24.56 -1.46
N HIS A 376 2.52 24.00 -0.37
CA HIS A 376 1.85 24.13 0.93
C HIS A 376 1.86 25.58 1.38
N LYS A 377 0.75 26.01 1.99
CA LYS A 377 0.64 27.36 2.54
C LYS A 377 1.74 27.61 3.57
N VAL A 378 1.64 26.93 4.71
CA VAL A 378 2.59 27.15 5.80
C VAL A 378 4.01 26.86 5.36
N GLY A 379 4.19 25.85 4.50
CA GLY A 379 5.53 25.49 4.06
C GLY A 379 6.23 26.61 3.31
N ASN A 380 5.52 27.27 2.39
CA ASN A 380 6.11 28.39 1.67
C ASN A 380 6.25 29.62 2.57
N ILE A 381 5.36 29.79 3.54
CA ILE A 381 5.49 30.89 4.49
C ILE A 381 6.77 30.73 5.31
N ILE A 382 7.05 29.50 5.77
CA ILE A 382 8.29 29.25 6.50
C ILE A 382 9.49 29.55 5.62
N ASP A 383 9.43 29.16 4.34
CA ASP A 383 10.52 29.44 3.42
C ASP A 383 10.79 30.94 3.31
N THR A 384 9.73 31.74 3.15
CA THR A 384 9.90 33.18 3.06
C THR A 384 10.43 33.75 4.37
N MET A 385 10.01 33.19 5.50
CA MET A 385 10.50 33.67 6.79
C MET A 385 11.98 33.35 6.96
N ILE A 386 12.42 32.19 6.45
CA ILE A 386 13.85 31.87 6.49
C ILE A 386 14.63 32.77 5.56
N THR A 387 14.06 33.06 4.37
CA THR A 387 14.69 34.02 3.46
C THR A 387 14.86 35.38 4.15
N ASP A 388 13.82 35.84 4.85
CA ASP A 388 13.86 37.17 5.46
C ASP A 388 14.93 37.25 6.54
N ALA A 389 15.06 36.19 7.36
CA ALA A 389 16.12 36.18 8.35
C ALA A 389 17.50 36.14 7.70
N PHE A 390 17.63 35.40 6.60
CA PHE A 390 18.89 35.40 5.86
C PHE A 390 19.22 36.78 5.33
N LEU A 391 18.20 37.51 4.86
CA LEU A 391 18.43 38.84 4.31
C LEU A 391 18.91 39.82 5.38
N LYS A 392 18.34 39.73 6.58
CA LYS A 392 18.79 40.58 7.68
C LYS A 392 20.09 40.09 8.32
N ALA A 393 20.53 38.88 8.01
CA ALA A 393 21.79 38.35 8.50
C ALA A 393 22.87 38.36 7.43
N ASP A 394 22.57 38.83 6.23
CA ASP A 394 23.52 38.78 5.13
C ASP A 394 24.71 39.70 5.38
N ASP A 395 24.47 40.88 5.94
CA ASP A 395 25.51 41.89 6.08
C ASP A 395 26.49 41.60 7.21
N TYR A 396 26.24 40.59 8.04
CA TYR A 396 27.06 40.35 9.22
C TYR A 396 27.63 38.94 9.34
N ILE A 397 27.19 37.99 8.53
CA ILE A 397 27.73 36.64 8.57
C ILE A 397 28.93 36.55 7.64
N GLU A 398 30.01 35.94 8.12
CA GLU A 398 31.26 35.84 7.37
C GLU A 398 31.50 34.40 6.95
N ILE A 399 31.69 34.18 5.65
CA ILE A 399 32.00 32.87 5.09
C ILE A 399 33.45 32.91 4.60
N THR A 400 34.25 31.97 5.06
CA THR A 400 35.65 31.90 4.67
C THR A 400 35.79 31.23 3.31
N GLY A 401 36.63 31.82 2.45
CA GLY A 401 36.74 31.35 1.08
C GLY A 401 38.14 30.95 0.67
N ALA A 402 38.57 31.41 -0.51
CA ALA A 402 39.86 31.03 -1.08
C ALA A 402 40.96 31.88 -0.45
N GLY A 403 41.84 31.25 0.31
CA GLY A 403 42.97 31.93 0.90
C GLY A 403 42.59 33.00 1.92
N GLY A 404 41.73 32.65 2.86
CA GLY A 404 41.35 33.54 3.94
C GLY A 404 40.34 34.60 3.60
N LYS A 405 40.00 34.78 2.32
CA LYS A 405 39.04 35.81 1.93
C LYS A 405 37.67 35.54 2.57
N LYS A 406 36.90 36.61 2.73
CA LYS A 406 35.60 36.55 3.38
C LYS A 406 34.51 36.95 2.41
N TYR A 407 33.43 36.16 2.39
CA TYR A 407 32.31 36.39 1.49
C TYR A 407 31.02 36.45 2.29
N ARG A 408 30.02 37.10 1.71
CA ARG A 408 28.69 37.13 2.29
C ARG A 408 27.89 35.90 1.85
N ILE A 409 26.76 35.69 2.51
CA ILE A 409 25.90 34.56 2.14
C ILE A 409 25.43 34.73 0.71
N SER A 410 25.13 35.97 0.30
CA SER A 410 24.75 36.23 -1.08
C SER A 410 25.94 36.17 -2.03
N THR A 411 27.15 36.40 -1.54
CA THR A 411 28.34 36.41 -2.37
C THR A 411 29.17 35.13 -2.27
N ALA A 412 28.71 34.15 -1.49
CA ALA A 412 29.43 32.88 -1.40
C ALA A 412 29.39 32.09 -2.69
N ILE A 413 28.50 32.44 -3.63
CA ILE A 413 28.42 31.72 -4.90
C ILE A 413 29.53 32.12 -5.87
N ASP A 414 30.24 33.21 -5.60
CA ASP A 414 31.34 33.62 -6.47
C ASP A 414 32.57 32.76 -6.27
N ASP A 415 32.83 32.31 -5.05
CA ASP A 415 33.96 31.44 -4.73
C ASP A 415 33.40 30.05 -4.39
N MET A 416 33.91 29.02 -5.07
CA MET A 416 33.40 27.68 -4.84
C MET A 416 33.87 27.10 -3.51
N GLU A 417 35.04 27.51 -3.03
CA GLU A 417 35.49 27.05 -1.72
C GLU A 417 34.66 27.68 -0.60
N ALA A 418 34.13 28.87 -0.83
CA ALA A 418 33.22 29.47 0.14
C ALA A 418 31.83 28.85 0.04
N TYR A 419 31.40 28.51 -1.18
CA TYR A 419 30.12 27.83 -1.37
C TYR A 419 30.15 26.43 -0.78
N THR A 420 31.31 25.78 -0.79
CA THR A 420 31.43 24.45 -0.20
C THR A 420 31.06 24.46 1.28
N LYS A 421 31.27 25.59 1.96
CA LYS A 421 30.95 25.72 3.37
C LYS A 421 29.63 26.45 3.60
N LEU A 422 28.80 26.60 2.58
CA LEU A 422 27.49 27.23 2.69
C LEU A 422 26.43 26.14 2.68
N THR A 423 25.94 25.77 3.87
CA THR A 423 24.92 24.74 4.01
C THR A 423 23.79 25.21 4.90
N ASP A 424 22.94 24.28 5.35
CA ASP A 424 21.85 24.62 6.27
C ASP A 424 22.34 25.07 7.63
N ASN A 425 23.62 24.87 7.94
CA ASN A 425 24.17 25.29 9.23
C ASN A 425 24.03 26.79 9.46
N ILE A 426 23.91 27.58 8.39
CA ILE A 426 23.70 29.01 8.53
C ILE A 426 22.45 29.29 9.38
N PHE A 427 21.42 28.48 9.21
CA PHE A 427 20.20 28.62 10.00
C PHE A 427 20.49 28.61 11.49
N LEU A 428 21.39 27.74 11.93
CA LEU A 428 21.67 27.60 13.35
C LEU A 428 22.73 28.56 13.85
N GLU A 429 23.67 28.98 13.00
CA GLU A 429 24.62 30.00 13.40
C GLU A 429 23.94 31.34 13.63
N ILE A 430 22.85 31.62 12.90
CA ILE A 430 22.03 32.79 13.19
C ILE A 430 21.24 32.58 14.48
N LEU A 431 20.70 31.38 14.67
CA LEU A 431 19.84 31.11 15.82
C LEU A 431 20.64 31.15 17.12
N TYR A 432 21.80 30.49 17.15
CA TYR A 432 22.60 30.38 18.35
C TYR A 432 23.56 31.55 18.55
N SER A 433 23.43 32.59 17.73
CA SER A 433 24.35 33.72 17.81
C SER A 433 24.05 34.59 19.03
N THR A 434 25.06 35.35 19.42
CA THR A 434 24.94 36.34 20.48
C THR A 434 25.31 37.74 20.01
N ASP A 435 25.62 37.91 18.72
CA ASP A 435 25.98 39.20 18.18
C ASP A 435 24.77 40.13 18.16
N PRO A 436 24.85 41.32 18.76
CA PRO A 436 23.73 42.26 18.67
C PRO A 436 23.37 42.63 17.24
N LYS A 437 24.35 42.66 16.32
CA LYS A 437 24.04 43.00 14.94
C LYS A 437 23.14 41.96 14.29
N LEU A 438 23.17 40.73 14.81
CA LEU A 438 22.35 39.64 14.29
C LEU A 438 21.02 39.49 15.03
N LYS A 439 20.63 40.48 15.84
CA LYS A 439 19.43 40.33 16.66
C LYS A 439 18.17 40.34 15.80
N ASP A 440 18.11 41.22 14.80
CA ASP A 440 16.91 41.32 13.97
C ASP A 440 16.64 40.00 13.25
N ALA A 441 17.68 39.37 12.71
CA ALA A 441 17.50 38.08 12.04
C ALA A 441 17.17 36.99 13.04
N ARG A 442 17.83 37.00 14.20
CA ARG A 442 17.57 35.99 15.22
C ARG A 442 16.12 36.03 15.69
N GLU A 443 15.49 37.19 15.66
CA GLU A 443 14.10 37.31 16.09
C GLU A 443 13.17 36.50 15.18
N ILE A 444 13.38 36.58 13.87
CA ILE A 444 12.49 35.92 12.93
C ILE A 444 12.62 34.41 13.04
N LEU A 445 13.85 33.90 13.17
CA LEU A 445 14.05 32.46 13.32
C LEU A 445 13.40 31.96 14.61
N LYS A 446 13.48 32.75 15.68
CA LYS A 446 12.83 32.37 16.93
C LYS A 446 11.31 32.33 16.77
N GLN A 447 10.75 33.23 15.95
CA GLN A 447 9.32 33.21 15.70
C GLN A 447 8.88 31.99 14.89
N ILE A 448 9.82 31.34 14.21
CA ILE A 448 9.53 30.04 13.60
C ILE A 448 9.37 28.98 14.68
N GLU A 449 10.21 29.02 15.71
CA GLU A 449 10.13 28.04 16.79
C GLU A 449 8.85 28.22 17.60
N TYR A 450 8.42 29.46 17.81
CA TYR A 450 7.20 29.73 18.55
C TYR A 450 5.95 29.64 17.68
N ARG A 451 6.10 29.36 16.38
CA ARG A 451 4.99 29.23 15.44
C ARG A 451 4.18 30.52 15.31
N ASN A 452 4.85 31.67 15.43
CA ASN A 452 4.23 32.97 15.17
C ASN A 452 4.63 33.36 13.75
N LEU A 453 3.85 32.92 12.78
CA LEU A 453 4.21 33.02 11.37
C LEU A 453 3.50 34.19 10.70
N PHE A 454 3.92 34.46 9.46
CA PHE A 454 3.23 35.46 8.66
C PHE A 454 1.84 34.97 8.30
N LYS A 455 0.89 35.91 8.25
CA LYS A 455 -0.49 35.58 7.89
C LYS A 455 -0.64 35.55 6.37
N TYR A 456 -1.38 34.56 5.88
CA TYR A 456 -1.63 34.42 4.46
C TYR A 456 -2.70 35.43 4.03
N VAL A 457 -2.35 36.30 3.09
CA VAL A 457 -3.28 37.34 2.66
C VAL A 457 -4.07 36.92 1.44
N GLY A 458 -3.40 36.48 0.38
CA GLY A 458 -4.11 36.12 -0.83
C GLY A 458 -3.21 35.40 -1.81
N GLU A 459 -3.82 34.98 -2.92
CA GLU A 459 -3.14 34.18 -3.93
C GLU A 459 -3.73 34.53 -5.29
N THR A 460 -2.87 34.60 -6.31
CA THR A 460 -3.30 34.99 -7.65
C THR A 460 -2.32 34.43 -8.67
N GLN A 461 -2.62 34.66 -9.94
CA GLN A 461 -1.82 34.16 -11.05
C GLN A 461 -1.96 35.14 -12.21
N PRO A 462 -0.97 35.20 -13.10
CA PRO A 462 -1.06 36.14 -14.23
C PRO A 462 -2.11 35.70 -15.25
N THR A 463 -2.85 36.68 -15.77
CA THR A 463 -3.88 36.41 -16.76
C THR A 463 -3.28 36.11 -18.13
N GLY A 464 -2.23 36.84 -18.52
CA GLY A 464 -1.55 36.58 -19.77
C GLY A 464 -0.53 35.47 -19.66
N GLN A 465 0.10 35.17 -20.79
CA GLN A 465 1.16 34.17 -20.83
C GLN A 465 2.47 34.67 -20.22
N ILE A 466 2.58 35.97 -19.94
CA ILE A 466 3.79 36.51 -19.34
C ILE A 466 3.97 35.96 -17.93
N LYS A 467 5.21 35.76 -17.52
CA LYS A 467 5.54 35.20 -16.22
C LYS A 467 6.57 36.09 -15.53
N ILE A 468 6.34 36.32 -14.23
CA ILE A 468 7.24 37.18 -13.46
C ILE A 468 8.59 36.49 -13.30
N LYS A 469 9.65 37.18 -13.70
CA LYS A 469 11.01 36.66 -13.57
C LYS A 469 11.55 36.97 -12.17
N ARG A 470 12.81 36.60 -11.94
CA ARG A 470 13.42 36.79 -10.63
C ARG A 470 14.09 38.16 -10.47
N GLU A 471 14.43 38.83 -11.56
CA GLU A 471 15.09 40.13 -11.46
C GLU A 471 14.20 41.21 -10.85
N ASP A 472 12.90 40.95 -10.71
CA ASP A 472 11.96 41.93 -10.16
C ASP A 472 11.17 41.33 -9.01
N TYR A 473 11.83 40.55 -8.16
CA TYR A 473 11.15 40.02 -6.98
C TYR A 473 11.08 41.05 -5.86
N GLU A 474 12.17 41.79 -5.64
CA GLU A 474 12.19 42.75 -4.55
C GLU A 474 11.38 44.00 -4.85
N SER A 475 11.07 44.26 -6.13
CA SER A 475 10.16 45.34 -6.48
C SER A 475 8.71 45.01 -6.19
N LEU A 476 8.39 43.73 -5.92
CA LEU A 476 6.99 43.34 -5.77
C LEU A 476 6.36 43.85 -4.48
N PRO A 477 6.99 43.70 -3.30
CA PRO A 477 6.32 44.19 -2.07
C PRO A 477 6.02 45.68 -2.09
N LYS A 478 6.91 46.49 -2.67
CA LYS A 478 6.65 47.93 -2.74
C LYS A 478 5.51 48.23 -3.71
N GLU A 479 5.40 47.46 -4.78
CA GLU A 479 4.26 47.63 -5.69
C GLU A 479 2.94 47.42 -4.96
N VAL A 480 2.88 46.40 -4.11
CA VAL A 480 1.66 46.14 -3.34
C VAL A 480 1.37 47.30 -2.40
N ALA A 481 2.41 47.82 -1.74
CA ALA A 481 2.22 48.94 -0.83
C ALA A 481 1.93 50.24 -1.54
N SER A 482 2.34 50.36 -2.81
CA SER A 482 2.05 51.57 -3.59
C SER A 482 0.64 51.60 -4.13
N ALA A 483 -0.09 50.48 -4.06
CA ALA A 483 -1.48 50.48 -4.50
C ALA A 483 -2.32 51.39 -3.63
N LYS A 484 -3.36 51.96 -4.22
CA LYS A 484 -4.28 52.84 -3.51
C LYS A 484 -5.68 52.24 -3.55
N PRO A 485 -6.11 51.55 -2.50
CA PRO A 485 -7.46 50.97 -2.49
C PRO A 485 -8.52 52.04 -2.64
N LYS A 486 -9.66 51.65 -3.25
CA LYS A 486 -10.72 52.60 -3.53
C LYS A 486 -11.38 53.15 -2.27
N VAL A 487 -11.25 52.45 -1.14
CA VAL A 487 -11.84 52.88 0.12
C VAL A 487 -10.71 53.12 1.12
N LEU A 488 -10.71 54.31 1.71
CA LEU A 488 -9.71 54.64 2.71
C LEU A 488 -9.98 53.89 4.00
N LEU A 489 -8.91 53.60 4.75
CA LEU A 489 -8.97 52.78 5.94
C LEU A 489 -8.04 53.37 6.99
N ASP A 490 -7.94 52.71 8.15
CA ASP A 490 -7.19 53.29 9.25
C ASP A 490 -5.71 52.96 9.20
N VAL A 491 -5.34 51.71 8.93
CA VAL A 491 -3.95 51.28 9.00
C VAL A 491 -3.26 51.54 7.66
N LYS A 492 -2.14 52.23 7.72
CA LYS A 492 -1.25 52.36 6.56
C LYS A 492 -0.17 51.29 6.64
N LEU A 493 0.10 50.65 5.51
CA LEU A 493 1.00 49.51 5.45
C LEU A 493 2.27 49.88 4.69
N LYS A 494 3.41 49.45 5.22
CA LYS A 494 4.69 49.66 4.56
C LYS A 494 5.00 48.50 3.61
N ALA A 495 6.07 48.68 2.83
CA ALA A 495 6.50 47.60 1.94
C ALA A 495 7.09 46.44 2.72
N GLU A 496 7.80 46.73 3.82
CA GLU A 496 8.38 45.69 4.65
C GLU A 496 7.32 44.77 5.25
N ASP A 497 6.08 45.25 5.37
CA ASP A 497 5.01 44.45 5.95
C ASP A 497 4.41 43.44 4.98
N PHE A 498 4.86 43.41 3.73
CA PHE A 498 4.32 42.51 2.71
C PHE A 498 5.39 41.52 2.27
N ILE A 499 4.97 40.28 2.02
CA ILE A 499 5.81 39.25 1.45
C ILE A 499 5.13 38.69 0.23
N VAL A 500 5.80 38.74 -0.91
CA VAL A 500 5.28 38.21 -2.17
C VAL A 500 6.28 37.18 -2.67
N ASP A 501 5.89 35.91 -2.64
CA ASP A 501 6.71 34.86 -3.21
C ASP A 501 6.04 34.30 -4.45
N VAL A 502 6.85 33.75 -5.35
CA VAL A 502 6.40 33.29 -6.66
C VAL A 502 6.62 31.79 -6.74
N ILE A 503 5.55 31.06 -7.07
CA ILE A 503 5.56 29.61 -7.11
C ILE A 503 5.43 29.18 -8.57
N ASN A 504 6.46 28.52 -9.08
CA ASN A 504 6.52 28.12 -10.49
C ASN A 504 6.35 26.61 -10.61
N MET A 505 5.73 26.19 -11.71
CA MET A 505 5.53 24.77 -11.98
C MET A 505 6.39 24.30 -13.16
N ASP A 516 1.74 12.78 -23.36
CA ASP A 516 1.17 13.49 -24.49
C ASP A 516 2.25 13.88 -25.51
N HIS A 517 3.47 14.04 -25.02
CA HIS A 517 4.63 14.36 -25.86
C HIS A 517 5.77 13.40 -25.57
N VAL A 518 5.43 12.14 -25.29
CA VAL A 518 6.42 11.09 -25.03
C VAL A 518 6.33 10.08 -26.17
N SER A 519 7.49 9.68 -26.69
CA SER A 519 7.53 8.69 -27.75
C SER A 519 7.17 7.31 -27.21
N PHE A 520 6.68 6.46 -28.12
CA PHE A 520 6.33 5.09 -27.78
C PHE A 520 6.75 4.18 -28.93
N TYR A 521 6.55 2.88 -28.75
CA TYR A 521 6.81 1.89 -29.78
C TYR A 521 5.77 0.78 -29.70
N CYS A 522 5.60 0.09 -30.82
CA CYS A 522 4.68 -1.04 -30.90
C CYS A 522 5.40 -2.33 -30.55
N LYS A 523 4.71 -3.20 -29.80
CA LYS A 523 5.34 -4.44 -29.35
C LYS A 523 5.65 -5.35 -30.54
N THR A 524 4.85 -5.29 -31.60
CA THR A 524 5.11 -6.15 -32.76
C THR A 524 6.31 -5.65 -33.55
N ALA A 525 6.33 -4.36 -33.88
CA ALA A 525 7.44 -3.73 -34.60
C ALA A 525 8.13 -2.74 -33.69
N PRO A 526 9.20 -3.15 -32.99
CA PRO A 526 9.81 -2.27 -31.98
C PRO A 526 10.58 -1.09 -32.57
N ASN A 527 9.87 -0.16 -33.21
CA ASN A 527 10.50 1.05 -33.72
C ASN A 527 9.41 2.05 -34.09
N ARG A 528 9.81 3.31 -34.22
CA ARG A 528 8.94 4.40 -34.64
C ARG A 528 7.72 4.54 -33.72
N GLU A 547 0.69 28.78 -15.19
CA GLU A 547 2.04 28.21 -15.08
C GLU A 547 2.82 28.90 -13.96
N GLN A 548 2.24 29.96 -13.39
CA GLN A 548 2.86 30.70 -12.30
C GLN A 548 1.81 31.03 -11.25
N LEU A 549 2.25 31.10 -10.00
CA LEU A 549 1.38 31.39 -8.87
C LEU A 549 2.03 32.47 -8.00
N ILE A 550 1.20 33.39 -7.50
CA ILE A 550 1.68 34.52 -6.73
C ILE A 550 0.92 34.54 -5.40
N ARG A 551 1.65 34.47 -4.29
CA ARG A 551 1.07 34.51 -2.96
C ARG A 551 1.62 35.69 -2.19
N VAL A 552 0.75 36.40 -1.48
CA VAL A 552 1.10 37.59 -0.73
C VAL A 552 0.82 37.34 0.74
N TYR A 553 1.80 37.64 1.59
CA TYR A 553 1.68 37.47 3.03
C TYR A 553 1.90 38.81 3.73
N CYS A 554 1.49 38.88 4.99
CA CYS A 554 1.65 40.07 5.81
C CYS A 554 2.37 39.71 7.10
N LYS A 555 3.37 40.52 7.46
CA LYS A 555 4.08 40.31 8.71
C LYS A 555 3.28 40.81 9.91
N LYS A 556 2.43 41.81 9.71
CA LYS A 556 1.48 42.22 10.74
C LYS A 556 0.33 41.23 10.80
N VAL A 557 -0.07 40.85 12.02
CA VAL A 557 -0.99 39.74 12.20
C VAL A 557 -2.21 40.14 13.03
N ASP A 558 -2.57 41.43 12.99
CA ASP A 558 -3.77 41.89 13.67
C ASP A 558 -4.91 42.07 12.69
N ARG A 559 -6.13 42.16 13.24
CA ARG A 559 -7.33 42.23 12.41
C ARG A 559 -7.28 43.41 11.46
N LYS A 560 -6.88 44.57 11.96
CA LYS A 560 -6.91 45.79 11.15
C LYS A 560 -5.88 45.73 10.01
N SER A 561 -4.64 45.35 10.34
CA SER A 561 -3.59 45.30 9.31
C SER A 561 -3.88 44.22 8.27
N LEU A 562 -4.52 43.13 8.68
CA LEU A 562 -4.83 42.07 7.72
C LEU A 562 -5.94 42.47 6.77
N TYR A 563 -6.97 43.17 7.28
CA TYR A 563 -7.96 43.76 6.39
C TYR A 563 -7.30 44.76 5.45
N ALA A 564 -6.34 45.55 5.96
CA ALA A 564 -5.62 46.48 5.12
C ALA A 564 -4.87 45.75 4.02
N ALA A 565 -4.11 44.71 4.38
CA ALA A 565 -3.30 43.99 3.40
C ALA A 565 -4.17 43.37 2.31
N ARG A 566 -5.37 42.92 2.66
CA ARG A 566 -6.27 42.36 1.66
C ARG A 566 -6.72 43.43 0.67
N GLN A 567 -7.00 44.64 1.16
CA GLN A 567 -7.38 45.72 0.28
C GLN A 567 -6.23 46.13 -0.64
N TYR A 568 -5.02 46.16 -0.11
CA TYR A 568 -3.85 46.44 -0.94
C TYR A 568 -3.65 45.35 -1.99
N PHE A 569 -3.78 44.09 -1.58
CA PHE A 569 -3.52 42.98 -2.49
C PHE A 569 -4.55 42.92 -3.61
N VAL A 570 -5.82 43.17 -3.29
CA VAL A 570 -6.86 43.16 -4.31
C VAL A 570 -6.62 44.29 -5.32
N GLN A 571 -6.30 45.48 -4.82
CA GLN A 571 -6.04 46.61 -5.72
C GLN A 571 -4.80 46.37 -6.57
N TRP A 572 -3.76 45.77 -5.99
CA TRP A 572 -2.54 45.51 -6.75
C TRP A 572 -2.79 44.48 -7.85
N CYS A 573 -3.64 43.49 -7.58
CA CYS A 573 -4.01 42.53 -8.61
C CYS A 573 -4.79 43.21 -9.73
N ALA A 574 -5.50 44.29 -9.41
CA ALA A 574 -6.39 44.90 -10.39
C ALA A 574 -5.63 45.66 -11.46
N ASP A 575 -4.61 46.42 -11.06
CA ASP A 575 -3.86 47.22 -12.02
C ASP A 575 -2.64 46.49 -12.58
N ARG A 576 -2.39 45.25 -12.15
CA ARG A 576 -1.47 44.36 -12.83
C ARG A 576 -2.21 43.39 -13.75
N ASN A 577 -3.53 43.52 -13.84
CA ASN A 577 -4.39 42.65 -14.63
C ASN A 577 -4.15 41.17 -14.28
N PHE A 578 -4.25 40.87 -13.00
CA PHE A 578 -4.17 39.51 -12.51
C PHE A 578 -5.57 38.99 -12.19
N THR A 579 -5.66 37.69 -11.96
CA THR A 579 -6.94 37.09 -11.64
C THR A 579 -7.48 37.63 -10.32
N LYS A 580 -8.79 37.85 -10.28
CA LYS A 580 -9.42 38.36 -9.07
C LYS A 580 -9.26 37.35 -7.94
N PRO A 581 -8.81 37.77 -6.76
CA PRO A 581 -8.54 36.80 -5.70
C PRO A 581 -9.81 36.13 -5.20
N GLN A 582 -9.74 34.82 -5.01
CA GLN A 582 -10.87 34.08 -4.46
C GLN A 582 -11.08 34.46 -3.00
N ASP A 583 -12.33 34.71 -2.63
CA ASP A 583 -12.67 35.06 -1.25
C ASP A 583 -12.98 33.80 -0.45
N THR B 114 -30.61 -5.24 16.65
CA THR B 114 -31.86 -5.77 16.11
C THR B 114 -31.96 -5.55 14.61
N MET B 115 -30.80 -5.61 13.93
CA MET B 115 -30.73 -5.42 12.50
C MET B 115 -29.83 -6.49 11.90
N LYS B 116 -29.96 -6.68 10.59
CA LYS B 116 -29.07 -7.57 9.86
C LYS B 116 -27.73 -6.88 9.65
N VAL B 117 -26.65 -7.56 10.04
CA VAL B 117 -25.29 -7.05 9.88
C VAL B 117 -24.58 -7.90 8.84
N ILE B 118 -24.12 -7.26 7.77
CA ILE B 118 -23.39 -7.94 6.70
C ILE B 118 -21.95 -7.45 6.72
N ASN B 119 -21.03 -8.37 6.44
CA ASN B 119 -19.63 -8.02 6.28
C ASN B 119 -19.34 -7.70 4.82
N ASP B 120 -18.54 -6.66 4.59
CA ASP B 120 -18.18 -6.21 3.26
C ASP B 120 -16.70 -5.85 3.29
N PRO B 121 -15.88 -6.38 2.37
CA PRO B 121 -14.48 -5.96 2.33
C PRO B 121 -14.28 -4.48 2.04
N ILE B 122 -15.29 -3.79 1.51
CA ILE B 122 -15.14 -2.38 1.15
C ILE B 122 -15.57 -1.47 2.30
N HIS B 123 -16.71 -1.77 2.94
CA HIS B 123 -17.27 -0.89 3.96
C HIS B 123 -17.24 -1.46 5.36
N GLY B 124 -17.12 -2.78 5.51
CA GLY B 124 -17.06 -3.38 6.83
C GLY B 124 -18.40 -3.97 7.24
N HIS B 125 -18.83 -3.64 8.45
CA HIS B 125 -20.14 -4.08 8.95
C HIS B 125 -21.19 -3.06 8.55
N ILE B 126 -22.20 -3.51 7.80
CA ILE B 126 -23.27 -2.66 7.32
C ILE B 126 -24.59 -3.16 7.90
N GLU B 127 -25.39 -2.24 8.41
CA GLU B 127 -26.69 -2.55 9.00
C GLU B 127 -27.77 -2.31 7.97
N LEU B 128 -28.69 -3.27 7.83
CA LEU B 128 -29.82 -3.14 6.92
C LEU B 128 -31.11 -2.96 7.71
N HIS B 129 -31.92 -1.98 7.28
CA HIS B 129 -33.26 -1.84 7.82
C HIS B 129 -34.08 -3.07 7.45
N PRO B 130 -34.97 -3.53 8.32
CA PRO B 130 -35.79 -4.71 7.99
C PRO B 130 -36.57 -4.56 6.69
N LEU B 131 -36.99 -3.34 6.36
CA LEU B 131 -37.63 -3.13 5.05
C LEU B 131 -36.65 -3.40 3.93
N LEU B 132 -35.39 -2.96 4.07
CA LEU B 132 -34.39 -3.24 3.05
C LEU B 132 -34.15 -4.74 2.90
N VAL B 133 -34.17 -5.47 4.02
CA VAL B 133 -33.97 -6.91 3.95
C VAL B 133 -35.09 -7.59 3.17
N ARG B 134 -36.31 -7.06 3.28
CA ARG B 134 -37.43 -7.62 2.52
C ARG B 134 -37.29 -7.34 1.03
N ILE B 135 -36.65 -6.22 0.66
CA ILE B 135 -36.40 -5.95 -0.75
C ILE B 135 -35.25 -6.82 -1.27
N ILE B 136 -34.23 -7.04 -0.45
CA ILE B 136 -33.08 -7.82 -0.87
C ILE B 136 -33.45 -9.29 -1.06
N ASP B 137 -34.30 -9.82 -0.18
CA ASP B 137 -34.63 -11.25 -0.22
C ASP B 137 -35.77 -11.49 -1.21
N THR B 138 -35.43 -11.29 -2.49
CA THR B 138 -36.39 -11.27 -3.55
C THR B 138 -35.70 -11.73 -4.84
N PRO B 139 -36.33 -12.61 -5.63
CA PRO B 139 -35.70 -13.05 -6.88
C PRO B 139 -35.36 -11.90 -7.82
N GLN B 140 -36.14 -10.82 -7.80
CA GLN B 140 -35.84 -9.68 -8.66
C GLN B 140 -34.55 -8.98 -8.24
N PHE B 141 -34.25 -8.96 -6.94
CA PHE B 141 -32.98 -8.41 -6.47
C PHE B 141 -31.87 -9.46 -6.45
N GLN B 142 -32.20 -10.69 -6.06
CA GLN B 142 -31.19 -11.75 -6.01
C GLN B 142 -30.67 -12.14 -7.39
N ARG B 143 -31.28 -11.65 -8.46
CA ARG B 143 -30.72 -11.88 -9.79
C ARG B 143 -29.42 -11.10 -9.99
N LEU B 144 -29.17 -10.09 -9.17
CA LEU B 144 -27.94 -9.31 -9.26
C LEU B 144 -26.72 -10.10 -8.82
N ARG B 145 -26.90 -11.24 -8.16
CA ARG B 145 -25.78 -12.12 -7.84
C ARG B 145 -25.27 -12.87 -9.06
N TYR B 146 -25.92 -12.74 -10.21
CA TYR B 146 -25.55 -13.44 -11.42
C TYR B 146 -25.32 -12.48 -12.59
N ILE B 147 -25.00 -11.22 -12.29
CA ILE B 147 -24.73 -10.19 -13.29
C ILE B 147 -23.35 -9.63 -12.98
N LYS B 148 -22.38 -9.86 -13.88
CA LYS B 148 -21.03 -9.40 -13.64
C LYS B 148 -20.95 -7.88 -13.63
N GLN B 149 -20.17 -7.35 -12.69
CA GLN B 149 -20.04 -5.90 -12.57
C GLN B 149 -19.29 -5.30 -13.75
N LEU B 150 -18.24 -5.97 -14.22
CA LEU B 150 -17.40 -5.46 -15.29
C LEU B 150 -17.63 -6.16 -16.62
N GLY B 151 -18.54 -7.13 -16.67
CA GLY B 151 -18.80 -7.86 -17.90
C GLY B 151 -17.61 -8.69 -18.37
N GLY B 152 -17.09 -8.37 -19.55
CA GLY B 152 -15.97 -9.13 -20.10
C GLY B 152 -14.64 -8.85 -19.44
N GLY B 153 -14.57 -7.86 -18.54
CA GLY B 153 -13.33 -7.56 -17.85
C GLY B 153 -12.84 -8.68 -16.96
N TYR B 154 -13.74 -9.58 -16.54
CA TYR B 154 -13.32 -10.74 -15.76
C TYR B 154 -12.39 -11.63 -16.57
N TYR B 155 -12.50 -11.57 -17.90
CA TYR B 155 -11.64 -12.34 -18.79
C TYR B 155 -10.33 -11.61 -19.09
N VAL B 156 -10.05 -10.52 -18.38
CA VAL B 156 -8.75 -9.87 -18.40
C VAL B 156 -8.15 -9.78 -17.01
N PHE B 157 -8.97 -9.47 -16.01
CA PHE B 157 -8.54 -9.42 -14.62
C PHE B 157 -9.18 -10.57 -13.87
N PRO B 158 -8.42 -11.56 -13.41
CA PRO B 158 -9.03 -12.68 -12.67
C PRO B 158 -9.67 -12.28 -11.36
N GLY B 159 -9.38 -11.08 -10.86
CA GLY B 159 -10.00 -10.58 -9.63
C GLY B 159 -11.33 -9.90 -9.82
N ALA B 160 -11.73 -9.62 -11.06
CA ALA B 160 -12.98 -8.90 -11.33
C ALA B 160 -14.15 -9.88 -11.45
N SER B 161 -14.37 -10.63 -10.37
CA SER B 161 -15.45 -11.61 -10.31
C SER B 161 -16.64 -11.12 -9.50
N HIS B 162 -16.66 -9.84 -9.12
CA HIS B 162 -17.75 -9.31 -8.32
C HIS B 162 -18.95 -8.99 -9.20
N ASN B 163 -20.14 -9.09 -8.60
CA ASN B 163 -21.40 -8.92 -9.29
C ASN B 163 -22.09 -7.62 -8.83
N ARG B 164 -23.23 -7.34 -9.47
CA ARG B 164 -23.99 -6.14 -9.14
C ARG B 164 -24.67 -6.24 -7.77
N PHE B 165 -24.79 -7.44 -7.22
CA PHE B 165 -25.43 -7.63 -5.92
C PHE B 165 -24.70 -6.84 -4.83
N GLU B 166 -23.39 -7.03 -4.72
CA GLU B 166 -22.62 -6.34 -3.70
C GLU B 166 -22.58 -4.83 -3.95
N HIS B 167 -22.43 -4.43 -5.21
CA HIS B 167 -22.39 -3.01 -5.53
C HIS B 167 -23.69 -2.32 -5.12
N SER B 168 -24.84 -2.95 -5.39
CA SER B 168 -26.11 -2.39 -4.96
C SER B 168 -26.20 -2.34 -3.44
N LEU B 169 -25.69 -3.36 -2.75
CA LEU B 169 -25.67 -3.37 -1.29
C LEU B 169 -24.76 -2.29 -0.72
N GLY B 170 -23.74 -1.88 -1.47
CA GLY B 170 -22.83 -0.85 -1.00
C GLY B 170 -23.30 0.55 -1.30
N VAL B 171 -24.02 0.72 -2.41
CA VAL B 171 -24.55 2.04 -2.76
C VAL B 171 -25.67 2.43 -1.80
N GLY B 172 -26.54 1.48 -1.46
CA GLY B 172 -27.58 1.77 -0.49
C GLY B 172 -27.02 2.14 0.88
N TYR B 173 -25.92 1.50 1.28
CA TYR B 173 -25.30 1.82 2.55
C TYR B 173 -24.68 3.21 2.52
N LEU B 174 -23.96 3.53 1.44
CA LEU B 174 -23.33 4.85 1.33
C LEU B 174 -24.38 5.95 1.23
N ALA B 175 -25.47 5.70 0.51
CA ALA B 175 -26.53 6.69 0.40
C ALA B 175 -27.16 6.98 1.75
N GLY B 176 -27.37 5.94 2.57
CA GLY B 176 -27.93 6.15 3.89
C GLY B 176 -26.97 6.86 4.82
N CYS B 177 -25.68 6.55 4.71
CA CYS B 177 -24.68 7.23 5.54
C CYS B 177 -24.62 8.72 5.23
N LEU B 178 -24.71 9.08 3.95
CA LEU B 178 -24.64 10.49 3.56
C LEU B 178 -25.86 11.25 4.05
N VAL B 179 -27.06 10.73 3.78
CA VAL B 179 -28.28 11.42 4.18
C VAL B 179 -28.40 11.49 5.70
N HIS B 180 -27.91 10.47 6.40
CA HIS B 180 -27.93 10.51 7.86
C HIS B 180 -26.91 11.50 8.40
N ALA B 181 -25.79 11.69 7.70
CA ALA B 181 -24.80 12.68 8.13
C ALA B 181 -25.25 14.10 7.83
N LEU B 182 -26.00 14.31 6.74
CA LEU B 182 -26.47 15.65 6.41
C LEU B 182 -27.58 16.10 7.36
N GLY B 183 -28.43 15.17 7.77
CA GLY B 183 -29.55 15.45 8.65
C GLY B 183 -29.22 15.52 10.13
N GLU B 184 -27.99 15.18 10.53
CA GLU B 184 -27.61 15.24 11.94
C GLU B 184 -26.76 16.45 12.28
N LYS B 185 -25.91 16.91 11.35
CA LYS B 185 -25.08 18.06 11.63
C LYS B 185 -25.82 19.38 11.40
N GLN B 186 -26.77 19.39 10.46
CA GLN B 186 -27.62 20.55 10.21
C GLN B 186 -29.07 20.07 10.15
N PRO B 187 -29.75 20.00 11.29
CA PRO B 187 -31.14 19.52 11.28
C PRO B 187 -32.13 20.59 10.84
N GLU B 188 -31.70 21.49 9.96
CA GLU B 188 -32.59 22.48 9.38
C GLU B 188 -33.15 22.03 8.03
N LEU B 189 -32.66 20.93 7.48
CA LEU B 189 -33.11 20.41 6.20
C LEU B 189 -34.37 19.56 6.32
N GLN B 190 -34.88 19.35 7.54
CA GLN B 190 -36.10 18.57 7.78
C GLN B 190 -35.97 17.16 7.21
N ILE B 191 -34.81 16.56 7.40
CA ILE B 191 -34.56 15.20 6.91
C ILE B 191 -35.15 14.21 7.92
N SER B 192 -36.10 13.42 7.46
CA SER B 192 -36.74 12.40 8.29
C SER B 192 -36.19 11.02 7.97
N GLU B 193 -36.49 10.06 8.85
CA GLU B 193 -36.14 8.68 8.57
C GLU B 193 -36.87 8.15 7.35
N ARG B 194 -38.01 8.75 7.01
CA ARG B 194 -38.68 8.42 5.75
C ARG B 194 -37.81 8.78 4.55
N ASP B 195 -37.12 9.93 4.62
CA ASP B 195 -36.21 10.29 3.54
C ASP B 195 -34.99 9.39 3.51
N VAL B 196 -34.45 9.05 4.69
CA VAL B 196 -33.28 8.18 4.76
C VAL B 196 -33.59 6.82 4.13
N LEU B 197 -34.76 6.25 4.47
CA LEU B 197 -35.13 4.96 3.92
C LEU B 197 -35.32 5.03 2.41
N CYS B 198 -35.97 6.09 1.92
CA CYS B 198 -36.23 6.20 0.49
C CYS B 198 -34.93 6.32 -0.30
N VAL B 199 -33.99 7.12 0.21
CA VAL B 199 -32.69 7.25 -0.46
C VAL B 199 -31.95 5.91 -0.42
N GLN B 200 -32.08 5.17 0.67
CA GLN B 200 -31.45 3.86 0.77
C GLN B 200 -32.05 2.88 -0.24
N ILE B 201 -33.38 2.87 -0.37
CA ILE B 201 -34.02 1.96 -1.31
C ILE B 201 -33.59 2.28 -2.74
N ALA B 202 -33.52 3.58 -3.07
CA ALA B 202 -33.09 3.97 -4.40
C ALA B 202 -31.64 3.59 -4.66
N GLY B 203 -30.77 3.79 -3.67
CA GLY B 203 -29.40 3.34 -3.80
C GLY B 203 -29.30 1.82 -3.88
N LEU B 204 -30.25 1.12 -3.28
CA LEU B 204 -30.26 -0.34 -3.34
C LEU B 204 -30.76 -0.87 -4.68
N CYS B 205 -31.68 -0.16 -5.32
CA CYS B 205 -32.38 -0.66 -6.49
C CYS B 205 -32.05 0.13 -7.76
N HIS B 206 -30.92 0.84 -7.78
CA HIS B 206 -30.61 1.68 -8.93
C HIS B 206 -30.08 0.89 -10.12
N ASP B 207 -29.38 -0.22 -9.87
CA ASP B 207 -28.87 -1.07 -10.94
C ASP B 207 -29.66 -2.37 -11.05
N LEU B 208 -30.97 -2.31 -10.82
CA LEU B 208 -31.80 -3.51 -10.93
C LEU B 208 -32.00 -3.93 -12.38
N GLY B 209 -31.92 -2.99 -13.32
CA GLY B 209 -32.21 -3.26 -14.70
C GLY B 209 -31.03 -3.65 -15.56
N HIS B 210 -29.87 -3.89 -14.96
CA HIS B 210 -28.71 -4.32 -15.73
C HIS B 210 -28.95 -5.73 -16.28
N GLY B 211 -28.56 -5.92 -17.54
CA GLY B 211 -28.68 -7.21 -18.17
C GLY B 211 -27.37 -7.98 -18.12
N PRO B 212 -27.30 -9.09 -18.85
CA PRO B 212 -26.07 -9.88 -18.89
C PRO B 212 -24.83 -9.03 -19.18
N PHE B 213 -23.81 -9.19 -18.34
CA PHE B 213 -22.52 -8.51 -18.48
C PHE B 213 -22.67 -6.99 -18.40
N SER B 214 -23.71 -6.53 -17.70
CA SER B 214 -23.89 -5.14 -17.29
C SER B 214 -23.95 -4.24 -18.53
N HIS B 215 -23.06 -3.26 -18.68
CA HIS B 215 -23.20 -2.23 -19.71
C HIS B 215 -23.13 -2.78 -21.13
N MET B 216 -22.53 -3.95 -21.32
CA MET B 216 -22.49 -4.55 -22.65
C MET B 216 -23.90 -4.81 -23.18
N PHE B 217 -24.87 -5.01 -22.29
CA PHE B 217 -26.22 -5.35 -22.72
C PHE B 217 -26.96 -4.16 -23.31
N ASP B 218 -27.07 -3.08 -22.54
CA ASP B 218 -27.81 -1.90 -23.00
C ASP B 218 -26.95 -0.96 -23.84
N GLY B 219 -25.63 -1.16 -23.87
CA GLY B 219 -24.76 -0.29 -24.62
C GLY B 219 -24.45 -0.81 -26.02
N ARG B 220 -24.48 -2.12 -26.21
CA ARG B 220 -24.15 -2.69 -27.50
C ARG B 220 -25.20 -3.68 -28.00
N PHE B 221 -25.57 -4.65 -27.16
CA PHE B 221 -26.41 -5.75 -27.64
C PHE B 221 -27.79 -5.27 -28.05
N ILE B 222 -28.47 -4.52 -27.18
CA ILE B 222 -29.80 -4.02 -27.50
C ILE B 222 -29.79 -3.13 -28.74
N PRO B 223 -28.88 -2.16 -28.88
CA PRO B 223 -28.85 -1.37 -30.13
C PRO B 223 -28.59 -2.20 -31.37
N LEU B 224 -27.82 -3.28 -31.27
CA LEU B 224 -27.56 -4.11 -32.44
C LEU B 224 -28.75 -5.01 -32.76
N ALA B 225 -29.40 -5.56 -31.74
CA ALA B 225 -30.53 -6.45 -31.96
C ALA B 225 -31.78 -5.69 -32.38
N ARG B 226 -32.08 -4.58 -31.70
CA ARG B 226 -33.25 -3.76 -32.00
C ARG B 226 -32.84 -2.29 -31.93
N PRO B 227 -32.27 -1.75 -33.02
CA PRO B 227 -31.85 -0.35 -33.00
C PRO B 227 -32.99 0.63 -32.91
N GLU B 228 -34.22 0.21 -33.18
CA GLU B 228 -35.35 1.13 -33.17
C GLU B 228 -35.71 1.57 -31.76
N VAL B 229 -35.73 0.63 -30.81
CA VAL B 229 -36.19 0.93 -29.46
C VAL B 229 -35.08 1.66 -28.69
N LYS B 230 -35.50 2.53 -27.78
CA LYS B 230 -34.60 3.23 -26.89
C LYS B 230 -34.67 2.58 -25.51
N TRP B 231 -33.55 2.05 -25.04
CA TRP B 231 -33.52 1.27 -23.81
C TRP B 231 -32.28 1.62 -23.01
N THR B 232 -32.49 1.91 -21.73
CA THR B 232 -31.39 2.13 -20.79
C THR B 232 -31.57 1.21 -19.59
N HIS B 233 -30.45 0.82 -18.99
CA HIS B 233 -30.52 -0.05 -17.82
C HIS B 233 -31.17 0.67 -16.64
N GLU B 234 -31.06 1.99 -16.58
CA GLU B 234 -31.76 2.75 -15.55
C GLU B 234 -33.28 2.62 -15.72
N GLN B 235 -33.75 2.79 -16.96
CA GLN B 235 -35.16 2.55 -17.26
C GLN B 235 -35.57 1.13 -16.91
N GLY B 236 -34.65 0.17 -17.10
CA GLY B 236 -34.93 -1.20 -16.71
C GLY B 236 -34.99 -1.39 -15.21
N SER B 237 -34.20 -0.64 -14.46
CA SER B 237 -34.25 -0.73 -13.00
C SER B 237 -35.57 -0.21 -12.47
N VAL B 238 -36.09 0.86 -13.08
CA VAL B 238 -37.38 1.41 -12.68
C VAL B 238 -38.50 0.41 -12.96
N MET B 239 -38.49 -0.20 -14.15
CA MET B 239 -39.48 -1.20 -14.47
C MET B 239 -39.32 -2.45 -13.61
N MET B 240 -38.07 -2.79 -13.26
CA MET B 240 -37.86 -3.93 -12.36
C MET B 240 -38.30 -3.62 -10.93
N PHE B 241 -38.27 -2.33 -10.55
CA PHE B 241 -38.73 -1.94 -9.23
C PHE B 241 -40.21 -2.30 -9.05
N GLU B 242 -41.06 -1.89 -10.00
CA GLU B 242 -42.48 -2.19 -9.91
C GLU B 242 -42.73 -3.69 -9.80
N HIS B 243 -42.05 -4.47 -10.64
CA HIS B 243 -42.24 -5.92 -10.59
C HIS B 243 -41.83 -6.49 -9.24
N LEU B 244 -40.77 -5.94 -8.65
CA LEU B 244 -40.34 -6.39 -7.33
C LEU B 244 -41.40 -6.08 -6.27
N ILE B 245 -41.89 -4.84 -6.26
CA ILE B 245 -42.87 -4.43 -5.25
C ILE B 245 -44.17 -5.20 -5.43
N ASN B 246 -44.68 -5.26 -6.66
CA ASN B 246 -46.02 -5.78 -6.89
C ASN B 246 -46.07 -7.30 -6.75
N SER B 247 -44.99 -7.99 -7.09
CA SER B 247 -44.97 -9.45 -7.03
C SER B 247 -44.54 -10.00 -5.69
N ASN B 248 -44.31 -9.14 -4.70
CA ASN B 248 -43.82 -9.59 -3.40
C ASN B 248 -44.55 -9.00 -2.21
N GLY B 249 -45.58 -8.18 -2.43
CA GLY B 249 -46.30 -7.58 -1.33
C GLY B 249 -45.43 -6.64 -0.50
N ILE B 250 -44.70 -5.76 -1.18
CA ILE B 250 -43.79 -4.85 -0.49
C ILE B 250 -44.51 -3.60 0.04
N LYS B 251 -45.54 -3.13 -0.66
CA LYS B 251 -46.29 -1.95 -0.23
C LYS B 251 -46.78 -2.03 1.21
N PRO B 252 -47.39 -3.14 1.68
CA PRO B 252 -47.75 -3.20 3.10
C PRO B 252 -46.56 -3.09 4.03
N VAL B 253 -45.39 -3.58 3.62
CA VAL B 253 -44.19 -3.45 4.44
C VAL B 253 -43.68 -2.01 4.41
N MET B 254 -43.82 -1.35 3.26
CA MET B 254 -43.45 0.06 3.17
C MET B 254 -44.26 0.91 4.14
N GLU B 255 -45.57 0.68 4.20
CA GLU B 255 -46.43 1.42 5.11
C GLU B 255 -46.21 1.00 6.55
N GLN B 256 -45.72 -0.22 6.80
CA GLN B 256 -45.40 -0.65 8.15
C GLN B 256 -44.25 0.15 8.75
N TYR B 257 -43.45 0.80 7.91
CA TYR B 257 -42.27 1.54 8.39
C TYR B 257 -42.34 3.03 8.05
N GLY B 258 -43.54 3.56 7.86
CA GLY B 258 -43.74 5.00 7.78
C GLY B 258 -43.70 5.62 6.42
N LEU B 259 -43.62 4.82 5.35
CA LEU B 259 -43.55 5.39 4.01
C LEU B 259 -44.94 5.58 3.42
N ILE B 260 -45.02 6.46 2.42
CA ILE B 260 -46.23 6.66 1.62
C ILE B 260 -45.93 6.14 0.22
N PRO B 261 -46.43 4.95 -0.14
CA PRO B 261 -45.98 4.34 -1.41
C PRO B 261 -46.24 5.19 -2.65
N GLU B 262 -47.44 5.76 -2.79
CA GLU B 262 -47.74 6.51 -4.01
C GLU B 262 -46.81 7.71 -4.18
N GLU B 263 -46.27 8.24 -3.08
CA GLU B 263 -45.34 9.35 -3.13
C GLU B 263 -43.88 8.91 -3.07
N ASP B 264 -43.57 7.92 -2.23
CA ASP B 264 -42.18 7.54 -2.03
C ASP B 264 -41.67 6.60 -3.12
N ILE B 265 -42.54 5.77 -3.70
CA ILE B 265 -42.14 4.99 -4.87
C ILE B 265 -41.81 5.94 -6.02
N CYS B 266 -42.62 6.96 -6.21
CA CYS B 266 -42.31 8.00 -7.20
C CYS B 266 -40.98 8.66 -6.89
N PHE B 267 -40.74 8.99 -5.62
CA PHE B 267 -39.47 9.59 -5.22
C PHE B 267 -38.30 8.66 -5.52
N ILE B 268 -38.45 7.37 -5.21
CA ILE B 268 -37.37 6.42 -5.45
C ILE B 268 -37.07 6.31 -6.93
N LYS B 269 -38.11 6.23 -7.76
CA LYS B 269 -37.92 6.14 -9.20
C LYS B 269 -37.29 7.41 -9.77
N GLU B 270 -37.67 8.58 -9.23
CA GLU B 270 -37.17 9.84 -9.76
C GLU B 270 -35.69 10.04 -9.50
N GLN B 271 -35.12 9.38 -8.49
CA GLN B 271 -33.68 9.45 -8.24
C GLN B 271 -32.93 8.27 -8.81
N ILE B 272 -33.59 7.43 -9.61
CA ILE B 272 -32.93 6.36 -10.35
C ILE B 272 -32.80 6.69 -11.83
N VAL B 273 -33.84 7.29 -12.41
CA VAL B 273 -33.83 7.61 -13.83
C VAL B 273 -33.89 9.12 -14.01
N GLY B 274 -34.59 9.82 -13.12
CA GLY B 274 -34.79 11.24 -13.25
C GLY B 274 -36.26 11.59 -13.39
N PRO B 275 -36.54 12.83 -13.79
CA PRO B 275 -37.93 13.22 -14.06
C PRO B 275 -38.51 12.40 -15.20
N LEU B 276 -39.75 11.96 -15.02
CA LEU B 276 -40.42 11.12 -16.01
C LEU B 276 -41.02 11.95 -17.14
N GLU B 277 -41.29 13.22 -16.90
CA GLU B 277 -41.87 14.09 -17.93
C GLU B 277 -41.11 15.40 -18.04
N LEU B 284 -38.32 25.61 -13.70
CA LEU B 284 -39.50 24.85 -13.32
C LEU B 284 -39.11 23.52 -12.68
N TRP B 285 -39.80 23.15 -11.60
CA TRP B 285 -39.46 21.97 -10.82
C TRP B 285 -40.17 20.76 -11.42
N PRO B 286 -39.46 19.82 -12.03
CA PRO B 286 -40.12 18.68 -12.68
C PRO B 286 -40.23 17.42 -11.82
N TYR B 287 -39.80 17.46 -10.57
CA TYR B 287 -39.92 16.31 -9.68
C TYR B 287 -41.21 16.39 -8.89
N LYS B 288 -41.74 15.21 -8.51
CA LYS B 288 -42.95 15.13 -7.72
C LYS B 288 -42.80 14.33 -6.44
N GLY B 289 -41.77 13.49 -6.32
CA GLY B 289 -41.59 12.75 -5.09
C GLY B 289 -41.24 13.61 -3.90
N ARG B 290 -40.51 14.69 -4.13
CA ARG B 290 -40.13 15.64 -3.09
C ARG B 290 -40.14 17.05 -3.68
N PRO B 291 -40.44 18.05 -2.87
CA PRO B 291 -40.47 19.43 -3.37
C PRO B 291 -39.07 20.00 -3.54
N GLU B 292 -39.02 21.28 -3.92
CA GLU B 292 -37.75 21.90 -4.28
C GLU B 292 -36.82 22.07 -3.08
N ASN B 293 -37.37 22.32 -1.89
CA ASN B 293 -36.52 22.52 -0.73
C ASN B 293 -35.78 21.26 -0.29
N LYS B 294 -36.11 20.11 -0.88
CA LYS B 294 -35.37 18.87 -0.67
C LYS B 294 -34.68 18.41 -1.94
N SER B 295 -34.33 19.35 -2.82
CA SER B 295 -33.75 19.01 -4.12
C SER B 295 -32.43 18.27 -3.97
N PHE B 296 -31.67 18.57 -2.91
CA PHE B 296 -30.37 17.94 -2.70
C PHE B 296 -30.47 16.43 -2.50
N LEU B 297 -31.64 15.93 -2.12
CA LEU B 297 -31.83 14.49 -2.02
C LEU B 297 -31.68 13.78 -3.36
N TYR B 298 -31.92 14.50 -4.45
CA TYR B 298 -31.81 13.93 -5.79
C TYR B 298 -30.38 13.92 -6.32
N GLU B 299 -29.41 14.38 -5.53
CA GLU B 299 -28.01 14.44 -5.94
C GLU B 299 -27.14 13.46 -5.17
N ILE B 300 -27.74 12.39 -4.64
CA ILE B 300 -27.02 11.42 -3.80
C ILE B 300 -26.78 10.11 -4.56
N VAL B 301 -27.84 9.48 -5.07
CA VAL B 301 -27.69 8.21 -5.76
C VAL B 301 -27.10 8.40 -7.15
N SER B 302 -27.75 9.21 -7.97
CA SER B 302 -27.28 9.52 -9.32
C SER B 302 -27.34 11.02 -9.53
N ASN B 303 -26.24 11.59 -10.00
CA ASN B 303 -26.14 13.02 -10.25
C ASN B 303 -25.94 13.26 -11.74
N LYS B 304 -26.71 14.19 -12.29
CA LYS B 304 -26.60 14.56 -13.71
C LYS B 304 -25.85 15.86 -13.93
N ARG B 305 -25.74 16.71 -12.90
CA ARG B 305 -25.02 17.97 -13.05
C ARG B 305 -23.54 17.72 -13.27
N ASN B 306 -22.88 17.08 -12.31
CA ASN B 306 -21.45 16.81 -12.39
C ASN B 306 -21.15 15.32 -12.51
N GLY B 307 -21.69 14.50 -11.62
CA GLY B 307 -21.48 13.06 -11.71
C GLY B 307 -20.99 12.42 -10.43
N ILE B 308 -20.71 13.23 -9.42
CA ILE B 308 -20.23 12.72 -8.14
C ILE B 308 -21.41 12.20 -7.34
N ASP B 309 -21.35 10.93 -6.96
CA ASP B 309 -22.42 10.31 -6.18
C ASP B 309 -21.87 9.10 -5.45
N VAL B 310 -22.71 8.51 -4.61
CA VAL B 310 -22.30 7.31 -3.88
C VAL B 310 -22.19 6.11 -4.80
N ASP B 311 -22.86 6.14 -5.95
CA ASP B 311 -22.70 5.09 -6.95
C ASP B 311 -21.25 5.04 -7.43
N LYS B 312 -20.71 6.19 -7.87
CA LYS B 312 -19.32 6.25 -8.31
C LYS B 312 -18.37 5.83 -7.19
N TRP B 313 -18.64 6.28 -5.97
CA TRP B 313 -17.74 5.99 -4.86
C TRP B 313 -17.61 4.48 -4.63
N ASP B 314 -18.73 3.77 -4.60
CA ASP B 314 -18.70 2.35 -4.28
C ASP B 314 -17.96 1.57 -5.35
N TYR B 315 -18.30 1.78 -6.63
CA TYR B 315 -17.71 0.96 -7.67
C TYR B 315 -16.30 1.43 -8.04
N PHE B 316 -15.92 2.66 -7.69
CA PHE B 316 -14.50 3.01 -7.75
C PHE B 316 -13.72 2.20 -6.73
N ALA B 317 -14.16 2.20 -5.47
CA ALA B 317 -13.47 1.46 -4.42
C ALA B 317 -13.54 -0.04 -4.66
N ARG B 318 -14.70 -0.54 -5.09
CA ARG B 318 -14.87 -1.97 -5.27
C ARG B 318 -14.00 -2.48 -6.41
N ASP B 319 -14.02 -1.79 -7.56
CA ASP B 319 -13.21 -2.23 -8.69
C ASP B 319 -11.72 -2.09 -8.39
N CYS B 320 -11.32 -1.03 -7.67
CA CYS B 320 -9.94 -0.93 -7.22
C CYS B 320 -9.56 -2.11 -6.33
N HIS B 321 -10.51 -2.55 -5.49
CA HIS B 321 -10.25 -3.67 -4.60
C HIS B 321 -10.05 -4.97 -5.36
N HIS B 322 -10.78 -5.14 -6.46
CA HIS B 322 -10.77 -6.41 -7.18
C HIS B 322 -9.75 -6.45 -8.32
N LEU B 323 -9.25 -5.30 -8.76
CA LEU B 323 -8.23 -5.25 -9.81
C LEU B 323 -6.84 -4.95 -9.28
N GLY B 324 -6.69 -4.83 -7.95
CA GLY B 324 -5.40 -4.51 -7.38
C GLY B 324 -4.92 -3.11 -7.64
N ILE B 325 -5.75 -2.25 -8.24
CA ILE B 325 -5.36 -0.87 -8.48
C ILE B 325 -5.37 -0.10 -7.17
N GLN B 326 -4.44 0.83 -7.03
CA GLN B 326 -4.37 1.64 -5.82
C GLN B 326 -5.54 2.61 -5.78
N ASN B 327 -6.11 2.79 -4.59
CA ASN B 327 -7.21 3.73 -4.37
C ASN B 327 -6.81 4.70 -3.26
N ASN B 328 -6.79 5.99 -3.59
CA ASN B 328 -6.45 7.03 -2.63
C ASN B 328 -7.63 7.89 -2.23
N PHE B 329 -8.78 7.72 -2.86
CA PHE B 329 -9.96 8.49 -2.51
C PHE B 329 -10.55 7.98 -1.20
N ASP B 330 -10.75 8.89 -0.25
CA ASP B 330 -11.33 8.57 1.06
C ASP B 330 -12.74 9.18 1.09
N TYR B 331 -13.75 8.34 0.88
CA TYR B 331 -15.12 8.82 0.93
C TYR B 331 -15.57 9.08 2.37
N LYS B 332 -15.01 8.34 3.33
CA LYS B 332 -15.43 8.49 4.71
C LYS B 332 -15.19 9.90 5.23
N ARG B 333 -13.96 10.40 5.05
CA ARG B 333 -13.67 11.78 5.42
C ARG B 333 -14.42 12.76 4.52
N PHE B 334 -14.75 12.36 3.30
CA PHE B 334 -15.58 13.21 2.45
C PHE B 334 -17.00 13.30 3.00
N ILE B 335 -17.51 12.21 3.58
CA ILE B 335 -18.84 12.23 4.16
C ILE B 335 -18.87 13.12 5.41
N LYS B 336 -17.84 12.99 6.25
CA LYS B 336 -17.82 13.71 7.52
C LYS B 336 -17.79 15.22 7.32
N PHE B 337 -17.16 15.69 6.24
CA PHE B 337 -17.07 17.12 5.94
C PHE B 337 -18.13 17.57 4.93
N ALA B 338 -19.26 16.89 4.86
CA ALA B 338 -20.30 17.23 3.92
C ALA B 338 -21.25 18.27 4.50
N ARG B 339 -21.90 19.02 3.61
CA ARG B 339 -22.82 20.07 4.01
C ARG B 339 -23.73 20.39 2.84
N VAL B 340 -24.84 21.05 3.13
CA VAL B 340 -25.79 21.50 2.12
C VAL B 340 -25.80 23.02 2.12
N CYS B 341 -25.58 23.61 0.95
CA CYS B 341 -25.46 25.06 0.81
C CYS B 341 -26.28 25.52 -0.38
N GLU B 342 -26.28 26.85 -0.59
CA GLU B 342 -27.04 27.47 -1.67
C GLU B 342 -26.09 27.91 -2.77
N VAL B 343 -26.35 27.45 -3.99
CA VAL B 343 -25.56 27.82 -5.16
C VAL B 343 -26.53 28.24 -6.26
N ASP B 344 -26.41 29.49 -6.71
CA ASP B 344 -27.30 30.06 -7.72
C ASP B 344 -28.76 29.93 -7.32
N ASN B 345 -29.03 30.18 -6.04
CA ASN B 345 -30.37 30.03 -5.46
C ASN B 345 -30.90 28.61 -5.67
N GLU B 346 -30.13 27.64 -5.20
CA GLU B 346 -30.48 26.24 -5.32
C GLU B 346 -29.75 25.46 -4.24
N LEU B 347 -30.40 24.42 -3.72
CA LEU B 347 -29.86 23.61 -2.65
C LEU B 347 -28.97 22.52 -3.25
N ARG B 348 -27.71 22.46 -2.82
CA ARG B 348 -26.75 21.51 -3.34
C ARG B 348 -25.87 21.00 -2.20
N ILE B 349 -25.23 19.86 -2.44
CA ILE B 349 -24.31 19.26 -1.48
C ILE B 349 -22.92 19.81 -1.77
N CYS B 350 -22.28 20.39 -0.74
CA CYS B 350 -21.00 21.05 -0.89
C CYS B 350 -19.98 20.43 0.05
N ALA B 351 -18.70 20.59 -0.32
CA ALA B 351 -17.59 19.97 0.40
C ALA B 351 -16.66 21.05 0.94
N ARG B 352 -15.80 20.64 1.88
CA ARG B 352 -14.81 21.55 2.43
C ARG B 352 -13.77 21.90 1.38
N ASP B 353 -13.47 23.19 1.26
CA ASP B 353 -12.45 23.62 0.31
C ASP B 353 -11.06 23.13 0.69
N LYS B 354 -10.87 22.70 1.94
CA LYS B 354 -9.60 22.16 2.38
C LYS B 354 -9.41 20.70 2.00
N GLU B 355 -10.47 20.01 1.57
CA GLU B 355 -10.40 18.63 1.12
C GLU B 355 -10.39 18.53 -0.41
N VAL B 356 -9.70 19.45 -1.08
CA VAL B 356 -9.70 19.45 -2.53
C VAL B 356 -8.74 18.39 -3.07
N GLY B 357 -7.72 18.01 -2.29
CA GLY B 357 -6.81 16.97 -2.75
C GLY B 357 -7.45 15.61 -2.85
N ASN B 358 -8.46 15.34 -2.02
CA ASN B 358 -9.15 14.06 -2.10
C ASN B 358 -10.00 13.95 -3.34
N LEU B 359 -10.61 15.06 -3.77
CA LEU B 359 -11.33 15.05 -5.05
C LEU B 359 -10.39 14.72 -6.19
N TYR B 360 -9.23 15.38 -6.25
CA TYR B 360 -8.25 15.08 -7.28
C TYR B 360 -7.82 13.62 -7.23
N ASP B 361 -7.73 13.06 -6.02
CA ASP B 361 -7.48 11.63 -5.89
C ASP B 361 -8.61 10.81 -6.47
N MET B 362 -9.86 11.24 -6.23
CA MET B 362 -11.01 10.52 -6.78
C MET B 362 -11.04 10.58 -8.30
N PHE B 363 -10.76 11.75 -8.87
CA PHE B 363 -10.80 11.89 -10.32
C PHE B 363 -9.68 11.12 -11.00
N HIS B 364 -8.53 10.97 -10.33
CA HIS B 364 -7.46 10.14 -10.89
C HIS B 364 -7.84 8.66 -10.84
N THR B 365 -8.42 8.22 -9.73
CA THR B 365 -8.93 6.85 -9.64
C THR B 365 -9.97 6.60 -10.72
N ARG B 366 -10.85 7.58 -10.96
CA ARG B 366 -11.80 7.50 -12.06
C ARG B 366 -11.10 7.34 -13.40
N ASN B 367 -10.10 8.20 -13.66
CA ASN B 367 -9.39 8.15 -14.93
C ASN B 367 -8.65 6.84 -15.11
N SER B 368 -7.96 6.37 -14.05
CA SER B 368 -7.22 5.12 -14.14
C SER B 368 -8.15 3.96 -14.47
N LEU B 369 -9.28 3.87 -13.77
CA LEU B 369 -10.21 2.76 -14.00
C LEU B 369 -10.67 2.71 -15.45
N HIS B 370 -10.89 3.88 -16.07
CA HIS B 370 -11.31 3.90 -17.46
C HIS B 370 -10.18 3.45 -18.38
N ARG B 371 -9.05 4.17 -18.35
CA ARG B 371 -7.96 3.89 -19.27
C ARG B 371 -7.30 2.54 -19.02
N ARG B 372 -7.52 1.93 -17.86
CA ARG B 372 -6.89 0.66 -17.52
C ARG B 372 -7.83 -0.54 -17.52
N ALA B 373 -9.10 -0.33 -17.18
CA ALA B 373 -10.05 -1.44 -17.07
C ALA B 373 -11.24 -1.30 -18.01
N TYR B 374 -11.96 -0.18 -17.95
CA TYR B 374 -13.17 -0.04 -18.75
C TYR B 374 -12.86 0.10 -20.23
N GLN B 375 -11.70 0.65 -20.58
CA GLN B 375 -11.29 0.84 -21.98
C GLN B 375 -10.20 -0.15 -22.39
N HIS B 376 -10.03 -1.24 -21.64
CA HIS B 376 -9.04 -2.25 -21.99
C HIS B 376 -9.35 -2.84 -23.36
N LYS B 377 -8.31 -2.94 -24.21
CA LYS B 377 -8.49 -3.44 -25.57
C LYS B 377 -9.11 -4.83 -25.57
N VAL B 378 -8.40 -5.82 -25.03
CA VAL B 378 -8.88 -7.20 -25.05
C VAL B 378 -10.25 -7.31 -24.39
N GLY B 379 -10.46 -6.57 -23.29
CA GLY B 379 -11.74 -6.62 -22.61
C GLY B 379 -12.89 -6.17 -23.49
N ASN B 380 -12.70 -5.07 -24.23
CA ASN B 380 -13.76 -4.59 -25.10
C ASN B 380 -13.99 -5.53 -26.28
N ILE B 381 -12.93 -6.17 -26.78
CA ILE B 381 -13.09 -7.13 -27.89
C ILE B 381 -13.93 -8.32 -27.43
N ILE B 382 -13.63 -8.85 -26.24
CA ILE B 382 -14.39 -9.98 -25.72
C ILE B 382 -15.85 -9.58 -25.52
N ASP B 383 -16.10 -8.33 -25.11
CA ASP B 383 -17.46 -7.84 -25.01
C ASP B 383 -18.16 -7.87 -26.36
N THR B 384 -17.44 -7.51 -27.42
CA THR B 384 -18.04 -7.57 -28.76
C THR B 384 -18.23 -9.00 -29.22
N MET B 385 -17.37 -9.92 -28.79
CA MET B 385 -17.52 -11.32 -29.16
C MET B 385 -18.72 -11.95 -28.47
N ILE B 386 -18.91 -11.63 -27.18
CA ILE B 386 -20.10 -12.12 -26.47
C ILE B 386 -21.36 -11.53 -27.09
N THR B 387 -21.31 -10.25 -27.46
CA THR B 387 -22.45 -9.64 -28.14
C THR B 387 -22.73 -10.33 -29.47
N ASP B 388 -21.68 -10.72 -30.19
CA ASP B 388 -21.87 -11.39 -31.47
C ASP B 388 -22.51 -12.76 -31.30
N ALA B 389 -22.06 -13.53 -30.30
CA ALA B 389 -22.68 -14.83 -30.05
C ALA B 389 -24.12 -14.67 -29.57
N PHE B 390 -24.40 -13.63 -28.80
CA PHE B 390 -25.77 -13.36 -28.38
C PHE B 390 -26.65 -13.03 -29.59
N LEU B 391 -26.12 -12.26 -30.54
CA LEU B 391 -26.87 -11.94 -31.75
C LEU B 391 -27.14 -13.19 -32.57
N LYS B 392 -26.18 -14.10 -32.65
CA LYS B 392 -26.37 -15.33 -33.40
C LYS B 392 -27.35 -16.27 -32.71
N ALA B 393 -27.41 -16.22 -31.38
CA ALA B 393 -28.29 -17.09 -30.60
C ALA B 393 -29.66 -16.47 -30.35
N ASP B 394 -29.87 -15.21 -30.72
CA ASP B 394 -31.09 -14.51 -30.35
C ASP B 394 -32.34 -15.18 -30.92
N ASP B 395 -32.24 -15.75 -32.12
CA ASP B 395 -33.41 -16.34 -32.75
C ASP B 395 -33.78 -17.71 -32.21
N TYR B 396 -32.96 -18.29 -31.32
CA TYR B 396 -33.16 -19.68 -30.90
C TYR B 396 -33.15 -19.90 -29.39
N ILE B 397 -33.05 -18.84 -28.59
CA ILE B 397 -33.04 -18.97 -27.13
C ILE B 397 -34.40 -18.57 -26.59
N GLU B 398 -34.96 -19.41 -25.72
CA GLU B 398 -36.28 -19.19 -25.15
C GLU B 398 -36.15 -18.78 -23.69
N ILE B 399 -36.85 -17.71 -23.32
CA ILE B 399 -36.94 -17.26 -21.93
C ILE B 399 -38.42 -17.07 -21.61
N THR B 400 -38.93 -17.87 -20.69
CA THR B 400 -40.36 -17.85 -20.38
C THR B 400 -40.71 -16.60 -19.57
N GLY B 401 -41.84 -15.99 -19.94
CA GLY B 401 -42.30 -14.79 -19.26
C GLY B 401 -43.66 -14.94 -18.62
N ALA B 402 -44.53 -13.96 -18.84
CA ALA B 402 -45.87 -13.97 -18.26
C ALA B 402 -46.70 -15.13 -18.80
N GLY B 403 -47.01 -16.10 -17.94
CA GLY B 403 -47.83 -17.23 -18.33
C GLY B 403 -47.18 -18.16 -19.35
N GLY B 404 -45.90 -18.43 -19.20
CA GLY B 404 -45.22 -19.32 -20.13
C GLY B 404 -44.93 -18.73 -21.48
N LYS B 405 -45.09 -17.42 -21.64
CA LYS B 405 -44.80 -16.76 -22.91
C LYS B 405 -43.31 -16.81 -23.20
N LYS B 406 -42.94 -17.33 -24.37
CA LYS B 406 -41.54 -17.41 -24.75
C LYS B 406 -41.04 -16.05 -25.21
N TYR B 407 -39.80 -15.73 -24.83
CA TYR B 407 -39.20 -14.44 -25.13
C TYR B 407 -37.79 -14.64 -25.66
N ARG B 408 -37.32 -13.63 -26.38
CA ARG B 408 -35.98 -13.59 -26.92
C ARG B 408 -35.08 -12.78 -26.00
N ILE B 409 -33.76 -12.92 -26.20
CA ILE B 409 -32.81 -12.15 -25.40
C ILE B 409 -32.99 -10.67 -25.64
N SER B 410 -33.46 -10.29 -26.83
CA SER B 410 -33.68 -8.88 -27.13
C SER B 410 -35.07 -8.43 -26.71
N THR B 411 -36.04 -9.34 -26.67
CA THR B 411 -37.41 -8.99 -26.32
C THR B 411 -37.71 -9.19 -24.83
N ALA B 412 -36.79 -9.76 -24.06
CA ALA B 412 -37.04 -9.99 -22.65
C ALA B 412 -37.16 -8.69 -21.85
N ILE B 413 -36.68 -7.58 -22.40
CA ILE B 413 -36.79 -6.29 -21.71
C ILE B 413 -38.20 -5.73 -21.76
N ASP B 414 -39.11 -6.34 -22.51
CA ASP B 414 -40.49 -5.91 -22.57
C ASP B 414 -41.36 -6.56 -21.51
N ASP B 415 -40.84 -7.53 -20.77
CA ASP B 415 -41.60 -8.22 -19.73
C ASP B 415 -40.62 -8.55 -18.59
N MET B 416 -40.84 -7.94 -17.43
CA MET B 416 -39.90 -8.10 -16.32
C MET B 416 -39.98 -9.47 -15.67
N GLU B 417 -41.07 -10.21 -15.91
CA GLU B 417 -41.13 -11.58 -15.42
C GLU B 417 -40.12 -12.47 -16.16
N ALA B 418 -39.86 -12.17 -17.43
CA ALA B 418 -38.82 -12.87 -18.19
C ALA B 418 -37.45 -12.25 -18.00
N TYR B 419 -37.39 -10.92 -17.89
CA TYR B 419 -36.12 -10.23 -17.65
C TYR B 419 -35.50 -10.64 -16.31
N THR B 420 -36.32 -11.10 -15.36
CA THR B 420 -35.78 -11.57 -14.08
C THR B 420 -34.90 -12.80 -14.27
N LYS B 421 -35.22 -13.65 -15.24
CA LYS B 421 -34.44 -14.85 -15.52
C LYS B 421 -33.37 -14.63 -16.58
N LEU B 422 -33.12 -13.39 -16.98
CA LEU B 422 -32.12 -13.05 -18.00
C LEU B 422 -30.87 -12.57 -17.29
N THR B 423 -29.92 -13.48 -17.06
CA THR B 423 -28.70 -13.17 -16.34
C THR B 423 -27.50 -13.60 -17.17
N ASP B 424 -26.35 -13.76 -16.51
CA ASP B 424 -25.13 -14.18 -17.18
C ASP B 424 -25.17 -15.65 -17.59
N ASN B 425 -26.11 -16.43 -17.06
CA ASN B 425 -26.19 -17.85 -17.40
C ASN B 425 -26.62 -18.08 -18.84
N ILE B 426 -27.14 -17.05 -19.51
CA ILE B 426 -27.36 -17.15 -20.96
C ILE B 426 -26.07 -17.50 -21.67
N PHE B 427 -24.95 -16.90 -21.25
CA PHE B 427 -23.65 -17.21 -21.81
C PHE B 427 -23.36 -18.70 -21.73
N LEU B 428 -23.54 -19.29 -20.55
CA LEU B 428 -23.20 -20.70 -20.36
C LEU B 428 -24.23 -21.62 -21.02
N GLU B 429 -25.48 -21.18 -21.12
CA GLU B 429 -26.48 -22.03 -21.79
C GLU B 429 -26.20 -22.16 -23.27
N ILE B 430 -25.68 -21.11 -23.90
CA ILE B 430 -25.20 -21.23 -25.28
C ILE B 430 -23.99 -22.15 -25.34
N LEU B 431 -23.02 -21.92 -24.44
CA LEU B 431 -21.77 -22.67 -24.49
C LEU B 431 -21.98 -24.15 -24.25
N TYR B 432 -22.92 -24.50 -23.38
CA TYR B 432 -23.19 -25.89 -23.06
C TYR B 432 -24.26 -26.51 -23.95
N SER B 433 -24.82 -25.76 -24.88
CA SER B 433 -25.93 -26.24 -25.69
C SER B 433 -25.48 -27.32 -26.65
N THR B 434 -26.43 -28.18 -27.03
CA THR B 434 -26.20 -29.22 -28.03
C THR B 434 -26.99 -29.00 -29.31
N ASP B 435 -27.93 -28.05 -29.31
CA ASP B 435 -28.74 -27.77 -30.50
C ASP B 435 -27.84 -27.37 -31.66
N PRO B 436 -27.97 -28.02 -32.82
CA PRO B 436 -27.23 -27.55 -34.01
C PRO B 436 -27.55 -26.12 -34.41
N LYS B 437 -28.79 -25.67 -34.17
CA LYS B 437 -29.13 -24.28 -34.49
C LYS B 437 -28.30 -23.27 -33.71
N LEU B 438 -27.70 -23.70 -32.59
CA LEU B 438 -26.90 -22.83 -31.74
C LEU B 438 -25.40 -22.97 -31.99
N LYS B 439 -25.00 -23.80 -32.96
CA LYS B 439 -23.58 -24.09 -33.14
C LYS B 439 -22.80 -22.85 -33.55
N ASP B 440 -23.39 -22.02 -34.42
CA ASP B 440 -22.70 -20.80 -34.86
C ASP B 440 -22.37 -19.90 -33.68
N ALA B 441 -23.24 -19.87 -32.67
CA ALA B 441 -22.97 -19.08 -31.47
C ALA B 441 -22.00 -19.78 -30.54
N ARG B 442 -22.02 -21.12 -30.50
CA ARG B 442 -21.06 -21.86 -29.69
C ARG B 442 -19.63 -21.60 -30.15
N GLU B 443 -19.41 -21.57 -31.47
CA GLU B 443 -18.07 -21.36 -32.00
C GLU B 443 -17.49 -20.02 -31.53
N ILE B 444 -18.30 -18.97 -31.56
CA ILE B 444 -17.83 -17.66 -31.12
C ILE B 444 -17.47 -17.68 -29.64
N LEU B 445 -18.18 -18.47 -28.84
CA LEU B 445 -17.92 -18.50 -27.41
C LEU B 445 -16.74 -19.40 -27.07
N LYS B 446 -16.63 -20.55 -27.74
CA LYS B 446 -15.49 -21.44 -27.49
C LYS B 446 -14.18 -20.81 -27.92
N GLN B 447 -14.21 -19.93 -28.92
CA GLN B 447 -13.00 -19.22 -29.33
C GLN B 447 -12.50 -18.28 -28.24
N ILE B 448 -13.41 -17.77 -27.40
CA ILE B 448 -13.00 -17.01 -26.23
C ILE B 448 -12.23 -17.91 -25.27
N GLU B 449 -12.72 -19.13 -25.05
CA GLU B 449 -12.02 -20.08 -24.19
C GLU B 449 -10.67 -20.48 -24.77
N TYR B 450 -10.49 -20.36 -26.09
CA TYR B 450 -9.23 -20.68 -26.75
C TYR B 450 -8.35 -19.46 -26.96
N ARG B 451 -8.85 -18.25 -26.68
CA ARG B 451 -8.13 -17.00 -26.95
C ARG B 451 -7.74 -16.89 -28.41
N ASN B 452 -8.68 -17.20 -29.29
CA ASN B 452 -8.58 -16.91 -30.71
C ASN B 452 -9.58 -15.81 -31.00
N LEU B 453 -9.22 -14.60 -30.60
CA LEU B 453 -10.14 -13.48 -30.52
C LEU B 453 -10.18 -12.70 -31.83
N PHE B 454 -11.08 -11.72 -31.88
CA PHE B 454 -11.04 -10.73 -32.95
C PHE B 454 -9.76 -9.92 -32.84
N LYS B 455 -9.26 -9.45 -33.97
CA LYS B 455 -7.98 -8.75 -34.03
C LYS B 455 -8.20 -7.25 -34.10
N TYR B 456 -7.44 -6.52 -33.29
CA TYR B 456 -7.51 -5.07 -33.25
C TYR B 456 -6.98 -4.49 -34.55
N VAL B 457 -7.82 -3.74 -35.25
CA VAL B 457 -7.41 -3.07 -36.48
C VAL B 457 -6.89 -1.65 -36.18
N GLY B 458 -7.68 -0.86 -35.49
CA GLY B 458 -7.27 0.49 -35.14
C GLY B 458 -8.40 1.21 -34.44
N GLU B 459 -8.08 2.41 -33.96
CA GLU B 459 -9.06 3.25 -33.26
C GLU B 459 -9.08 4.63 -33.90
N THR B 460 -10.13 5.38 -33.60
CA THR B 460 -10.30 6.73 -34.10
C THR B 460 -11.21 7.49 -33.16
N GLN B 461 -11.35 8.80 -33.42
CA GLN B 461 -12.13 9.67 -32.56
C GLN B 461 -12.80 10.74 -33.41
N PRO B 462 -14.11 10.95 -33.26
CA PRO B 462 -14.82 11.99 -34.05
C PRO B 462 -14.75 13.38 -33.41
N THR B 463 -13.59 14.01 -33.56
CA THR B 463 -13.38 15.34 -32.98
C THR B 463 -14.30 16.37 -33.63
N GLY B 464 -14.94 17.18 -32.79
CA GLY B 464 -15.83 18.23 -33.27
C GLY B 464 -17.12 17.69 -33.85
N GLN B 465 -17.02 16.69 -34.72
CA GLN B 465 -18.18 16.17 -35.43
C GLN B 465 -19.23 15.62 -34.46
N ILE B 466 -20.44 15.45 -34.99
CA ILE B 466 -21.53 14.85 -34.23
C ILE B 466 -21.09 13.49 -33.70
N LYS B 467 -21.52 13.16 -32.49
CA LYS B 467 -21.23 11.84 -31.94
C LYS B 467 -22.06 10.79 -32.67
N ILE B 468 -21.55 9.55 -32.61
CA ILE B 468 -22.25 8.44 -33.25
C ILE B 468 -23.34 7.94 -32.33
N LYS B 469 -24.54 7.75 -32.90
CA LYS B 469 -25.74 7.43 -32.14
C LYS B 469 -25.95 5.92 -32.03
N ARG B 470 -26.65 5.52 -30.98
CA ARG B 470 -26.85 4.09 -30.73
C ARG B 470 -27.65 3.43 -31.85
N GLU B 471 -28.70 4.10 -32.31
CA GLU B 471 -29.54 3.54 -33.37
C GLU B 471 -28.82 3.44 -34.71
N ASP B 472 -27.61 4.00 -34.82
CA ASP B 472 -26.84 3.81 -36.03
C ASP B 472 -25.93 2.60 -35.98
N TYR B 473 -25.58 2.12 -34.78
CA TYR B 473 -24.57 1.09 -34.60
C TYR B 473 -24.64 -0.02 -35.65
N GLU B 474 -25.85 -0.48 -35.97
CA GLU B 474 -26.01 -1.58 -36.90
C GLU B 474 -25.49 -1.24 -38.30
N SER B 475 -25.48 0.05 -38.65
CA SER B 475 -25.10 0.48 -39.99
C SER B 475 -23.61 0.79 -40.11
N LEU B 476 -22.82 0.56 -39.06
CA LEU B 476 -21.40 0.91 -39.10
C LEU B 476 -20.53 -0.16 -39.79
N PRO B 477 -20.73 -1.45 -39.54
CA PRO B 477 -19.90 -2.45 -40.24
C PRO B 477 -19.99 -2.37 -41.76
N LYS B 478 -21.17 -2.04 -42.29
CA LYS B 478 -21.29 -1.94 -43.75
C LYS B 478 -20.56 -0.71 -44.28
N GLU B 479 -20.55 0.38 -43.51
CA GLU B 479 -19.89 1.60 -43.95
C GLU B 479 -18.39 1.39 -44.13
N VAL B 480 -17.79 0.58 -43.25
CA VAL B 480 -16.36 0.30 -43.37
C VAL B 480 -16.10 -0.63 -44.54
N ALA B 481 -16.98 -1.62 -44.74
CA ALA B 481 -16.82 -2.53 -45.87
C ALA B 481 -17.15 -1.86 -47.20
N SER B 482 -17.99 -0.84 -47.18
CA SER B 482 -18.39 -0.13 -48.39
C SER B 482 -17.39 0.94 -48.81
N ALA B 483 -16.33 1.17 -48.03
CA ALA B 483 -15.34 2.15 -48.40
C ALA B 483 -14.43 1.62 -49.51
N LYS B 484 -13.75 2.54 -50.19
CA LYS B 484 -12.86 2.22 -51.30
C LYS B 484 -11.45 2.66 -50.97
N PRO B 485 -10.62 1.78 -50.44
CA PRO B 485 -9.22 2.16 -50.16
C PRO B 485 -8.46 2.44 -51.45
N LYS B 486 -7.61 3.46 -51.40
CA LYS B 486 -6.89 3.90 -52.60
C LYS B 486 -5.94 2.82 -53.11
N VAL B 487 -5.20 2.18 -52.21
CA VAL B 487 -4.32 1.10 -52.63
C VAL B 487 -5.15 -0.12 -53.02
N LEU B 488 -4.52 -1.01 -53.79
CA LEU B 488 -5.14 -2.24 -54.24
C LEU B 488 -4.87 -3.37 -53.26
N LEU B 489 -5.90 -4.16 -52.99
CA LEU B 489 -5.81 -5.24 -52.00
C LEU B 489 -6.08 -6.59 -52.65
N ASP B 490 -5.47 -7.62 -52.08
CA ASP B 490 -5.60 -8.99 -52.58
C ASP B 490 -6.69 -9.78 -51.87
N VAL B 491 -7.45 -9.16 -50.96
CA VAL B 491 -8.51 -9.83 -50.22
C VAL B 491 -9.67 -8.85 -50.09
N LYS B 492 -10.89 -9.34 -50.37
CA LYS B 492 -12.10 -8.54 -50.22
C LYS B 492 -12.85 -8.99 -48.97
N LEU B 493 -13.14 -8.02 -48.09
CA LEU B 493 -13.76 -8.30 -46.80
C LEU B 493 -15.20 -7.79 -46.80
N LYS B 494 -16.12 -8.66 -46.41
CA LYS B 494 -17.53 -8.28 -46.30
C LYS B 494 -17.78 -7.56 -44.98
N ALA B 495 -18.98 -7.00 -44.85
CA ALA B 495 -19.36 -6.33 -43.60
C ALA B 495 -19.43 -7.31 -42.44
N GLU B 496 -19.73 -8.58 -42.73
CA GLU B 496 -19.85 -9.60 -41.70
C GLU B 496 -18.51 -9.96 -41.06
N ASP B 497 -17.40 -9.38 -41.53
CA ASP B 497 -16.09 -9.63 -40.95
C ASP B 497 -15.54 -8.44 -40.18
N PHE B 498 -16.30 -7.35 -40.08
CA PHE B 498 -15.90 -6.17 -39.32
C PHE B 498 -16.68 -6.09 -38.02
N ILE B 499 -16.01 -5.61 -36.98
CA ILE B 499 -16.64 -5.28 -35.71
C ILE B 499 -16.31 -3.83 -35.40
N VAL B 500 -17.34 -3.01 -35.25
CA VAL B 500 -17.19 -1.60 -34.93
C VAL B 500 -17.93 -1.36 -33.61
N ASP B 501 -17.19 -1.08 -32.55
CA ASP B 501 -17.78 -0.75 -31.28
C ASP B 501 -17.47 0.70 -30.92
N VAL B 502 -18.39 1.32 -30.19
CA VAL B 502 -18.30 2.72 -29.81
C VAL B 502 -18.17 2.79 -28.30
N ILE B 503 -17.15 3.50 -27.82
CA ILE B 503 -16.88 3.60 -26.39
C ILE B 503 -17.08 5.05 -25.96
N ASN B 504 -17.97 5.25 -24.99
CA ASN B 504 -18.34 6.57 -24.50
C ASN B 504 -17.81 6.76 -23.09
N MET B 505 -18.13 7.91 -22.50
CA MET B 505 -17.72 8.22 -21.13
C MET B 505 -18.90 8.13 -20.17
N ASP B 516 -14.02 23.83 -12.73
CA ASP B 516 -14.62 22.69 -12.03
C ASP B 516 -16.10 22.94 -11.75
N HIS B 517 -16.93 21.96 -12.09
CA HIS B 517 -18.36 22.03 -11.88
C HIS B 517 -18.78 21.56 -10.50
N VAL B 518 -17.89 21.64 -9.51
CA VAL B 518 -18.15 21.19 -8.15
C VAL B 518 -18.12 22.40 -7.23
N SER B 519 -19.09 22.47 -6.33
CA SER B 519 -19.18 23.57 -5.37
C SER B 519 -18.56 23.18 -4.04
N PHE B 520 -17.89 24.14 -3.41
CA PHE B 520 -17.26 23.96 -2.11
C PHE B 520 -17.73 25.06 -1.18
N TYR B 521 -17.50 24.86 0.12
CA TYR B 521 -17.82 25.86 1.12
C TYR B 521 -16.58 26.17 1.96
N CYS B 522 -16.45 27.44 2.34
CA CYS B 522 -15.26 27.91 3.05
C CYS B 522 -15.29 27.50 4.52
N LYS B 523 -14.49 28.18 5.34
CA LYS B 523 -14.26 27.73 6.71
C LYS B 523 -15.53 27.76 7.54
N THR B 524 -16.20 28.90 7.60
CA THR B 524 -17.22 29.10 8.61
C THR B 524 -18.56 28.50 8.22
N ALA B 525 -19.31 29.18 7.35
CA ALA B 525 -20.65 28.75 6.99
C ALA B 525 -21.08 29.53 5.76
N PRO B 526 -22.08 29.01 5.01
CA PRO B 526 -22.69 29.76 3.91
C PRO B 526 -23.57 30.90 4.41
N GLU B 547 -14.29 12.12 -25.26
CA GLU B 547 -15.75 12.17 -25.33
C GLU B 547 -16.32 10.86 -25.86
N GLN B 548 -15.94 10.52 -27.08
CA GLN B 548 -16.40 9.31 -27.74
C GLN B 548 -15.31 8.84 -28.69
N LEU B 549 -15.06 7.54 -28.72
CA LEU B 549 -14.07 6.99 -29.63
C LEU B 549 -14.58 5.69 -30.24
N ILE B 550 -14.06 5.38 -31.43
CA ILE B 550 -14.48 4.21 -32.19
C ILE B 550 -13.29 3.26 -32.33
N ARG B 551 -13.56 1.97 -32.24
CA ARG B 551 -12.56 0.93 -32.46
C ARG B 551 -13.11 -0.09 -33.45
N VAL B 552 -12.24 -0.59 -34.32
CA VAL B 552 -12.62 -1.55 -35.34
C VAL B 552 -11.77 -2.81 -35.17
N TYR B 553 -12.43 -3.96 -35.22
CA TYR B 553 -11.77 -5.26 -35.16
C TYR B 553 -12.15 -6.09 -36.37
N CYS B 554 -11.35 -7.12 -36.64
CA CYS B 554 -11.57 -8.01 -37.77
C CYS B 554 -11.84 -9.41 -37.25
N LYS B 555 -12.88 -10.05 -37.79
CA LYS B 555 -13.15 -11.43 -37.41
C LYS B 555 -12.17 -12.40 -38.06
N LYS B 556 -11.75 -12.10 -39.29
CA LYS B 556 -10.78 -12.94 -39.98
C LYS B 556 -9.38 -12.67 -39.42
N VAL B 557 -8.60 -13.74 -39.30
CA VAL B 557 -7.41 -13.75 -38.48
C VAL B 557 -6.12 -13.88 -39.30
N ASP B 558 -6.21 -13.78 -40.62
CA ASP B 558 -5.06 -14.00 -41.49
C ASP B 558 -4.39 -12.68 -41.85
N ARG B 559 -3.06 -12.72 -41.99
CA ARG B 559 -2.28 -11.51 -42.21
C ARG B 559 -2.79 -10.72 -43.42
N LYS B 560 -3.24 -11.41 -44.46
CA LYS B 560 -3.83 -10.73 -45.61
C LYS B 560 -5.09 -9.98 -45.21
N SER B 561 -5.95 -10.62 -44.43
CA SER B 561 -7.19 -9.98 -43.99
C SER B 561 -6.91 -8.79 -43.08
N LEU B 562 -5.91 -8.92 -42.21
CA LEU B 562 -5.60 -7.85 -41.26
C LEU B 562 -5.06 -6.61 -41.98
N TYR B 563 -4.16 -6.79 -42.95
CA TYR B 563 -3.65 -5.66 -43.71
C TYR B 563 -4.77 -4.99 -44.51
N ALA B 564 -5.59 -5.81 -45.18
CA ALA B 564 -6.72 -5.26 -45.93
C ALA B 564 -7.70 -4.56 -45.00
N ALA B 565 -7.99 -5.18 -43.84
CA ALA B 565 -8.93 -4.58 -42.90
C ALA B 565 -8.46 -3.20 -42.45
N ARG B 566 -7.16 -3.06 -42.18
CA ARG B 566 -6.64 -1.75 -41.80
C ARG B 566 -6.80 -0.74 -42.94
N GLN B 567 -6.53 -1.18 -44.18
CA GLN B 567 -6.71 -0.30 -45.33
C GLN B 567 -8.15 0.16 -45.46
N TYR B 568 -9.11 -0.75 -45.24
CA TYR B 568 -10.51 -0.35 -45.19
C TYR B 568 -10.74 0.67 -44.08
N PHE B 569 -10.08 0.48 -42.95
CA PHE B 569 -10.35 1.32 -41.78
C PHE B 569 -9.81 2.73 -41.95
N VAL B 570 -8.58 2.87 -42.45
CA VAL B 570 -8.01 4.21 -42.65
C VAL B 570 -8.81 4.96 -43.69
N GLN B 571 -9.28 4.27 -44.73
CA GLN B 571 -10.13 4.92 -45.73
C GLN B 571 -11.43 5.39 -45.07
N TRP B 572 -12.03 4.54 -44.25
CA TRP B 572 -13.32 4.87 -43.64
C TRP B 572 -13.19 6.07 -42.69
N CYS B 573 -12.06 6.17 -41.98
CA CYS B 573 -11.84 7.33 -41.13
C CYS B 573 -11.71 8.61 -41.95
N ALA B 574 -11.06 8.52 -43.11
CA ALA B 574 -10.77 9.71 -43.90
C ALA B 574 -12.05 10.32 -44.48
N ASP B 575 -12.85 9.51 -45.19
CA ASP B 575 -14.04 10.03 -45.85
C ASP B 575 -15.19 10.30 -44.89
N ARG B 576 -15.08 9.86 -43.64
CA ARG B 576 -16.04 10.22 -42.61
C ARG B 576 -15.54 11.37 -41.73
N ASN B 577 -14.39 11.95 -42.09
CA ASN B 577 -13.83 13.13 -41.43
C ASN B 577 -13.50 12.86 -39.96
N PHE B 578 -13.15 11.62 -39.63
CA PHE B 578 -12.60 11.32 -38.33
C PHE B 578 -11.11 11.57 -38.32
N THR B 579 -10.54 11.67 -37.13
CA THR B 579 -9.10 11.84 -37.02
C THR B 579 -8.38 10.61 -37.54
N LYS B 580 -7.22 10.84 -38.16
CA LYS B 580 -6.48 9.74 -38.77
C LYS B 580 -5.94 8.80 -37.70
N PRO B 581 -5.89 7.50 -37.99
CA PRO B 581 -5.38 6.54 -37.00
C PRO B 581 -3.88 6.66 -36.78
N GLN B 582 -3.35 5.88 -35.84
CA GLN B 582 -1.94 5.94 -35.48
C GLN B 582 -1.29 4.58 -35.72
N ASP B 583 -0.09 4.61 -36.28
CA ASP B 583 0.66 3.38 -36.57
C ASP B 583 2.04 3.41 -35.95
N THR C 114 6.96 -11.79 -24.08
CA THR C 114 7.33 -13.20 -24.00
C THR C 114 6.40 -13.95 -23.05
N MET C 115 6.15 -13.36 -21.89
CA MET C 115 5.32 -13.97 -20.85
C MET C 115 4.11 -13.10 -20.58
N LYS C 116 2.95 -13.73 -20.46
CA LYS C 116 1.71 -13.02 -20.16
C LYS C 116 1.78 -12.40 -18.77
N VAL C 117 1.27 -11.18 -18.66
CA VAL C 117 1.28 -10.47 -17.39
C VAL C 117 -0.17 -10.34 -16.90
N ILE C 118 -0.47 -11.03 -15.81
CA ILE C 118 -1.75 -10.95 -15.14
C ILE C 118 -1.60 -9.97 -13.99
N ASN C 119 -2.68 -9.29 -13.64
CA ASN C 119 -2.72 -8.48 -12.42
C ASN C 119 -3.69 -9.14 -11.44
N ASP C 120 -3.17 -9.51 -10.28
CA ASP C 120 -3.95 -10.19 -9.25
C ASP C 120 -4.03 -9.32 -8.00
N PRO C 121 -5.21 -9.18 -7.40
CA PRO C 121 -5.33 -8.34 -6.20
C PRO C 121 -4.53 -8.85 -5.01
N ILE C 122 -4.11 -10.11 -5.02
CA ILE C 122 -3.37 -10.70 -3.91
C ILE C 122 -1.87 -10.68 -4.16
N HIS C 123 -1.44 -11.01 -5.39
CA HIS C 123 -0.04 -11.18 -5.69
C HIS C 123 0.54 -10.08 -6.58
N GLY C 124 -0.26 -9.07 -6.93
CA GLY C 124 0.25 -8.02 -7.80
C GLY C 124 0.44 -8.52 -9.22
N HIS C 125 1.50 -8.04 -9.87
CA HIS C 125 1.81 -8.48 -11.22
C HIS C 125 2.40 -9.89 -11.19
N ILE C 126 2.13 -10.65 -12.24
CA ILE C 126 2.45 -12.07 -12.27
C ILE C 126 2.67 -12.53 -13.70
N GLU C 127 3.86 -13.07 -13.97
CA GLU C 127 4.22 -13.51 -15.32
C GLU C 127 3.79 -14.96 -15.53
N LEU C 128 3.33 -15.25 -16.75
CA LEU C 128 2.79 -16.56 -17.10
C LEU C 128 3.60 -17.15 -18.25
N HIS C 129 4.15 -18.34 -18.03
CA HIS C 129 4.89 -19.05 -19.07
C HIS C 129 3.95 -19.40 -20.23
N PRO C 130 4.44 -19.37 -21.47
CA PRO C 130 3.57 -19.70 -22.61
C PRO C 130 2.93 -21.07 -22.51
N LEU C 131 3.64 -22.06 -21.97
CA LEU C 131 3.03 -23.37 -21.75
C LEU C 131 1.87 -23.26 -20.75
N LEU C 132 2.06 -22.47 -19.69
CA LEU C 132 0.96 -22.24 -18.75
C LEU C 132 -0.23 -21.59 -19.44
N VAL C 133 0.04 -20.60 -20.30
CA VAL C 133 -1.05 -19.91 -21.00
C VAL C 133 -1.80 -20.87 -21.90
N ARG C 134 -1.08 -21.80 -22.55
CA ARG C 134 -1.74 -22.78 -23.41
C ARG C 134 -2.65 -23.69 -22.61
N ILE C 135 -2.25 -24.04 -21.38
CA ILE C 135 -3.08 -24.87 -20.53
C ILE C 135 -4.27 -24.07 -20.00
N ILE C 136 -4.05 -22.81 -19.63
CA ILE C 136 -5.13 -21.98 -19.12
C ILE C 136 -6.19 -21.73 -20.20
N ASP C 137 -5.78 -21.66 -21.46
CA ASP C 137 -6.71 -21.36 -22.54
C ASP C 137 -7.31 -22.64 -23.11
N THR C 138 -8.06 -23.33 -22.25
CA THR C 138 -8.72 -24.59 -22.55
C THR C 138 -10.03 -24.62 -21.78
N PRO C 139 -11.10 -25.18 -22.37
CA PRO C 139 -12.38 -25.23 -21.64
C PRO C 139 -12.31 -26.04 -20.35
N GLN C 140 -11.40 -27.01 -20.27
CA GLN C 140 -11.24 -27.78 -19.04
C GLN C 140 -10.76 -26.90 -17.90
N PHE C 141 -9.93 -25.89 -18.21
CA PHE C 141 -9.45 -24.97 -17.19
C PHE C 141 -10.39 -23.79 -17.00
N GLN C 142 -10.93 -23.23 -18.08
CA GLN C 142 -11.80 -22.06 -17.98
C GLN C 142 -13.13 -22.37 -17.31
N ARG C 143 -13.49 -23.64 -17.14
CA ARG C 143 -14.67 -23.98 -16.36
C ARG C 143 -14.52 -23.60 -14.90
N LEU C 144 -13.28 -23.42 -14.42
CA LEU C 144 -13.06 -22.95 -13.06
C LEU C 144 -13.59 -21.54 -12.86
N ARG C 145 -13.78 -20.77 -13.93
CA ARG C 145 -14.38 -19.45 -13.81
C ARG C 145 -15.82 -19.52 -13.32
N TYR C 146 -16.44 -20.70 -13.39
CA TYR C 146 -17.84 -20.88 -13.04
C TYR C 146 -18.00 -21.83 -11.86
N ILE C 147 -17.03 -21.81 -10.94
CA ILE C 147 -17.05 -22.61 -9.72
C ILE C 147 -16.75 -21.66 -8.56
N LYS C 148 -17.72 -21.46 -7.69
CA LYS C 148 -17.53 -20.56 -6.55
C LYS C 148 -16.54 -21.16 -5.56
N GLN C 149 -15.54 -20.37 -5.17
CA GLN C 149 -14.49 -20.86 -4.29
C GLN C 149 -15.06 -21.33 -2.95
N LEU C 150 -15.95 -20.53 -2.36
CA LEU C 150 -16.54 -20.86 -1.06
C LEU C 150 -17.95 -21.42 -1.18
N GLY C 151 -18.51 -21.47 -2.39
CA GLY C 151 -19.81 -22.09 -2.56
C GLY C 151 -20.92 -21.25 -1.94
N GLY C 152 -21.71 -21.89 -1.08
CA GLY C 152 -22.83 -21.21 -0.44
C GLY C 152 -22.44 -20.04 0.43
N GLY C 153 -21.17 -19.95 0.82
CA GLY C 153 -20.69 -18.81 1.58
C GLY C 153 -20.91 -17.47 0.89
N TYR C 154 -21.02 -17.46 -0.43
CA TYR C 154 -21.33 -16.23 -1.15
C TYR C 154 -22.69 -15.68 -0.75
N TYR C 155 -23.65 -16.56 -0.45
CA TYR C 155 -24.97 -16.13 -0.01
C TYR C 155 -24.98 -15.62 1.43
N VAL C 156 -23.82 -15.57 2.09
CA VAL C 156 -23.68 -14.98 3.41
C VAL C 156 -22.67 -13.85 3.42
N PHE C 157 -21.53 -14.05 2.76
CA PHE C 157 -20.52 -13.00 2.60
C PHE C 157 -20.58 -12.51 1.16
N PRO C 158 -21.08 -11.31 0.89
CA PRO C 158 -21.17 -10.83 -0.50
C PRO C 158 -19.81 -10.71 -1.17
N GLY C 159 -18.76 -10.35 -0.42
CA GLY C 159 -17.44 -10.24 -1.01
C GLY C 159 -16.87 -11.56 -1.46
N ALA C 160 -17.40 -12.68 -0.96
CA ALA C 160 -16.89 -14.01 -1.32
C ALA C 160 -17.48 -14.48 -2.65
N SER C 161 -17.18 -13.70 -3.69
CA SER C 161 -17.61 -14.03 -5.04
C SER C 161 -16.47 -14.55 -5.91
N HIS C 162 -15.29 -14.76 -5.32
CA HIS C 162 -14.15 -15.27 -6.07
C HIS C 162 -14.37 -16.72 -6.47
N ASN C 163 -13.68 -17.13 -7.53
CA ASN C 163 -13.83 -18.46 -8.11
C ASN C 163 -12.51 -19.21 -8.07
N ARG C 164 -12.57 -20.49 -8.46
CA ARG C 164 -11.40 -21.35 -8.41
C ARG C 164 -10.39 -21.02 -9.50
N PHE C 165 -10.81 -20.30 -10.55
CA PHE C 165 -9.88 -19.96 -11.63
C PHE C 165 -8.73 -19.10 -11.13
N GLU C 166 -9.05 -17.97 -10.47
CA GLU C 166 -8.01 -17.10 -9.95
C GLU C 166 -7.23 -17.77 -8.82
N HIS C 167 -7.88 -18.65 -8.06
CA HIS C 167 -7.16 -19.40 -7.02
C HIS C 167 -6.12 -20.31 -7.64
N SER C 168 -6.44 -20.95 -8.76
CA SER C 168 -5.48 -21.82 -9.43
C SER C 168 -4.31 -21.02 -9.98
N LEU C 169 -4.57 -19.83 -10.53
CA LEU C 169 -3.50 -19.00 -11.05
C LEU C 169 -2.53 -18.60 -9.93
N GLY C 170 -3.06 -18.27 -8.75
CA GLY C 170 -2.20 -17.87 -7.65
C GLY C 170 -1.38 -19.02 -7.10
N VAL C 171 -1.97 -20.21 -7.02
CA VAL C 171 -1.25 -21.36 -6.49
C VAL C 171 -0.12 -21.77 -7.43
N GLY C 172 -0.38 -21.78 -8.74
CA GLY C 172 0.68 -22.04 -9.69
C GLY C 172 1.81 -21.02 -9.61
N TYR C 173 1.45 -19.74 -9.48
CA TYR C 173 2.44 -18.69 -9.31
C TYR C 173 3.22 -18.88 -8.01
N LEU C 174 2.51 -19.19 -6.93
CA LEU C 174 3.16 -19.31 -5.62
C LEU C 174 4.07 -20.52 -5.57
N ALA C 175 3.66 -21.62 -6.20
CA ALA C 175 4.52 -22.79 -6.27
C ALA C 175 5.76 -22.53 -7.11
N GLY C 176 5.61 -21.78 -8.20
CA GLY C 176 6.77 -21.42 -9.00
C GLY C 176 7.72 -20.49 -8.28
N CYS C 177 7.16 -19.56 -7.49
CA CYS C 177 8.01 -18.66 -6.70
C CYS C 177 8.87 -19.45 -5.72
N LEU C 178 8.28 -20.42 -5.03
CA LEU C 178 9.00 -21.15 -3.99
C LEU C 178 10.08 -22.04 -4.60
N VAL C 179 9.75 -22.75 -5.68
CA VAL C 179 10.73 -23.67 -6.27
C VAL C 179 11.85 -22.89 -6.96
N HIS C 180 11.55 -21.70 -7.48
CA HIS C 180 12.60 -20.88 -8.08
C HIS C 180 13.52 -20.30 -7.01
N ALA C 181 12.96 -19.92 -5.86
CA ALA C 181 13.79 -19.39 -4.78
C ALA C 181 14.71 -20.46 -4.23
N LEU C 182 14.20 -21.68 -4.02
CA LEU C 182 15.03 -22.76 -3.51
C LEU C 182 16.18 -23.06 -4.47
N GLY C 183 15.92 -23.00 -5.78
CA GLY C 183 16.97 -23.29 -6.74
C GLY C 183 18.03 -22.21 -6.80
N GLU C 184 17.63 -20.95 -6.63
CA GLU C 184 18.59 -19.86 -6.69
C GLU C 184 19.48 -19.84 -5.45
N LYS C 185 18.90 -20.05 -4.27
CA LYS C 185 19.69 -20.02 -3.04
C LYS C 185 20.55 -21.27 -2.89
N GLN C 186 20.08 -22.41 -3.38
CA GLN C 186 20.77 -23.68 -3.22
C GLN C 186 20.91 -24.36 -4.58
N PRO C 187 21.95 -24.00 -5.34
CA PRO C 187 22.15 -24.66 -6.65
C PRO C 187 22.56 -26.12 -6.54
N GLU C 188 23.01 -26.57 -5.37
CA GLU C 188 23.38 -27.98 -5.21
C GLU C 188 22.17 -28.91 -5.18
N LEU C 189 20.95 -28.36 -5.18
CA LEU C 189 19.75 -29.19 -5.21
C LEU C 189 19.45 -29.75 -6.59
N GLN C 190 20.10 -29.23 -7.63
CA GLN C 190 19.92 -29.68 -9.01
C GLN C 190 18.46 -29.53 -9.46
N ILE C 191 17.99 -28.28 -9.39
CA ILE C 191 16.63 -27.94 -9.80
C ILE C 191 16.70 -27.23 -11.15
N SER C 192 16.10 -27.84 -12.16
CA SER C 192 16.10 -27.30 -13.51
C SER C 192 14.84 -26.48 -13.76
N GLU C 193 14.84 -25.78 -14.89
CA GLU C 193 13.63 -25.06 -15.30
C GLU C 193 12.54 -26.03 -15.74
N ARG C 194 12.90 -27.28 -16.07
CA ARG C 194 11.88 -28.30 -16.30
C ARG C 194 11.18 -28.66 -15.00
N ASP C 195 11.92 -28.74 -13.90
CA ASP C 195 11.30 -29.01 -12.60
C ASP C 195 10.44 -27.84 -12.15
N VAL C 196 10.93 -26.62 -12.35
CA VAL C 196 10.15 -25.43 -12.01
C VAL C 196 8.84 -25.41 -12.79
N LEU C 197 8.93 -25.71 -14.10
CA LEU C 197 7.73 -25.70 -14.94
C LEU C 197 6.72 -26.74 -14.46
N CYS C 198 7.19 -27.95 -14.13
CA CYS C 198 6.29 -29.02 -13.72
C CYS C 198 5.55 -28.66 -12.43
N VAL C 199 6.25 -28.04 -11.48
CA VAL C 199 5.61 -27.65 -10.23
C VAL C 199 4.60 -26.53 -10.48
N GLN C 200 4.91 -25.63 -11.41
CA GLN C 200 3.94 -24.60 -11.79
C GLN C 200 2.68 -25.21 -12.37
N ILE C 201 2.83 -26.19 -13.26
CA ILE C 201 1.67 -26.87 -13.84
C ILE C 201 0.83 -27.52 -12.74
N ALA C 202 1.50 -28.18 -11.79
CA ALA C 202 0.78 -28.89 -10.73
C ALA C 202 -0.01 -27.92 -9.87
N GLY C 203 0.62 -26.83 -9.44
CA GLY C 203 -0.10 -25.82 -8.68
C GLY C 203 -1.26 -25.22 -9.46
N LEU C 204 -1.11 -25.12 -10.78
CA LEU C 204 -2.16 -24.56 -11.62
C LEU C 204 -3.31 -25.52 -11.84
N CYS C 205 -3.07 -26.83 -11.72
CA CYS C 205 -4.03 -27.85 -12.12
C CYS C 205 -4.57 -28.66 -10.94
N HIS C 206 -4.23 -28.28 -9.71
CA HIS C 206 -4.59 -29.10 -8.56
C HIS C 206 -6.09 -29.09 -8.26
N ASP C 207 -6.82 -28.09 -8.77
CA ASP C 207 -8.24 -27.95 -8.46
C ASP C 207 -9.13 -28.13 -9.68
N LEU C 208 -8.62 -28.76 -10.74
CA LEU C 208 -9.41 -28.95 -11.95
C LEU C 208 -10.63 -29.82 -11.69
N GLY C 209 -10.57 -30.70 -10.70
CA GLY C 209 -11.63 -31.66 -10.50
C GLY C 209 -12.70 -31.24 -9.50
N HIS C 210 -12.87 -29.93 -9.32
CA HIS C 210 -13.90 -29.44 -8.41
C HIS C 210 -15.25 -29.39 -9.10
N GLY C 211 -16.29 -29.76 -8.36
CA GLY C 211 -17.65 -29.71 -8.88
C GLY C 211 -18.32 -28.39 -8.56
N PRO C 212 -19.61 -28.30 -8.85
CA PRO C 212 -20.35 -27.06 -8.55
C PRO C 212 -20.27 -26.72 -7.06
N PHE C 213 -20.00 -25.45 -6.77
CA PHE C 213 -19.88 -24.93 -5.41
C PHE C 213 -18.77 -25.64 -4.63
N SER C 214 -17.71 -26.02 -5.35
CA SER C 214 -16.48 -26.57 -4.78
C SER C 214 -16.73 -27.71 -3.79
N HIS C 215 -16.41 -27.48 -2.51
CA HIS C 215 -16.38 -28.54 -1.51
C HIS C 215 -17.76 -29.10 -1.18
N MET C 216 -18.83 -28.46 -1.62
CA MET C 216 -20.17 -28.99 -1.39
C MET C 216 -20.45 -30.19 -2.29
N PHE C 217 -19.71 -30.35 -3.37
CA PHE C 217 -20.00 -31.40 -4.34
C PHE C 217 -19.40 -32.75 -3.92
N ASP C 218 -18.09 -32.78 -3.66
CA ASP C 218 -17.46 -34.02 -3.23
C ASP C 218 -17.49 -34.21 -1.72
N GLY C 219 -17.69 -33.13 -0.96
CA GLY C 219 -17.79 -33.28 0.49
C GLY C 219 -19.13 -33.81 0.93
N ARG C 220 -20.18 -33.58 0.13
CA ARG C 220 -21.52 -33.93 0.58
C ARG C 220 -22.38 -34.56 -0.51
N PHE C 221 -22.41 -33.96 -1.71
CA PHE C 221 -23.38 -34.40 -2.71
C PHE C 221 -23.10 -35.80 -3.20
N ILE C 222 -21.84 -36.10 -3.53
CA ILE C 222 -21.48 -37.42 -4.04
C ILE C 222 -21.67 -38.48 -2.97
N PRO C 223 -21.27 -38.25 -1.70
CA PRO C 223 -21.59 -39.24 -0.67
C PRO C 223 -23.09 -39.47 -0.48
N LEU C 224 -23.93 -38.48 -0.78
CA LEU C 224 -25.36 -38.65 -0.60
C LEU C 224 -26.03 -39.27 -1.82
N ALA C 225 -25.56 -38.96 -3.02
CA ALA C 225 -26.16 -39.53 -4.22
C ALA C 225 -25.60 -40.91 -4.52
N ARG C 226 -24.31 -41.11 -4.32
CA ARG C 226 -23.63 -42.38 -4.58
C ARG C 226 -22.73 -42.70 -3.40
N PRO C 227 -23.29 -43.18 -2.29
CA PRO C 227 -22.46 -43.46 -1.10
C PRO C 227 -21.49 -44.61 -1.29
N GLU C 228 -21.68 -45.44 -2.32
CA GLU C 228 -20.82 -46.61 -2.51
C GLU C 228 -19.51 -46.28 -3.18
N VAL C 229 -19.41 -45.15 -3.87
CA VAL C 229 -18.21 -44.80 -4.61
C VAL C 229 -17.26 -44.02 -3.70
N LYS C 230 -15.97 -44.17 -3.96
CA LYS C 230 -14.92 -43.41 -3.28
C LYS C 230 -14.39 -42.38 -4.26
N TRP C 231 -14.73 -41.12 -4.02
CA TRP C 231 -14.42 -40.04 -4.96
C TRP C 231 -13.95 -38.81 -4.19
N THR C 232 -12.82 -38.25 -4.62
CA THR C 232 -12.35 -36.96 -4.12
C THR C 232 -12.08 -36.06 -5.32
N HIS C 233 -12.06 -34.75 -5.07
CA HIS C 233 -11.86 -33.80 -6.15
C HIS C 233 -10.42 -33.83 -6.68
N GLU C 234 -9.48 -34.39 -5.93
CA GLU C 234 -8.11 -34.51 -6.42
C GLU C 234 -8.01 -35.58 -7.51
N GLN C 235 -8.73 -36.69 -7.34
CA GLN C 235 -8.79 -37.69 -8.40
C GLN C 235 -9.44 -37.11 -9.65
N GLY C 236 -10.45 -36.26 -9.47
CA GLY C 236 -11.06 -35.58 -10.60
C GLY C 236 -10.12 -34.59 -11.25
N SER C 237 -9.26 -33.95 -10.46
CA SER C 237 -8.27 -33.03 -11.04
C SER C 237 -7.27 -33.79 -11.89
N VAL C 238 -6.84 -34.97 -11.44
CA VAL C 238 -5.94 -35.81 -12.24
C VAL C 238 -6.62 -36.22 -13.54
N MET C 239 -7.88 -36.67 -13.46
CA MET C 239 -8.60 -37.07 -14.66
C MET C 239 -8.87 -35.89 -15.57
N MET C 240 -9.24 -34.75 -14.99
CA MET C 240 -9.43 -33.53 -15.78
C MET C 240 -8.12 -33.12 -16.47
N PHE C 241 -7.00 -33.34 -15.79
CA PHE C 241 -5.69 -33.05 -16.39
C PHE C 241 -5.46 -33.87 -17.65
N GLU C 242 -5.67 -35.19 -17.55
CA GLU C 242 -5.55 -36.07 -18.71
C GLU C 242 -6.42 -35.59 -19.85
N HIS C 243 -7.68 -35.25 -19.54
CA HIS C 243 -8.60 -34.80 -20.58
C HIS C 243 -8.16 -33.47 -21.19
N LEU C 244 -7.53 -32.61 -20.38
CA LEU C 244 -7.08 -31.32 -20.90
C LEU C 244 -5.93 -31.50 -21.88
N ILE C 245 -4.86 -32.18 -21.45
CA ILE C 245 -3.66 -32.31 -22.26
C ILE C 245 -3.93 -33.06 -23.56
N ASN C 246 -4.84 -34.02 -23.53
CA ASN C 246 -5.05 -34.91 -24.67
C ASN C 246 -6.18 -34.46 -25.58
N SER C 247 -7.03 -33.54 -25.15
CA SER C 247 -8.02 -32.94 -26.02
C SER C 247 -7.56 -31.62 -26.61
N ASN C 248 -6.40 -31.10 -26.19
CA ASN C 248 -5.91 -29.81 -26.64
C ASN C 248 -4.50 -29.85 -27.22
N GLY C 249 -3.95 -31.05 -27.42
CA GLY C 249 -2.61 -31.18 -27.98
C GLY C 249 -1.54 -30.46 -27.17
N ILE C 250 -1.48 -30.74 -25.88
CA ILE C 250 -0.52 -30.07 -25.01
C ILE C 250 0.83 -30.78 -25.00
N LYS C 251 0.84 -32.10 -25.18
CA LYS C 251 2.11 -32.84 -25.20
C LYS C 251 3.11 -32.32 -26.21
N PRO C 252 2.76 -32.00 -27.46
CA PRO C 252 3.75 -31.37 -28.35
C PRO C 252 4.25 -30.04 -27.82
N VAL C 253 3.41 -29.28 -27.12
CA VAL C 253 3.85 -28.02 -26.55
C VAL C 253 4.74 -28.26 -25.33
N MET C 254 4.55 -29.37 -24.63
CA MET C 254 5.40 -29.69 -23.49
C MET C 254 6.81 -30.02 -23.95
N GLU C 255 6.93 -30.86 -24.98
CA GLU C 255 8.24 -31.11 -25.59
C GLU C 255 8.85 -29.81 -26.10
N GLN C 256 8.01 -28.92 -26.62
CA GLN C 256 8.48 -27.64 -27.15
C GLN C 256 9.24 -26.84 -26.10
N TYR C 257 8.91 -27.00 -24.83
CA TYR C 257 9.51 -26.21 -23.75
C TYR C 257 10.37 -27.05 -22.82
N GLY C 258 10.94 -28.15 -23.32
CA GLY C 258 11.90 -28.92 -22.57
C GLY C 258 11.34 -29.95 -21.62
N LEU C 259 10.05 -30.27 -21.72
CA LEU C 259 9.43 -31.25 -20.83
C LEU C 259 9.31 -32.59 -21.54
N ILE C 260 9.66 -33.65 -20.82
CA ILE C 260 9.50 -35.01 -21.33
C ILE C 260 8.18 -35.55 -20.80
N PRO C 261 7.13 -35.61 -21.63
CA PRO C 261 5.79 -35.88 -21.09
C PRO C 261 5.65 -37.21 -20.37
N GLU C 262 6.39 -38.24 -20.78
CA GLU C 262 6.23 -39.56 -20.16
C GLU C 262 6.49 -39.50 -18.66
N GLU C 263 7.57 -38.82 -18.26
CA GLU C 263 7.92 -38.69 -16.85
C GLU C 263 7.20 -37.51 -16.19
N ASP C 264 7.03 -36.42 -16.92
CA ASP C 264 6.53 -35.19 -16.30
C ASP C 264 5.02 -35.23 -16.06
N ILE C 265 4.29 -35.99 -16.87
CA ILE C 265 2.87 -36.21 -16.58
C ILE C 265 2.71 -36.96 -15.27
N CYS C 266 3.45 -38.07 -15.11
CA CYS C 266 3.43 -38.81 -13.85
C CYS C 266 3.83 -37.93 -12.68
N PHE C 267 4.82 -37.06 -12.89
CA PHE C 267 5.28 -36.19 -11.80
C PHE C 267 4.20 -35.21 -11.37
N ILE C 268 3.54 -34.57 -12.35
CA ILE C 268 2.51 -33.59 -12.02
C ILE C 268 1.32 -34.26 -11.33
N LYS C 269 0.87 -35.40 -11.88
CA LYS C 269 -0.20 -36.15 -11.24
C LYS C 269 0.18 -36.55 -9.82
N GLU C 270 1.43 -36.95 -9.61
CA GLU C 270 1.85 -37.45 -8.30
C GLU C 270 1.77 -36.37 -7.25
N GLN C 271 2.24 -35.15 -7.56
CA GLN C 271 2.16 -34.08 -6.58
C GLN C 271 0.77 -33.47 -6.46
N ILE C 272 -0.15 -33.82 -7.36
CA ILE C 272 -1.53 -33.35 -7.26
C ILE C 272 -2.36 -34.26 -6.36
N VAL C 273 -2.23 -35.58 -6.50
CA VAL C 273 -3.12 -36.51 -5.83
C VAL C 273 -2.35 -37.39 -4.84
N GLY C 274 -1.06 -37.62 -5.11
CA GLY C 274 -0.27 -38.50 -4.29
C GLY C 274 0.21 -39.71 -5.08
N PRO C 275 0.74 -40.71 -4.38
CA PRO C 275 1.19 -41.93 -5.06
C PRO C 275 0.04 -42.61 -5.79
N LEU C 276 0.20 -42.76 -7.10
CA LEU C 276 -0.83 -43.36 -7.94
C LEU C 276 -1.05 -44.82 -7.58
N LEU C 284 9.45 -48.11 1.22
CA LEU C 284 9.79 -47.98 -0.19
C LEU C 284 9.30 -46.64 -0.75
N TRP C 285 10.17 -45.99 -1.51
CA TRP C 285 9.83 -44.71 -2.14
C TRP C 285 8.67 -44.89 -3.10
N PRO C 286 7.52 -44.25 -2.86
CA PRO C 286 6.31 -44.55 -3.62
C PRO C 286 6.11 -43.71 -4.88
N TYR C 287 7.03 -42.83 -5.23
CA TYR C 287 6.85 -41.94 -6.36
C TYR C 287 7.68 -42.39 -7.56
N LYS C 288 7.21 -42.01 -8.75
CA LYS C 288 7.89 -42.35 -10.00
C LYS C 288 8.30 -41.13 -10.83
N GLY C 289 7.70 -39.97 -10.60
CA GLY C 289 8.01 -38.82 -11.43
C GLY C 289 9.38 -38.25 -11.15
N ARG C 290 9.80 -38.27 -9.89
CA ARG C 290 11.11 -37.74 -9.49
C ARG C 290 11.73 -38.68 -8.48
N PRO C 291 13.06 -38.77 -8.46
CA PRO C 291 13.73 -39.65 -7.49
C PRO C 291 13.66 -39.11 -6.07
N GLU C 292 14.20 -39.87 -5.12
CA GLU C 292 14.11 -39.48 -3.70
C GLU C 292 14.89 -38.20 -3.41
N ASN C 293 15.98 -37.96 -4.13
CA ASN C 293 16.78 -36.76 -3.90
C ASN C 293 16.05 -35.47 -4.27
N LYS C 294 14.83 -35.56 -4.80
CA LYS C 294 14.02 -34.40 -5.11
C LYS C 294 12.67 -34.47 -4.39
N SER C 295 12.64 -35.19 -3.26
CA SER C 295 11.38 -35.44 -2.55
C SER C 295 10.72 -34.14 -2.10
N PHE C 296 11.51 -33.10 -1.82
CA PHE C 296 10.95 -31.84 -1.35
C PHE C 296 10.06 -31.18 -2.38
N LEU C 297 10.19 -31.55 -3.66
CA LEU C 297 9.30 -31.01 -4.68
C LEU C 297 7.85 -31.42 -4.43
N TYR C 298 7.64 -32.56 -3.80
CA TYR C 298 6.30 -33.06 -3.52
C TYR C 298 5.64 -32.38 -2.32
N GLU C 299 6.32 -31.43 -1.69
CA GLU C 299 5.80 -30.70 -0.54
C GLU C 299 5.18 -29.36 -0.90
N ILE C 300 5.35 -28.90 -2.15
CA ILE C 300 5.07 -27.51 -2.47
C ILE C 300 3.57 -27.27 -2.66
N VAL C 301 2.93 -28.05 -3.54
CA VAL C 301 1.55 -27.74 -3.91
C VAL C 301 0.55 -28.39 -2.96
N SER C 302 0.88 -29.52 -2.33
CA SER C 302 -0.02 -30.16 -1.38
C SER C 302 0.81 -31.04 -0.46
N ASN C 303 1.16 -30.52 0.71
CA ASN C 303 1.94 -31.26 1.68
C ASN C 303 1.04 -32.24 2.44
N LYS C 304 1.45 -33.50 2.49
CA LYS C 304 0.70 -34.51 3.21
C LYS C 304 1.22 -34.74 4.62
N ARG C 305 2.45 -34.32 4.91
CA ARG C 305 3.04 -34.50 6.23
C ARG C 305 2.40 -33.55 7.24
N ASN C 306 2.67 -32.25 7.10
CA ASN C 306 2.11 -31.25 8.00
C ASN C 306 0.87 -30.56 7.44
N GLY C 307 0.64 -30.66 6.13
CA GLY C 307 -0.49 -30.00 5.51
C GLY C 307 -0.26 -28.56 5.12
N ILE C 308 0.95 -28.03 5.29
CA ILE C 308 1.25 -26.65 4.94
C ILE C 308 1.81 -26.63 3.52
N ASP C 309 1.06 -26.03 2.60
CA ASP C 309 1.46 -25.93 1.21
C ASP C 309 1.17 -24.52 0.71
N VAL C 310 1.47 -24.28 -0.56
CA VAL C 310 1.12 -22.99 -1.17
C VAL C 310 -0.35 -22.92 -1.53
N ASP C 311 -1.04 -24.06 -1.61
CA ASP C 311 -2.48 -24.04 -1.83
C ASP C 311 -3.20 -23.35 -0.67
N LYS C 312 -2.85 -23.73 0.56
CA LYS C 312 -3.48 -23.11 1.72
C LYS C 312 -3.07 -21.66 1.87
N TRP C 313 -1.82 -21.33 1.55
CA TRP C 313 -1.38 -19.94 1.61
C TRP C 313 -2.25 -19.05 0.73
N ASP C 314 -2.52 -19.49 -0.50
CA ASP C 314 -3.24 -18.66 -1.44
C ASP C 314 -4.68 -18.41 -0.98
N TYR C 315 -5.39 -19.47 -0.59
CA TYR C 315 -6.78 -19.27 -0.22
C TYR C 315 -6.94 -18.72 1.19
N PHE C 316 -5.89 -18.76 2.02
CA PHE C 316 -5.91 -17.97 3.24
C PHE C 316 -5.91 -16.48 2.92
N ALA C 317 -4.97 -16.05 2.08
CA ALA C 317 -4.88 -14.64 1.72
C ALA C 317 -6.08 -14.19 0.89
N ARG C 318 -6.55 -15.06 -0.01
CA ARG C 318 -7.64 -14.67 -0.90
C ARG C 318 -8.97 -14.60 -0.16
N ASP C 319 -9.23 -15.57 0.72
CA ASP C 319 -10.48 -15.54 1.48
C ASP C 319 -10.52 -14.37 2.44
N CYS C 320 -9.42 -14.15 3.18
CA CYS C 320 -9.35 -13.00 4.07
C CYS C 320 -9.57 -11.70 3.30
N HIS C 321 -9.04 -11.62 2.08
CA HIS C 321 -9.20 -10.42 1.27
C HIS C 321 -10.66 -10.18 0.89
N HIS C 322 -11.40 -11.26 0.59
CA HIS C 322 -12.76 -11.14 0.11
C HIS C 322 -13.80 -11.12 1.23
N LEU C 323 -13.49 -11.70 2.38
CA LEU C 323 -14.45 -11.80 3.48
C LEU C 323 -14.43 -10.59 4.41
N GLY C 324 -13.39 -9.76 4.34
CA GLY C 324 -13.22 -8.68 5.29
C GLY C 324 -12.46 -9.07 6.55
N ILE C 325 -11.98 -10.31 6.62
CA ILE C 325 -11.18 -10.76 7.75
C ILE C 325 -9.74 -10.35 7.52
N GLN C 326 -9.04 -10.01 8.60
CA GLN C 326 -7.67 -9.53 8.49
C GLN C 326 -6.70 -10.71 8.42
N ASN C 327 -5.80 -10.67 7.43
CA ASN C 327 -4.78 -11.69 7.26
C ASN C 327 -3.50 -11.19 7.91
N ASN C 328 -3.11 -11.83 9.01
CA ASN C 328 -1.88 -11.50 9.72
C ASN C 328 -0.71 -12.34 9.26
N PHE C 329 -0.77 -12.85 8.04
CA PHE C 329 0.15 -13.86 7.54
C PHE C 329 0.80 -13.37 6.26
N ASP C 330 2.14 -13.43 6.20
CA ASP C 330 2.90 -12.96 5.05
C ASP C 330 3.57 -14.17 4.39
N TYR C 331 2.96 -14.68 3.33
CA TYR C 331 3.54 -15.81 2.60
C TYR C 331 4.84 -15.41 1.91
N LYS C 332 4.98 -14.14 1.54
CA LYS C 332 6.22 -13.69 0.91
C LYS C 332 7.41 -13.83 1.86
N ARG C 333 7.17 -13.70 3.16
CA ARG C 333 8.25 -13.86 4.13
C ARG C 333 8.79 -15.29 4.10
N PHE C 334 7.90 -16.27 3.98
CA PHE C 334 8.35 -17.67 3.97
C PHE C 334 9.08 -18.00 2.67
N ILE C 335 8.50 -17.64 1.53
CA ILE C 335 9.13 -17.95 0.25
C ILE C 335 10.51 -17.31 0.16
N LYS C 336 10.62 -16.03 0.54
CA LYS C 336 11.88 -15.31 0.42
C LYS C 336 12.98 -15.93 1.27
N PHE C 337 12.62 -16.55 2.38
CA PHE C 337 13.58 -17.03 3.37
C PHE C 337 13.56 -18.54 3.52
N ALA C 338 12.84 -19.25 2.64
CA ALA C 338 12.74 -20.70 2.74
C ALA C 338 14.04 -21.37 2.28
N ARG C 339 14.24 -22.59 2.79
CA ARG C 339 15.47 -23.34 2.53
C ARG C 339 15.14 -24.82 2.60
N VAL C 340 15.94 -25.62 1.89
CA VAL C 340 15.86 -27.07 1.95
C VAL C 340 16.97 -27.56 2.87
N CYS C 341 16.60 -28.22 3.96
CA CYS C 341 17.55 -28.66 4.97
C CYS C 341 17.35 -30.14 5.27
N GLU C 342 18.34 -30.74 5.94
CA GLU C 342 18.34 -32.17 6.22
C GLU C 342 17.66 -32.41 7.57
N VAL C 343 16.63 -33.25 7.56
CA VAL C 343 15.89 -33.62 8.77
C VAL C 343 15.68 -35.12 8.77
N ASP C 344 16.40 -35.82 9.63
CA ASP C 344 16.22 -37.26 9.89
C ASP C 344 16.33 -38.07 8.60
N ASN C 345 17.53 -38.03 8.00
CA ASN C 345 17.88 -38.77 6.80
C ASN C 345 16.98 -38.43 5.61
N GLU C 346 16.28 -37.30 5.67
CA GLU C 346 15.39 -36.88 4.61
C GLU C 346 15.63 -35.41 4.27
N LEU C 347 15.22 -35.03 3.07
CA LEU C 347 15.28 -33.64 2.61
C LEU C 347 13.87 -33.06 2.64
N ARG C 348 13.69 -32.01 3.43
CA ARG C 348 12.40 -31.35 3.57
C ARG C 348 12.60 -29.85 3.52
N ILE C 349 11.55 -29.13 3.10
CA ILE C 349 11.61 -27.68 3.05
C ILE C 349 11.58 -27.12 4.47
N CYS C 350 12.50 -26.19 4.76
CA CYS C 350 12.70 -25.70 6.11
C CYS C 350 12.58 -24.18 6.12
N ALA C 351 11.90 -23.66 7.15
CA ALA C 351 11.79 -22.23 7.38
C ALA C 351 12.76 -21.82 8.49
N ARG C 352 13.23 -20.58 8.43
CA ARG C 352 14.20 -20.16 9.42
C ARG C 352 13.53 -19.85 10.75
N ASP C 353 14.35 -19.79 11.80
CA ASP C 353 13.85 -19.55 13.15
C ASP C 353 13.17 -18.19 13.27
N LYS C 354 13.60 -17.21 12.47
CA LYS C 354 13.04 -15.87 12.53
C LYS C 354 11.58 -15.82 12.10
N GLU C 355 11.07 -16.87 11.44
CA GLU C 355 9.73 -16.86 10.89
C GLU C 355 8.72 -17.60 11.75
N VAL C 356 9.06 -17.93 13.00
CA VAL C 356 8.12 -18.64 13.85
C VAL C 356 6.88 -17.79 14.13
N GLY C 357 7.07 -16.48 14.31
CA GLY C 357 5.95 -15.60 14.53
C GLY C 357 5.01 -15.54 13.33
N ASN C 358 5.57 -15.65 12.12
CA ASN C 358 4.73 -15.74 10.93
C ASN C 358 4.00 -17.08 10.88
N LEU C 359 4.60 -18.14 11.40
CA LEU C 359 3.93 -19.44 11.43
C LEU C 359 2.71 -19.42 12.33
N TYR C 360 2.88 -18.89 13.56
CA TYR C 360 1.76 -18.81 14.49
C TYR C 360 0.61 -18.00 13.90
N ASP C 361 0.93 -16.85 13.31
CA ASP C 361 -0.10 -15.99 12.75
C ASP C 361 -0.90 -16.70 11.66
N MET C 362 -0.24 -17.57 10.88
CA MET C 362 -0.96 -18.34 9.87
C MET C 362 -1.97 -19.28 10.53
N PHE C 363 -1.53 -20.02 11.54
CA PHE C 363 -2.44 -20.93 12.25
C PHE C 363 -3.57 -20.17 12.92
N HIS C 364 -3.32 -18.94 13.36
CA HIS C 364 -4.41 -18.12 13.89
C HIS C 364 -5.33 -17.65 12.78
N THR C 365 -4.76 -17.26 11.64
CA THR C 365 -5.58 -16.83 10.51
C THR C 365 -6.50 -17.94 10.05
N ARG C 366 -5.97 -19.17 9.94
CA ARG C 366 -6.81 -20.32 9.62
C ARG C 366 -7.90 -20.51 10.67
N ASN C 367 -7.54 -20.39 11.95
CA ASN C 367 -8.52 -20.54 13.02
C ASN C 367 -9.63 -19.50 12.88
N SER C 368 -9.26 -18.25 12.62
CA SER C 368 -10.27 -17.21 12.42
C SER C 368 -11.06 -17.45 11.14
N LEU C 369 -10.46 -18.09 10.15
CA LEU C 369 -11.18 -18.35 8.90
C LEU C 369 -12.22 -19.44 9.08
N HIS C 370 -11.87 -20.52 9.78
CA HIS C 370 -12.80 -21.63 9.93
C HIS C 370 -13.99 -21.25 10.80
N ARG C 371 -13.73 -20.68 11.98
CA ARG C 371 -14.80 -20.45 12.94
C ARG C 371 -15.74 -19.34 12.50
N ARG C 372 -15.24 -18.35 11.76
CA ARG C 372 -16.07 -17.22 11.36
C ARG C 372 -16.60 -17.33 9.93
N ALA C 373 -16.00 -18.15 9.09
CA ALA C 373 -16.43 -18.21 7.70
C ALA C 373 -16.73 -19.63 7.22
N TYR C 374 -15.88 -20.61 7.55
CA TYR C 374 -16.01 -21.93 6.94
C TYR C 374 -17.14 -22.73 7.57
N GLN C 375 -17.20 -22.80 8.90
CA GLN C 375 -18.35 -23.40 9.56
C GLN C 375 -19.30 -22.33 10.11
N HIS C 376 -19.49 -21.26 9.35
CA HIS C 376 -20.59 -20.34 9.58
C HIS C 376 -21.90 -21.10 9.55
N LYS C 377 -22.76 -20.85 10.54
CA LYS C 377 -23.96 -21.66 10.71
C LYS C 377 -24.90 -21.53 9.52
N VAL C 378 -25.24 -20.30 9.14
CA VAL C 378 -26.18 -20.10 8.04
C VAL C 378 -25.55 -20.54 6.71
N GLY C 379 -24.25 -20.36 6.55
CA GLY C 379 -23.61 -20.76 5.31
C GLY C 379 -23.67 -22.26 5.07
N ASN C 380 -23.43 -23.06 6.11
CA ASN C 380 -23.52 -24.51 5.95
C ASN C 380 -24.95 -24.97 5.76
N ILE C 381 -25.92 -24.24 6.33
CA ILE C 381 -27.32 -24.57 6.08
C ILE C 381 -27.65 -24.41 4.61
N ILE C 382 -27.23 -23.28 4.02
CA ILE C 382 -27.51 -23.04 2.61
C ILE C 382 -26.83 -24.08 1.74
N ASP C 383 -25.61 -24.50 2.11
CA ASP C 383 -24.94 -25.56 1.37
C ASP C 383 -25.76 -26.84 1.37
N THR C 384 -26.41 -27.15 2.49
CA THR C 384 -27.24 -28.35 2.55
C THR C 384 -28.53 -28.19 1.76
N MET C 385 -29.06 -26.97 1.68
CA MET C 385 -30.24 -26.73 0.86
C MET C 385 -29.93 -26.89 -0.62
N ILE C 386 -28.77 -26.43 -1.05
CA ILE C 386 -28.35 -26.64 -2.44
C ILE C 386 -28.16 -28.13 -2.72
N THR C 387 -27.63 -28.87 -1.73
CA THR C 387 -27.47 -30.30 -1.89
C THR C 387 -28.82 -31.00 -1.98
N ASP C 388 -29.79 -30.57 -1.17
CA ASP C 388 -31.12 -31.18 -1.21
C ASP C 388 -31.77 -30.96 -2.58
N ALA C 389 -31.55 -29.78 -3.18
CA ALA C 389 -32.13 -29.52 -4.48
C ALA C 389 -31.41 -30.30 -5.59
N PHE C 390 -30.08 -30.36 -5.52
CA PHE C 390 -29.32 -31.15 -6.49
C PHE C 390 -29.75 -32.60 -6.46
N LEU C 391 -30.00 -33.14 -5.25
CA LEU C 391 -30.47 -34.52 -5.13
C LEU C 391 -31.90 -34.66 -5.66
N LYS C 392 -32.74 -33.65 -5.46
CA LYS C 392 -34.10 -33.70 -5.96
C LYS C 392 -34.18 -33.51 -7.46
N ALA C 393 -33.11 -33.02 -8.09
CA ALA C 393 -33.07 -32.82 -9.53
C ALA C 393 -32.09 -33.77 -10.22
N ASP C 394 -31.45 -34.66 -9.48
CA ASP C 394 -30.44 -35.53 -10.08
C ASP C 394 -31.03 -36.43 -11.15
N ASP C 395 -32.23 -36.96 -10.92
CA ASP C 395 -32.83 -37.90 -11.85
C ASP C 395 -33.36 -37.25 -13.11
N TYR C 396 -33.35 -35.92 -13.22
CA TYR C 396 -33.97 -35.23 -14.33
C TYR C 396 -33.05 -34.31 -15.10
N ILE C 397 -31.87 -34.00 -14.59
CA ILE C 397 -30.92 -33.12 -15.27
C ILE C 397 -30.05 -33.97 -16.19
N GLU C 398 -29.86 -33.51 -17.43
CA GLU C 398 -29.09 -34.24 -18.42
C GLU C 398 -27.82 -33.45 -18.78
N ILE C 399 -26.69 -34.14 -18.79
CA ILE C 399 -25.42 -33.56 -19.21
C ILE C 399 -24.84 -34.49 -20.27
N THR C 400 -24.84 -34.04 -21.52
CA THR C 400 -24.30 -34.85 -22.61
C THR C 400 -22.79 -34.99 -22.46
N GLY C 401 -22.29 -36.22 -22.59
CA GLY C 401 -20.87 -36.47 -22.43
C GLY C 401 -20.21 -36.98 -23.69
N ALA C 402 -19.38 -38.01 -23.53
CA ALA C 402 -18.69 -38.59 -24.68
C ALA C 402 -19.69 -39.32 -25.59
N GLY C 403 -19.62 -39.04 -26.88
CA GLY C 403 -20.50 -39.70 -27.83
C GLY C 403 -21.95 -39.29 -27.73
N GLY C 404 -22.25 -38.20 -27.04
CA GLY C 404 -23.62 -37.78 -26.84
C GLY C 404 -24.37 -38.52 -25.76
N LYS C 405 -23.69 -39.38 -25.00
CA LYS C 405 -24.33 -40.08 -23.90
C LYS C 405 -24.73 -39.08 -22.82
N LYS C 406 -25.98 -39.19 -22.34
CA LYS C 406 -26.49 -38.27 -21.34
C LYS C 406 -26.20 -38.79 -19.93
N TYR C 407 -25.76 -37.88 -19.06
CA TYR C 407 -25.30 -38.23 -17.73
C TYR C 407 -26.12 -37.51 -16.67
N ARG C 408 -26.15 -38.11 -15.49
CA ARG C 408 -26.72 -37.47 -14.31
C ARG C 408 -25.66 -36.60 -13.63
N ILE C 409 -26.13 -35.72 -12.75
CA ILE C 409 -25.20 -34.87 -12.01
C ILE C 409 -24.28 -35.72 -11.14
N SER C 410 -24.81 -36.80 -10.58
CA SER C 410 -24.00 -37.67 -9.73
C SER C 410 -23.09 -38.59 -10.53
N THR C 411 -23.48 -38.94 -11.76
CA THR C 411 -22.68 -39.83 -12.60
C THR C 411 -21.82 -39.09 -13.61
N ALA C 412 -21.87 -37.76 -13.63
CA ALA C 412 -21.04 -37.00 -14.55
C ALA C 412 -19.57 -37.07 -14.19
N ILE C 413 -19.23 -37.49 -12.96
CA ILE C 413 -17.84 -37.65 -12.57
C ILE C 413 -17.18 -38.85 -13.23
N ASP C 414 -17.94 -39.66 -13.97
CA ASP C 414 -17.39 -40.80 -14.67
C ASP C 414 -16.95 -40.47 -16.10
N ASP C 415 -17.38 -39.33 -16.64
CA ASP C 415 -16.94 -38.87 -17.95
C ASP C 415 -16.44 -37.44 -17.83
N MET C 416 -15.21 -37.20 -18.28
CA MET C 416 -14.63 -35.86 -18.17
C MET C 416 -15.20 -34.91 -19.21
N GLU C 417 -15.64 -35.44 -20.34
CA GLU C 417 -16.31 -34.60 -21.34
C GLU C 417 -17.60 -34.01 -20.76
N ALA C 418 -18.36 -34.83 -20.04
CA ALA C 418 -19.57 -34.32 -19.39
C ALA C 418 -19.23 -33.48 -18.17
N TYR C 419 -18.23 -33.92 -17.39
CA TYR C 419 -17.82 -33.16 -16.21
C TYR C 419 -17.32 -31.76 -16.56
N THR C 420 -16.85 -31.56 -17.79
CA THR C 420 -16.43 -30.23 -18.21
C THR C 420 -17.58 -29.24 -18.21
N LYS C 421 -18.80 -29.72 -18.43
CA LYS C 421 -19.98 -28.87 -18.47
C LYS C 421 -20.73 -28.85 -17.13
N LEU C 422 -20.17 -29.46 -16.10
CA LEU C 422 -20.80 -29.48 -14.77
C LEU C 422 -20.24 -28.34 -13.95
N THR C 423 -20.97 -27.22 -13.91
CA THR C 423 -20.52 -26.05 -13.17
C THR C 423 -21.65 -25.50 -12.30
N ASP C 424 -21.48 -24.28 -11.79
CA ASP C 424 -22.52 -23.66 -10.99
C ASP C 424 -23.77 -23.33 -11.79
N ASN C 425 -23.74 -23.50 -13.11
CA ASN C 425 -24.94 -23.26 -13.92
C ASN C 425 -26.05 -24.24 -13.59
N ILE C 426 -25.72 -25.41 -13.03
CA ILE C 426 -26.75 -26.35 -12.60
C ILE C 426 -27.72 -25.68 -11.63
N PHE C 427 -27.19 -24.78 -10.79
CA PHE C 427 -28.05 -23.97 -9.94
C PHE C 427 -29.06 -23.18 -10.76
N LEU C 428 -28.57 -22.33 -11.66
CA LEU C 428 -29.47 -21.46 -12.41
C LEU C 428 -30.30 -22.22 -13.43
N GLU C 429 -29.79 -23.34 -13.95
CA GLU C 429 -30.60 -24.17 -14.82
C GLU C 429 -31.78 -24.77 -14.07
N ILE C 430 -31.59 -25.08 -12.78
CA ILE C 430 -32.70 -25.53 -11.95
C ILE C 430 -33.60 -24.36 -11.58
N LEU C 431 -33.02 -23.21 -11.25
CA LEU C 431 -33.80 -22.07 -10.78
C LEU C 431 -34.70 -21.53 -11.89
N TYR C 432 -34.18 -21.43 -13.11
CA TYR C 432 -34.93 -20.88 -14.23
C TYR C 432 -35.73 -21.92 -14.98
N SER C 433 -35.71 -23.17 -14.54
CA SER C 433 -36.43 -24.23 -15.24
C SER C 433 -37.94 -24.04 -15.12
N THR C 434 -38.66 -24.60 -16.09
CA THR C 434 -40.11 -24.61 -16.08
C THR C 434 -40.68 -26.03 -16.11
N ASP C 435 -39.87 -27.03 -16.39
CA ASP C 435 -40.33 -28.41 -16.44
C ASP C 435 -40.89 -28.81 -15.08
N PRO C 436 -42.07 -29.45 -15.04
CA PRO C 436 -42.66 -29.82 -13.74
C PRO C 436 -41.87 -30.86 -12.96
N LYS C 437 -41.04 -31.67 -13.61
CA LYS C 437 -40.25 -32.66 -12.88
C LYS C 437 -39.24 -32.00 -11.95
N LEU C 438 -38.95 -30.72 -12.15
CA LEU C 438 -38.02 -29.97 -11.32
C LEU C 438 -38.72 -29.04 -10.35
N LYS C 439 -40.05 -29.16 -10.20
CA LYS C 439 -40.79 -28.22 -9.36
C LYS C 439 -40.33 -28.27 -7.92
N ASP C 440 -40.06 -29.47 -7.39
CA ASP C 440 -39.60 -29.60 -6.02
C ASP C 440 -38.19 -29.03 -5.86
N ALA C 441 -37.31 -29.30 -6.82
CA ALA C 441 -35.92 -28.88 -6.70
C ALA C 441 -35.80 -27.36 -6.71
N ARG C 442 -36.46 -26.70 -7.67
CA ARG C 442 -36.40 -25.25 -7.74
C ARG C 442 -37.10 -24.58 -6.57
N GLU C 443 -38.05 -25.27 -5.93
CA GLU C 443 -38.70 -24.70 -4.76
C GLU C 443 -37.70 -24.46 -3.63
N ILE C 444 -36.78 -25.40 -3.42
CA ILE C 444 -35.75 -25.21 -2.40
C ILE C 444 -34.83 -24.07 -2.78
N LEU C 445 -34.49 -23.96 -4.07
CA LEU C 445 -33.68 -22.83 -4.52
C LEU C 445 -34.42 -21.51 -4.31
N LYS C 446 -35.73 -21.50 -4.58
CA LYS C 446 -36.51 -20.30 -4.31
C LYS C 446 -36.59 -20.00 -2.82
N GLN C 447 -36.57 -21.04 -1.98
CA GLN C 447 -36.54 -20.84 -0.54
C GLN C 447 -35.30 -20.07 -0.12
N ILE C 448 -34.17 -20.28 -0.79
CA ILE C 448 -32.95 -19.55 -0.46
C ILE C 448 -33.08 -18.09 -0.85
N GLU C 449 -33.65 -17.81 -2.02
CA GLU C 449 -33.82 -16.43 -2.47
C GLU C 449 -34.81 -15.67 -1.58
N TYR C 450 -35.71 -16.36 -0.91
CA TYR C 450 -36.62 -15.75 0.06
C TYR C 450 -36.09 -15.80 1.49
N ARG C 451 -34.94 -16.45 1.71
CA ARG C 451 -34.34 -16.63 3.03
C ARG C 451 -35.24 -17.38 4.00
N ASN C 452 -36.14 -18.22 3.48
CA ASN C 452 -36.87 -19.15 4.32
C ASN C 452 -36.08 -20.45 4.37
N LEU C 453 -34.99 -20.42 5.13
CA LEU C 453 -34.01 -21.49 5.14
C LEU C 453 -34.39 -22.58 6.13
N PHE C 454 -33.62 -23.66 6.13
CA PHE C 454 -33.80 -24.73 7.09
C PHE C 454 -33.54 -24.21 8.50
N LYS C 455 -34.14 -24.87 9.48
CA LYS C 455 -34.05 -24.44 10.87
C LYS C 455 -32.97 -25.22 11.60
N TYR C 456 -32.13 -24.50 12.34
CA TYR C 456 -31.03 -25.11 13.08
C TYR C 456 -31.58 -25.85 14.30
N VAL C 457 -31.29 -27.15 14.37
CA VAL C 457 -31.80 -27.98 15.46
C VAL C 457 -30.79 -28.11 16.58
N GLY C 458 -29.53 -28.39 16.25
CA GLY C 458 -28.51 -28.51 17.27
C GLY C 458 -27.18 -28.92 16.70
N GLU C 459 -26.24 -29.16 17.61
CA GLU C 459 -24.87 -29.50 17.27
C GLU C 459 -24.33 -30.50 18.28
N THR C 460 -23.42 -31.36 17.83
CA THR C 460 -22.77 -32.32 18.70
C THR C 460 -21.42 -32.69 18.11
N GLN C 461 -20.62 -33.39 18.92
CA GLN C 461 -19.31 -33.88 18.51
C GLN C 461 -19.16 -35.34 18.91
N PRO C 462 -18.48 -36.15 18.09
CA PRO C 462 -18.25 -37.55 18.42
C PRO C 462 -16.94 -37.78 19.18
N THR C 463 -16.69 -36.96 20.20
CA THR C 463 -15.49 -37.14 21.00
C THR C 463 -15.59 -38.44 21.78
N GLY C 464 -14.47 -39.16 21.85
CA GLY C 464 -14.51 -40.50 22.38
C GLY C 464 -15.28 -41.48 21.52
N GLN C 465 -15.42 -41.18 20.23
CA GLN C 465 -16.17 -42.02 19.31
C GLN C 465 -15.47 -42.03 17.95
N ILE C 466 -15.79 -43.04 17.15
CA ILE C 466 -15.27 -43.12 15.80
C ILE C 466 -15.85 -41.99 14.97
N LYS C 467 -14.99 -41.33 14.18
CA LYS C 467 -15.45 -40.26 13.31
C LYS C 467 -16.43 -40.80 12.27
N ILE C 468 -17.41 -39.98 11.91
CA ILE C 468 -18.42 -40.38 10.95
C ILE C 468 -17.82 -40.36 9.55
N LYS C 469 -17.98 -41.46 8.81
CA LYS C 469 -17.41 -41.60 7.49
C LYS C 469 -18.41 -41.20 6.41
N ARG C 470 -17.88 -40.83 5.25
CA ARG C 470 -18.72 -40.43 4.13
C ARG C 470 -19.65 -41.56 3.69
N GLU C 471 -19.21 -42.81 3.85
CA GLU C 471 -20.02 -43.95 3.44
C GLU C 471 -21.37 -44.00 4.14
N ASP C 472 -21.48 -43.39 5.33
CA ASP C 472 -22.69 -43.49 6.14
C ASP C 472 -23.46 -42.18 6.22
N TYR C 473 -23.17 -41.20 5.35
CA TYR C 473 -23.84 -39.91 5.43
C TYR C 473 -25.33 -40.03 5.13
N GLU C 474 -25.68 -40.74 4.05
CA GLU C 474 -27.08 -40.79 3.61
C GLU C 474 -27.96 -41.55 4.59
N SER C 475 -27.40 -42.38 5.45
CA SER C 475 -28.17 -43.11 6.45
C SER C 475 -28.38 -42.32 7.73
N LEU C 476 -27.81 -41.13 7.85
CA LEU C 476 -27.86 -40.35 9.07
C LEU C 476 -29.23 -39.74 9.33
N PRO C 477 -29.92 -39.15 8.34
CA PRO C 477 -31.27 -38.64 8.61
C PRO C 477 -32.25 -39.71 9.06
N LYS C 478 -32.12 -40.94 8.57
CA LYS C 478 -32.97 -42.03 9.07
C LYS C 478 -32.59 -42.41 10.49
N GLU C 479 -31.29 -42.44 10.80
CA GLU C 479 -30.87 -42.72 12.16
C GLU C 479 -31.47 -41.72 13.14
N VAL C 480 -31.50 -40.44 12.76
CA VAL C 480 -32.07 -39.42 13.64
C VAL C 480 -33.58 -39.62 13.80
N ALA C 481 -34.27 -39.92 12.70
CA ALA C 481 -35.71 -40.13 12.77
C ALA C 481 -36.06 -41.45 13.45
N SER C 482 -35.16 -42.44 13.40
CA SER C 482 -35.44 -43.72 14.03
C SER C 482 -35.44 -43.60 15.55
N ALA C 483 -34.63 -42.70 16.11
CA ALA C 483 -34.55 -42.51 17.55
C ALA C 483 -35.90 -42.12 18.12
N LYS C 484 -36.51 -43.01 18.91
CA LYS C 484 -37.81 -42.75 19.51
C LYS C 484 -37.62 -42.06 20.85
N PRO C 485 -37.97 -40.78 20.97
CA PRO C 485 -37.80 -40.09 22.26
C PRO C 485 -38.71 -40.69 23.32
N LYS C 486 -38.19 -40.73 24.56
CA LYS C 486 -38.98 -41.22 25.68
C LYS C 486 -40.19 -40.33 25.96
N VAL C 487 -40.19 -39.10 25.43
CA VAL C 487 -41.36 -38.25 25.50
C VAL C 487 -42.33 -38.65 24.40
N LEU C 488 -43.60 -38.25 24.57
CA LEU C 488 -44.63 -38.43 23.56
C LEU C 488 -45.09 -37.07 23.09
N LEU C 489 -45.02 -36.82 21.78
CA LEU C 489 -45.13 -35.48 21.23
C LEU C 489 -46.23 -35.42 20.18
N ASP C 490 -46.67 -34.19 19.90
CA ASP C 490 -47.80 -33.92 19.03
C ASP C 490 -47.55 -34.25 17.56
N VAL C 491 -46.30 -34.48 17.16
CA VAL C 491 -46.00 -34.74 15.75
C VAL C 491 -44.84 -35.73 15.66
N LYS C 492 -44.95 -36.66 14.72
CA LYS C 492 -43.90 -37.63 14.45
C LYS C 492 -43.26 -37.28 13.10
N LEU C 493 -41.98 -36.94 13.12
CA LEU C 493 -41.26 -36.56 11.91
C LEU C 493 -40.62 -37.77 11.26
N LYS C 494 -40.46 -37.70 9.95
CA LYS C 494 -39.83 -38.75 9.17
C LYS C 494 -38.43 -38.32 8.72
N ALA C 495 -37.70 -39.26 8.13
CA ALA C 495 -36.29 -39.04 7.82
C ALA C 495 -36.08 -37.90 6.84
N GLU C 496 -37.02 -37.70 5.91
CA GLU C 496 -36.86 -36.66 4.91
C GLU C 496 -36.86 -35.26 5.54
N ASP C 497 -37.47 -35.10 6.71
CA ASP C 497 -37.52 -33.80 7.38
C ASP C 497 -36.24 -33.46 8.10
N PHE C 498 -35.27 -34.37 8.17
CA PHE C 498 -34.03 -34.17 8.90
C PHE C 498 -32.87 -34.04 7.93
N ILE C 499 -31.98 -33.09 8.21
CA ILE C 499 -30.73 -32.91 7.49
C ILE C 499 -29.58 -33.04 8.49
N VAL C 500 -28.62 -33.89 8.18
CA VAL C 500 -27.46 -34.12 9.05
C VAL C 500 -26.22 -33.64 8.30
N ASP C 501 -25.54 -32.66 8.88
CA ASP C 501 -24.36 -32.05 8.29
C ASP C 501 -23.13 -32.42 9.10
N VAL C 502 -22.10 -32.93 8.41
CA VAL C 502 -20.83 -33.28 9.04
C VAL C 502 -19.79 -32.27 8.58
N ILE C 503 -19.14 -31.60 9.52
CA ILE C 503 -18.13 -30.59 9.25
C ILE C 503 -16.78 -31.11 9.72
N ASN C 504 -15.83 -31.20 8.80
CA ASN C 504 -14.47 -31.65 9.10
C ASN C 504 -13.49 -30.55 8.75
N MET C 505 -12.37 -30.52 9.48
CA MET C 505 -11.29 -29.56 9.21
C MET C 505 -10.22 -30.27 8.39
N ASP C 506 -10.45 -30.31 7.08
CA ASP C 506 -9.52 -30.90 6.12
C ASP C 506 -9.16 -32.34 6.47
N PRO C 514 1.00 -31.80 12.49
CA PRO C 514 0.86 -30.39 12.18
C PRO C 514 1.42 -29.46 13.26
N ILE C 515 0.85 -29.51 14.46
CA ILE C 515 1.28 -28.61 15.52
C ILE C 515 2.74 -28.90 15.88
N ASP C 516 3.60 -27.91 15.64
CA ASP C 516 5.04 -28.03 15.89
C ASP C 516 5.64 -29.22 15.13
N HIS C 517 5.18 -29.41 13.90
CA HIS C 517 5.70 -30.46 13.02
C HIS C 517 6.40 -29.87 11.80
N VAL C 518 6.89 -28.63 11.91
CA VAL C 518 7.62 -27.97 10.83
C VAL C 518 9.06 -27.79 11.29
N SER C 519 9.99 -28.13 10.40
CA SER C 519 11.40 -28.02 10.74
C SER C 519 11.90 -26.58 10.56
N PHE C 520 12.97 -26.26 11.29
CA PHE C 520 13.56 -24.93 11.25
C PHE C 520 15.08 -25.06 11.11
N TYR C 521 15.69 -24.03 10.52
CA TYR C 521 17.14 -23.98 10.36
C TYR C 521 17.67 -22.70 11.00
N CYS C 522 18.94 -22.74 11.38
CA CYS C 522 19.63 -21.62 12.01
C CYS C 522 20.72 -21.11 11.10
N LYS C 523 21.09 -19.84 11.30
CA LYS C 523 22.18 -19.24 10.54
C LYS C 523 23.53 -19.85 10.89
N THR C 524 23.65 -20.47 12.06
CA THR C 524 24.90 -21.13 12.43
C THR C 524 25.20 -22.29 11.50
N ALA C 525 24.20 -23.10 11.18
CA ALA C 525 24.35 -24.21 10.23
C ALA C 525 23.07 -24.37 9.41
N PRO C 526 22.90 -23.58 8.36
CA PRO C 526 21.70 -23.68 7.52
C PRO C 526 21.54 -25.03 6.84
N ASN C 527 22.42 -26.00 7.10
CA ASN C 527 22.28 -27.31 6.49
C ASN C 527 21.58 -28.32 7.37
N ARG C 528 21.55 -28.11 8.69
CA ARG C 528 20.88 -29.02 9.61
C ARG C 528 19.77 -28.27 10.35
N ALA C 529 18.79 -29.05 10.83
CA ALA C 529 17.58 -28.48 11.39
C ALA C 529 17.75 -28.18 12.89
N ILE C 530 16.71 -27.57 13.46
CA ILE C 530 16.67 -27.24 14.89
C ILE C 530 15.76 -28.26 15.57
N ARG C 531 16.25 -28.85 16.66
CA ARG C 531 15.51 -29.87 17.38
C ARG C 531 14.82 -29.29 18.62
N LYS C 544 -6.96 -25.37 21.44
CA LYS C 544 -6.64 -26.34 20.41
C LYS C 544 -7.42 -26.07 19.13
N PHE C 545 -8.15 -27.08 18.66
CA PHE C 545 -8.99 -26.98 17.48
C PHE C 545 -9.85 -28.22 17.33
N ALA C 546 -11.14 -28.03 17.07
CA ALA C 546 -12.03 -29.17 16.85
C ALA C 546 -11.68 -29.87 15.54
N GLU C 547 -12.27 -31.05 15.36
CA GLU C 547 -11.94 -31.88 14.21
C GLU C 547 -13.17 -32.22 13.37
N GLN C 548 -14.15 -32.91 13.93
CA GLN C 548 -15.40 -33.23 13.25
C GLN C 548 -16.56 -32.91 14.19
N LEU C 549 -17.56 -32.19 13.68
CA LEU C 549 -18.73 -31.84 14.46
C LEU C 549 -19.98 -32.02 13.60
N ILE C 550 -21.02 -32.59 14.21
CA ILE C 550 -22.26 -32.90 13.51
C ILE C 550 -23.28 -31.82 13.83
N ARG C 551 -23.97 -31.33 12.80
CA ARG C 551 -25.08 -30.41 12.96
C ARG C 551 -26.32 -31.02 12.30
N VAL C 552 -27.48 -30.76 12.91
CA VAL C 552 -28.75 -31.27 12.42
C VAL C 552 -29.68 -30.08 12.18
N TYR C 553 -30.34 -30.08 11.03
CA TYR C 553 -31.33 -29.08 10.70
C TYR C 553 -32.66 -29.76 10.38
N CYS C 554 -33.72 -28.97 10.44
CA CYS C 554 -35.08 -29.46 10.16
C CYS C 554 -35.68 -28.64 9.03
N LYS C 555 -36.37 -29.32 8.11
CA LYS C 555 -37.00 -28.62 7.00
C LYS C 555 -38.33 -27.99 7.39
N LYS C 556 -39.03 -28.55 8.38
CA LYS C 556 -40.27 -27.96 8.84
C LYS C 556 -40.01 -26.68 9.62
N VAL C 557 -40.94 -25.73 9.52
CA VAL C 557 -40.70 -24.36 9.98
C VAL C 557 -41.45 -24.09 11.27
N ASP C 558 -42.57 -24.77 11.47
CA ASP C 558 -43.45 -24.45 12.58
C ASP C 558 -42.80 -24.76 13.92
N ARG C 559 -43.25 -24.04 14.95
CA ARG C 559 -42.72 -24.24 16.29
C ARG C 559 -42.95 -25.67 16.77
N LYS C 560 -44.01 -26.33 16.29
CA LYS C 560 -44.33 -27.68 16.73
C LYS C 560 -43.22 -28.65 16.36
N SER C 561 -42.87 -28.71 15.08
CA SER C 561 -41.89 -29.69 14.63
C SER C 561 -40.48 -29.34 15.10
N LEU C 562 -40.19 -28.06 15.31
CA LEU C 562 -38.89 -27.68 15.83
C LEU C 562 -38.62 -28.33 17.18
N TYR C 563 -39.63 -28.31 18.07
CA TYR C 563 -39.50 -29.01 19.34
C TYR C 563 -39.37 -30.51 19.13
N ALA C 564 -40.12 -31.07 18.17
CA ALA C 564 -40.02 -32.50 17.87
C ALA C 564 -38.64 -32.84 17.34
N ALA C 565 -38.12 -32.03 16.40
CA ALA C 565 -36.80 -32.30 15.84
C ALA C 565 -35.71 -32.25 16.90
N ARG C 566 -35.80 -31.28 17.82
CA ARG C 566 -34.79 -31.17 18.87
C ARG C 566 -34.81 -32.37 19.79
N GLN C 567 -36.01 -32.83 20.17
CA GLN C 567 -36.11 -34.00 21.05
C GLN C 567 -35.60 -35.25 20.35
N TYR C 568 -35.94 -35.42 19.06
CA TYR C 568 -35.34 -36.49 18.27
C TYR C 568 -33.83 -36.40 18.28
N PHE C 569 -33.29 -35.18 18.16
CA PHE C 569 -31.85 -35.00 18.05
C PHE C 569 -31.15 -35.35 19.36
N VAL C 570 -31.68 -34.87 20.48
CA VAL C 570 -31.05 -35.15 21.78
C VAL C 570 -31.05 -36.65 22.06
N GLN C 571 -32.14 -37.33 21.71
CA GLN C 571 -32.19 -38.78 21.88
C GLN C 571 -31.18 -39.48 20.99
N TRP C 572 -31.01 -38.98 19.76
CA TRP C 572 -30.03 -39.58 18.85
C TRP C 572 -28.60 -39.38 19.36
N CYS C 573 -28.31 -38.19 19.88
CA CYS C 573 -26.98 -37.97 20.46
C CYS C 573 -26.76 -38.86 21.67
N ALA C 574 -27.82 -39.09 22.46
CA ALA C 574 -27.67 -39.90 23.67
C ALA C 574 -27.36 -41.35 23.33
N ASP C 575 -28.16 -41.97 22.47
CA ASP C 575 -27.97 -43.39 22.16
C ASP C 575 -26.87 -43.64 21.13
N ARG C 576 -26.18 -42.60 20.67
CA ARG C 576 -25.01 -42.76 19.82
C ARG C 576 -23.74 -42.25 20.50
N ASN C 577 -23.82 -41.89 21.78
CA ASN C 577 -22.66 -41.53 22.60
C ASN C 577 -21.97 -40.27 22.08
N PHE C 578 -22.76 -39.29 21.66
CA PHE C 578 -22.24 -37.98 21.29
C PHE C 578 -22.42 -37.01 22.46
N THR C 579 -21.78 -35.84 22.33
CA THR C 579 -21.89 -34.84 23.39
C THR C 579 -23.34 -34.40 23.54
N LYS C 580 -23.76 -34.22 24.79
CA LYS C 580 -25.09 -33.71 25.08
C LYS C 580 -25.22 -32.32 24.47
N PRO C 581 -26.22 -32.09 23.61
CA PRO C 581 -26.31 -30.79 22.92
C PRO C 581 -26.51 -29.65 23.90
N GLN C 582 -25.87 -28.51 23.60
CA GLN C 582 -26.03 -27.31 24.39
C GLN C 582 -27.33 -26.61 23.99
N ASP C 583 -27.55 -25.41 24.52
CA ASP C 583 -28.77 -24.66 24.25
C ASP C 583 -28.47 -23.36 23.49
N GLY C 584 -27.44 -23.37 22.66
CA GLY C 584 -27.09 -22.20 21.88
C GLY C 584 -27.14 -22.45 20.38
N THR D 114 -10.80 23.12 15.79
CA THR D 114 -10.42 21.80 16.29
C THR D 114 -8.98 21.80 16.81
N MET D 115 -8.16 20.91 16.27
CA MET D 115 -6.77 20.81 16.73
C MET D 115 -5.90 20.28 15.60
N LYS D 116 -4.59 20.48 15.77
CA LYS D 116 -3.64 20.29 14.69
C LYS D 116 -3.54 18.83 14.26
N VAL D 117 -3.36 18.62 12.96
CA VAL D 117 -3.17 17.31 12.36
C VAL D 117 -1.79 17.28 11.69
N ILE D 118 -1.03 16.23 11.96
CA ILE D 118 0.31 16.06 11.42
C ILE D 118 0.38 14.75 10.65
N ASN D 119 0.88 14.82 9.41
CA ASN D 119 0.98 13.66 8.54
C ASN D 119 2.34 13.02 8.73
N ASP D 120 2.40 11.99 9.58
CA ASP D 120 3.58 11.19 9.85
C ASP D 120 3.64 10.01 8.88
N PRO D 121 4.83 9.71 8.33
CA PRO D 121 4.94 8.60 7.36
C PRO D 121 4.95 7.21 7.98
N ILE D 122 4.74 7.09 9.29
CA ILE D 122 4.76 5.80 9.97
C ILE D 122 3.39 5.54 10.59
N HIS D 123 2.75 6.59 11.06
CA HIS D 123 1.48 6.47 11.76
C HIS D 123 0.29 7.08 11.03
N GLY D 124 0.52 7.77 9.92
CA GLY D 124 -0.57 8.42 9.21
C GLY D 124 -0.97 9.74 9.83
N HIS D 125 -2.27 9.99 9.94
CA HIS D 125 -2.75 11.25 10.50
C HIS D 125 -2.62 11.22 12.02
N ILE D 126 -2.02 12.27 12.57
CA ILE D 126 -1.77 12.40 14.00
C ILE D 126 -2.47 13.66 14.48
N GLU D 127 -3.35 13.51 15.46
CA GLU D 127 -4.11 14.64 16.01
C GLU D 127 -3.42 15.14 17.28
N LEU D 128 -3.23 16.46 17.35
CA LEU D 128 -2.44 17.08 18.40
C LEU D 128 -3.32 17.96 19.27
N HIS D 129 -3.43 17.63 20.55
CA HIS D 129 -4.15 18.48 21.49
C HIS D 129 -3.46 19.84 21.57
N PRO D 130 -4.23 20.93 21.75
CA PRO D 130 -3.59 22.27 21.82
C PRO D 130 -2.51 22.38 22.89
N LEU D 131 -2.64 21.66 24.00
CA LEU D 131 -1.58 21.66 25.01
C LEU D 131 -0.29 21.06 24.45
N LEU D 132 -0.42 19.95 23.71
CA LEU D 132 0.75 19.37 23.04
C LEU D 132 1.35 20.35 22.06
N VAL D 133 0.51 21.08 21.32
CA VAL D 133 1.01 22.06 20.35
C VAL D 133 1.80 23.16 21.06
N ARG D 134 1.32 23.60 22.22
CA ARG D 134 2.04 24.62 22.98
C ARG D 134 3.37 24.09 23.48
N ILE D 135 3.46 22.80 23.81
CA ILE D 135 4.71 22.21 24.26
C ILE D 135 5.67 22.04 23.09
N ILE D 136 5.14 21.70 21.91
CA ILE D 136 5.98 21.47 20.75
C ILE D 136 6.58 22.79 20.24
N ASP D 137 5.77 23.84 20.15
CA ASP D 137 6.21 25.13 19.64
C ASP D 137 7.06 25.83 20.69
N THR D 138 8.23 25.23 20.95
CA THR D 138 9.10 25.64 22.03
C THR D 138 10.53 25.34 21.60
N PRO D 139 11.47 26.27 21.83
CA PRO D 139 12.88 26.00 21.45
C PRO D 139 13.45 24.76 22.10
N GLN D 140 12.98 24.38 23.28
CA GLN D 140 13.49 23.19 23.94
C GLN D 140 13.03 21.92 23.24
N PHE D 141 11.85 21.94 22.62
CA PHE D 141 11.37 20.79 21.86
C PHE D 141 11.85 20.83 20.41
N GLN D 142 11.76 21.99 19.76
CA GLN D 142 12.28 22.13 18.40
C GLN D 142 13.79 21.89 18.33
N ARG D 143 14.46 21.94 19.48
CA ARG D 143 15.85 21.51 19.60
C ARG D 143 16.05 20.12 19.00
N LEU D 144 15.03 19.27 19.09
CA LEU D 144 15.14 17.89 18.63
C LEU D 144 15.12 17.78 17.11
N ARG D 145 14.91 18.88 16.39
CA ARG D 145 15.00 18.86 14.94
C ARG D 145 16.44 18.78 14.45
N TYR D 146 17.40 19.00 15.34
CA TYR D 146 18.82 19.04 14.99
C TYR D 146 19.59 18.02 15.80
N ILE D 147 18.95 16.89 16.12
CA ILE D 147 19.55 15.80 16.86
C ILE D 147 19.32 14.54 16.04
N LYS D 148 20.38 14.02 15.42
CA LYS D 148 20.25 12.81 14.61
C LYS D 148 19.81 11.64 15.48
N GLN D 149 18.84 10.88 15.00
CA GLN D 149 18.33 9.74 15.75
C GLN D 149 19.43 8.70 15.95
N LEU D 150 20.14 8.35 14.88
CA LEU D 150 21.18 7.34 14.94
C LEU D 150 22.59 7.93 14.93
N GLY D 151 22.75 9.16 14.46
CA GLY D 151 24.05 9.81 14.47
C GLY D 151 24.99 9.32 13.39
N GLY D 152 26.01 8.56 13.78
CA GLY D 152 26.98 8.05 12.81
C GLY D 152 26.39 7.09 11.81
N GLY D 153 25.23 6.49 12.13
CA GLY D 153 24.60 5.59 11.19
C GLY D 153 24.15 6.27 9.91
N TYR D 154 23.92 7.59 9.98
CA TYR D 154 23.54 8.32 8.78
C TYR D 154 24.63 8.26 7.70
N TYR D 155 25.88 8.22 8.12
CA TYR D 155 26.99 8.16 7.18
C TYR D 155 27.21 6.77 6.61
N VAL D 156 26.46 5.77 7.08
CA VAL D 156 26.46 4.43 6.51
C VAL D 156 25.15 4.16 5.77
N PHE D 157 24.03 4.51 6.39
CA PHE D 157 22.72 4.34 5.78
C PHE D 157 22.19 5.68 5.32
N PRO D 158 22.11 5.95 4.02
CA PRO D 158 21.68 7.28 3.56
C PRO D 158 20.27 7.65 3.98
N GLY D 159 19.38 6.67 4.15
CA GLY D 159 18.03 6.98 4.56
C GLY D 159 17.86 7.33 6.02
N ALA D 160 18.89 7.14 6.84
CA ALA D 160 18.80 7.41 8.26
C ALA D 160 18.97 8.89 8.57
N SER D 161 18.20 9.73 7.91
CA SER D 161 18.27 11.18 8.11
C SER D 161 17.28 11.68 9.15
N HIS D 162 16.54 10.79 9.80
CA HIS D 162 15.49 11.20 10.72
C HIS D 162 16.07 11.68 12.04
N ASN D 163 15.38 12.65 12.64
CA ASN D 163 15.81 13.28 13.89
C ASN D 163 14.87 12.91 15.02
N ARG D 164 15.25 13.35 16.24
CA ARG D 164 14.47 13.03 17.43
C ARG D 164 13.12 13.70 17.45
N PHE D 165 12.93 14.76 16.65
CA PHE D 165 11.67 15.49 16.64
C PHE D 165 10.51 14.59 16.23
N GLU D 166 10.64 13.91 15.10
CA GLU D 166 9.56 13.06 14.60
C GLU D 166 9.40 11.80 15.45
N HIS D 167 10.48 11.32 16.06
CA HIS D 167 10.39 10.17 16.96
C HIS D 167 9.53 10.50 18.18
N SER D 168 9.78 11.67 18.78
CA SER D 168 9.01 12.07 19.96
C SER D 168 7.54 12.30 19.61
N LEU D 169 7.27 12.85 18.43
CA LEU D 169 5.89 13.05 18.00
C LEU D 169 5.16 11.72 17.86
N GLY D 170 5.88 10.69 17.42
CA GLY D 170 5.29 9.36 17.27
C GLY D 170 5.07 8.67 18.60
N VAL D 171 6.02 8.83 19.52
CA VAL D 171 5.89 8.21 20.83
C VAL D 171 4.71 8.80 21.60
N GLY D 172 4.52 10.11 21.50
CA GLY D 172 3.37 10.73 22.14
C GLY D 172 2.05 10.28 21.52
N TYR D 173 2.05 10.09 20.20
CA TYR D 173 0.85 9.60 19.53
C TYR D 173 0.51 8.18 19.97
N LEU D 174 1.51 7.30 20.00
CA LEU D 174 1.28 5.92 20.37
C LEU D 174 0.89 5.79 21.84
N ALA D 175 1.51 6.60 22.70
CA ALA D 175 1.15 6.57 24.12
C ALA D 175 -0.30 6.99 24.32
N GLY D 176 -0.74 8.00 23.59
CA GLY D 176 -2.14 8.40 23.68
C GLY D 176 -3.08 7.36 23.08
N CYS D 177 -2.65 6.71 22.00
CA CYS D 177 -3.47 5.66 21.39
C CYS D 177 -3.67 4.50 22.36
N LEU D 178 -2.60 4.06 23.02
CA LEU D 178 -2.72 2.94 23.94
C LEU D 178 -3.60 3.29 25.14
N VAL D 179 -3.33 4.43 25.77
CA VAL D 179 -4.08 4.80 26.97
C VAL D 179 -5.54 5.07 26.63
N HIS D 180 -5.82 5.59 25.43
CA HIS D 180 -7.20 5.82 25.03
C HIS D 180 -7.93 4.52 24.70
N ALA D 181 -7.21 3.55 24.13
CA ALA D 181 -7.82 2.26 23.84
C ALA D 181 -8.20 1.52 25.11
N LEU D 182 -7.30 1.53 26.10
CA LEU D 182 -7.59 0.85 27.37
C LEU D 182 -8.76 1.52 28.09
N GLY D 183 -8.84 2.85 28.02
CA GLY D 183 -9.94 3.54 28.68
C GLY D 183 -11.29 3.23 28.06
N GLU D 184 -11.35 3.20 26.73
CA GLU D 184 -12.61 2.92 26.04
C GLU D 184 -12.96 1.44 26.05
N LYS D 185 -11.99 0.56 26.34
CA LYS D 185 -12.25 -0.87 26.41
C LYS D 185 -12.54 -1.33 27.84
N GLN D 186 -12.02 -0.63 28.83
CA GLN D 186 -12.24 -0.96 30.24
C GLN D 186 -12.57 0.31 31.01
N PRO D 187 -13.85 0.67 31.10
CA PRO D 187 -14.22 1.86 31.88
C PRO D 187 -13.93 1.73 33.36
N GLU D 188 -13.84 0.49 33.87
CA GLU D 188 -13.58 0.26 35.29
C GLU D 188 -12.18 0.71 35.72
N LEU D 189 -11.28 0.98 34.78
CA LEU D 189 -9.94 1.44 35.12
C LEU D 189 -9.93 2.90 35.58
N GLN D 190 -11.02 3.64 35.38
CA GLN D 190 -11.16 5.02 35.82
C GLN D 190 -10.12 5.94 35.17
N ILE D 191 -9.71 5.64 33.94
CA ILE D 191 -8.76 6.48 33.23
C ILE D 191 -9.44 7.77 32.82
N SER D 192 -8.85 8.90 33.17
CA SER D 192 -9.39 10.21 32.84
C SER D 192 -8.69 10.78 31.61
N GLU D 193 -9.34 11.77 30.99
CA GLU D 193 -8.72 12.46 29.86
C GLU D 193 -7.48 13.22 30.30
N ARG D 194 -7.44 13.66 31.55
CA ARG D 194 -6.24 14.28 32.10
C ARG D 194 -5.08 13.28 32.13
N ASP D 195 -5.39 12.03 32.47
CA ASP D 195 -4.35 10.99 32.44
C ASP D 195 -3.87 10.74 31.02
N VAL D 196 -4.79 10.81 30.04
CA VAL D 196 -4.40 10.60 28.64
C VAL D 196 -3.41 11.68 28.20
N LEU D 197 -3.71 12.94 28.53
CA LEU D 197 -2.83 14.03 28.13
C LEU D 197 -1.50 13.96 28.87
N CYS D 198 -1.52 13.53 30.14
CA CYS D 198 -0.28 13.42 30.90
C CYS D 198 0.63 12.34 30.32
N VAL D 199 0.05 11.23 29.85
CA VAL D 199 0.84 10.18 29.23
C VAL D 199 1.36 10.65 27.88
N GLN D 200 0.56 11.43 27.15
CA GLN D 200 0.99 11.96 25.85
C GLN D 200 2.18 12.90 26.03
N ILE D 201 2.11 13.81 27.00
CA ILE D 201 3.23 14.72 27.25
C ILE D 201 4.47 13.94 27.65
N ALA D 202 4.29 12.90 28.48
CA ALA D 202 5.43 12.07 28.87
C ALA D 202 6.06 11.39 27.67
N GLY D 203 5.24 10.98 26.71
CA GLY D 203 5.77 10.40 25.48
C GLY D 203 6.42 11.42 24.58
N LEU D 204 5.88 12.64 24.56
CA LEU D 204 6.46 13.70 23.72
C LEU D 204 7.84 14.11 24.23
N CYS D 205 8.00 14.22 25.54
CA CYS D 205 9.18 14.84 26.13
C CYS D 205 10.15 13.83 26.75
N HIS D 206 10.03 12.56 26.38
CA HIS D 206 10.91 11.54 26.96
C HIS D 206 12.33 11.62 26.42
N ASP D 207 12.55 12.28 25.28
CA ASP D 207 13.87 12.36 24.67
C ASP D 207 14.36 13.81 24.61
N LEU D 208 13.90 14.66 25.53
CA LEU D 208 14.29 16.07 25.52
C LEU D 208 15.77 16.24 25.84
N GLY D 209 16.34 15.33 26.63
CA GLY D 209 17.71 15.45 27.10
C GLY D 209 18.77 14.91 26.17
N HIS D 210 18.40 14.48 24.96
CA HIS D 210 19.38 13.93 24.04
C HIS D 210 20.34 15.02 23.56
N GLY D 211 21.61 14.66 23.44
CA GLY D 211 22.63 15.58 22.99
C GLY D 211 23.04 15.32 21.56
N PRO D 212 24.13 15.98 21.11
CA PRO D 212 24.60 15.79 19.73
C PRO D 212 24.75 14.33 19.33
N PHE D 213 24.05 13.94 18.26
CA PHE D 213 24.11 12.58 17.71
C PHE D 213 23.62 11.53 18.71
N SER D 214 22.70 11.95 19.59
CA SER D 214 21.88 11.07 20.42
C SER D 214 22.77 10.20 21.30
N HIS D 215 22.70 8.86 21.21
CA HIS D 215 23.35 7.97 22.19
C HIS D 215 24.87 8.07 22.18
N MET D 216 25.46 8.68 21.15
CA MET D 216 26.89 8.95 21.15
C MET D 216 27.26 9.92 22.26
N PHE D 217 26.38 10.88 22.57
CA PHE D 217 26.71 11.92 23.54
C PHE D 217 26.74 11.36 24.96
N ASP D 218 25.63 10.77 25.41
CA ASP D 218 25.57 10.25 26.76
C ASP D 218 26.23 8.88 26.91
N GLY D 219 26.36 8.15 25.81
CA GLY D 219 26.93 6.81 25.86
C GLY D 219 28.43 6.77 25.80
N ARG D 220 29.05 7.73 25.12
CA ARG D 220 30.50 7.71 24.97
C ARG D 220 31.18 9.02 25.33
N PHE D 221 30.64 10.16 24.89
CA PHE D 221 31.35 11.42 25.04
C PHE D 221 31.47 11.82 26.52
N ILE D 222 30.33 11.91 27.22
CA ILE D 222 30.36 12.31 28.63
C ILE D 222 31.21 11.38 29.47
N PRO D 223 31.16 10.05 29.32
CA PRO D 223 32.08 9.20 30.08
C PRO D 223 33.54 9.49 29.79
N LEU D 224 33.88 9.92 28.57
CA LEU D 224 35.28 10.16 28.22
C LEU D 224 35.77 11.51 28.71
N ALA D 225 34.91 12.53 28.65
CA ALA D 225 35.30 13.87 29.10
C ALA D 225 35.12 14.06 30.60
N ARG D 226 34.08 13.49 31.17
CA ARG D 226 33.79 13.61 32.61
C ARG D 226 33.37 12.25 33.14
N PRO D 227 34.33 11.38 33.47
CA PRO D 227 33.97 10.06 34.02
C PRO D 227 33.46 10.12 35.45
N GLU D 228 33.64 11.24 36.15
CA GLU D 228 33.24 11.31 37.55
C GLU D 228 31.73 11.45 37.71
N VAL D 229 31.05 11.99 36.70
CA VAL D 229 29.62 12.26 36.78
C VAL D 229 28.85 11.12 36.15
N LYS D 230 27.77 10.69 36.81
CA LYS D 230 26.86 9.66 36.31
C LYS D 230 25.68 10.37 35.67
N TRP D 231 25.70 10.47 34.34
CA TRP D 231 24.73 11.25 33.60
C TRP D 231 24.07 10.37 32.54
N THR D 232 22.74 10.47 32.44
CA THR D 232 21.98 9.80 31.40
C THR D 232 21.13 10.83 30.68
N HIS D 233 20.74 10.51 29.45
CA HIS D 233 19.88 11.42 28.69
C HIS D 233 18.48 11.51 29.27
N GLU D 234 18.07 10.52 30.08
CA GLU D 234 16.78 10.59 30.73
C GLU D 234 16.79 11.61 31.86
N GLN D 235 17.92 11.74 32.56
CA GLN D 235 18.08 12.83 33.52
C GLN D 235 17.93 14.18 32.85
N GLY D 236 18.57 14.35 31.69
CA GLY D 236 18.45 15.59 30.95
C GLY D 236 17.05 15.83 30.42
N SER D 237 16.32 14.76 30.10
CA SER D 237 14.93 14.91 29.68
C SER D 237 14.10 15.53 30.79
N VAL D 238 14.33 15.13 32.04
CA VAL D 238 13.59 15.69 33.16
C VAL D 238 13.98 17.15 33.37
N MET D 239 15.29 17.45 33.32
CA MET D 239 15.74 18.83 33.48
C MET D 239 15.25 19.72 32.35
N MET D 240 15.32 19.22 31.11
CA MET D 240 14.85 20.01 29.98
C MET D 240 13.34 20.19 29.99
N PHE D 241 12.59 19.19 30.48
CA PHE D 241 11.15 19.35 30.60
C PHE D 241 10.80 20.47 31.58
N GLU D 242 11.42 20.45 32.76
CA GLU D 242 11.17 21.51 33.74
C GLU D 242 11.56 22.87 33.19
N HIS D 243 12.70 22.95 32.49
CA HIS D 243 13.09 24.20 31.86
C HIS D 243 12.12 24.59 30.76
N LEU D 244 11.51 23.61 30.08
CA LEU D 244 10.53 23.90 29.03
C LEU D 244 9.28 24.53 29.62
N ILE D 245 8.68 23.86 30.62
CA ILE D 245 7.44 24.36 31.22
C ILE D 245 7.66 25.69 31.92
N ASN D 246 8.88 25.94 32.41
CA ASN D 246 9.16 27.17 33.14
C ASN D 246 9.37 28.34 32.19
N SER D 247 9.97 28.08 31.02
CA SER D 247 10.35 29.14 30.10
C SER D 247 9.24 29.54 29.14
N ASN D 248 8.09 28.86 29.15
CA ASN D 248 7.06 29.09 28.16
C ASN D 248 5.67 29.19 28.77
N GLY D 249 5.57 29.34 30.09
CA GLY D 249 4.28 29.50 30.75
C GLY D 249 3.32 28.37 30.45
N ILE D 250 3.80 27.13 30.54
CA ILE D 250 2.95 26.00 30.22
C ILE D 250 1.96 25.71 31.34
N LYS D 251 2.34 25.98 32.59
CA LYS D 251 1.46 25.67 33.73
C LYS D 251 0.08 26.29 33.61
N PRO D 252 -0.08 27.58 33.29
CA PRO D 252 -1.45 28.09 33.08
C PRO D 252 -2.19 27.38 31.97
N VAL D 253 -1.48 26.92 30.94
CA VAL D 253 -2.12 26.16 29.87
C VAL D 253 -2.53 24.77 30.37
N MET D 254 -1.75 24.20 31.28
CA MET D 254 -2.15 22.93 31.90
C MET D 254 -3.46 23.10 32.68
N GLU D 255 -3.56 24.16 33.49
CA GLU D 255 -4.78 24.41 34.24
C GLU D 255 -5.97 24.63 33.30
N GLN D 256 -5.72 25.26 32.15
CA GLN D 256 -6.77 25.47 31.16
C GLN D 256 -7.47 24.16 30.81
N TYR D 257 -6.69 23.09 30.65
CA TYR D 257 -7.20 21.81 30.18
C TYR D 257 -7.30 20.77 31.28
N GLY D 258 -7.62 21.21 32.50
CA GLY D 258 -7.95 20.30 33.58
C GLY D 258 -6.79 19.60 34.24
N LEU D 259 -5.56 20.03 34.00
CA LEU D 259 -4.40 19.41 34.63
C LEU D 259 -4.04 20.13 35.91
N ILE D 260 -3.49 19.38 36.86
CA ILE D 260 -3.00 19.93 38.12
C ILE D 260 -1.47 19.84 38.11
N PRO D 261 -0.76 20.94 37.84
CA PRO D 261 0.70 20.85 37.64
C PRO D 261 1.46 20.27 38.82
N GLU D 262 0.98 20.44 40.05
CA GLU D 262 1.74 19.98 41.21
C GLU D 262 2.03 18.48 41.14
N GLU D 263 1.01 17.68 40.83
CA GLU D 263 1.17 16.24 40.78
C GLU D 263 1.26 15.68 39.35
N ASP D 264 0.69 16.38 38.37
CA ASP D 264 0.75 15.88 36.99
C ASP D 264 2.15 16.02 36.42
N ILE D 265 2.84 17.10 36.76
CA ILE D 265 4.21 17.29 36.29
C ILE D 265 5.14 16.28 36.95
N CYS D 266 4.88 15.96 38.24
CA CYS D 266 5.62 14.89 38.89
C CYS D 266 5.30 13.55 38.24
N PHE D 267 4.05 13.37 37.79
CA PHE D 267 3.68 12.14 37.10
C PHE D 267 4.41 12.02 35.76
N ILE D 268 4.52 13.11 35.02
CA ILE D 268 5.21 13.08 33.74
C ILE D 268 6.69 12.77 33.93
N LYS D 269 7.32 13.42 34.91
CA LYS D 269 8.74 13.17 35.17
C LYS D 269 8.98 11.72 35.58
N GLU D 270 8.08 11.16 36.39
CA GLU D 270 8.23 9.77 36.81
C GLU D 270 8.05 8.81 35.64
N GLN D 271 7.24 9.19 34.65
CA GLN D 271 7.10 8.36 33.45
C GLN D 271 8.37 8.38 32.61
N ILE D 272 9.13 9.47 32.68
CA ILE D 272 10.31 9.62 31.83
C ILE D 272 11.53 8.93 32.46
N VAL D 273 11.78 9.20 33.73
CA VAL D 273 13.00 8.75 34.38
C VAL D 273 12.76 7.58 35.35
N GLY D 274 11.55 7.43 35.87
CA GLY D 274 11.30 6.42 36.88
C GLY D 274 11.05 7.07 38.23
N PRO D 275 11.13 6.28 39.30
CA PRO D 275 10.96 6.85 40.64
C PRO D 275 12.10 7.80 40.97
N LEU D 276 11.77 8.83 41.75
CA LEU D 276 12.71 9.88 42.12
C LEU D 276 13.28 9.68 43.52
N GLU D 277 13.50 8.43 43.91
CA GLU D 277 14.06 8.08 45.22
C GLU D 277 13.27 8.71 46.37
N LEU D 284 6.95 -1.58 48.47
CA LEU D 284 6.22 -0.35 48.73
C LEU D 284 6.14 0.51 47.48
N TRP D 285 4.95 1.08 47.24
CA TRP D 285 4.67 1.92 46.08
C TRP D 285 5.57 3.16 46.10
N PRO D 286 6.50 3.30 45.14
CA PRO D 286 7.48 4.38 45.21
C PRO D 286 7.10 5.61 44.38
N TYR D 287 6.03 5.52 43.60
CA TYR D 287 5.63 6.63 42.73
C TYR D 287 4.71 7.58 43.47
N LYS D 288 4.89 8.88 43.23
CA LYS D 288 4.10 9.91 43.88
C LYS D 288 3.11 10.60 42.95
N GLY D 289 3.25 10.43 41.64
CA GLY D 289 2.36 11.11 40.72
C GLY D 289 0.98 10.49 40.60
N ARG D 290 0.89 9.18 40.78
CA ARG D 290 -0.37 8.46 40.67
C ARG D 290 -0.42 7.36 41.71
N PRO D 291 -1.60 7.05 42.23
CA PRO D 291 -1.73 5.96 43.22
C PRO D 291 -1.44 4.61 42.60
N GLU D 292 -1.35 3.61 43.48
CA GLU D 292 -0.98 2.25 43.05
C GLU D 292 -2.04 1.64 42.14
N ASN D 293 -3.31 2.04 42.28
CA ASN D 293 -4.37 1.49 41.45
C ASN D 293 -4.30 1.95 40.00
N LYS D 294 -3.29 2.73 39.63
CA LYS D 294 -3.05 3.12 38.25
C LYS D 294 -1.61 2.84 37.86
N SER D 295 -1.04 1.75 38.38
CA SER D 295 0.36 1.42 38.12
C SER D 295 0.61 1.13 36.65
N PHE D 296 -0.41 0.68 35.92
CA PHE D 296 -0.24 0.37 34.50
C PHE D 296 0.05 1.62 33.68
N LEU D 297 -0.31 2.80 34.16
CA LEU D 297 0.04 4.03 33.46
C LEU D 297 1.54 4.25 33.41
N TYR D 298 2.28 3.67 34.34
CA TYR D 298 3.73 3.78 34.37
C TYR D 298 4.42 2.73 33.52
N GLU D 299 3.67 1.97 32.72
CA GLU D 299 4.23 0.91 31.90
C GLU D 299 4.15 1.23 30.40
N ILE D 300 3.72 2.44 30.05
CA ILE D 300 3.44 2.76 28.65
C ILE D 300 4.65 3.41 27.98
N VAL D 301 5.08 4.55 28.50
CA VAL D 301 6.13 5.33 27.82
C VAL D 301 7.48 4.62 27.94
N SER D 302 7.83 4.19 29.14
CA SER D 302 9.10 3.49 29.37
C SER D 302 8.86 2.41 30.43
N ASN D 303 8.74 1.17 29.99
CA ASN D 303 8.54 0.04 30.90
C ASN D 303 9.89 -0.47 31.39
N LYS D 304 10.04 -0.55 32.71
CA LYS D 304 11.26 -1.07 33.31
C LYS D 304 11.19 -2.57 33.58
N ARG D 305 10.00 -3.15 33.58
CA ARG D 305 9.87 -4.58 33.89
C ARG D 305 10.39 -5.44 32.74
N ASN D 306 10.02 -5.10 31.51
CA ASN D 306 10.43 -5.87 30.35
C ASN D 306 11.05 -5.05 29.23
N GLY D 307 11.06 -3.73 29.33
CA GLY D 307 11.60 -2.89 28.28
C GLY D 307 10.68 -2.63 27.11
N ILE D 308 9.59 -3.39 26.98
CA ILE D 308 8.66 -3.21 25.88
C ILE D 308 7.76 -2.01 26.19
N ASP D 309 7.75 -1.03 25.28
CA ASP D 309 6.98 0.18 25.48
C ASP D 309 6.71 0.82 24.12
N VAL D 310 5.85 1.83 24.12
CA VAL D 310 5.51 2.52 22.88
C VAL D 310 6.73 3.27 22.33
N ASP D 311 7.61 3.74 23.22
CA ASP D 311 8.82 4.42 22.76
C ASP D 311 9.68 3.48 21.93
N LYS D 312 9.86 2.25 22.40
CA LYS D 312 10.62 1.26 21.64
C LYS D 312 9.89 0.83 20.38
N TRP D 313 8.56 0.93 20.36
CA TRP D 313 7.80 0.54 19.16
C TRP D 313 7.98 1.55 18.04
N ASP D 314 8.07 2.84 18.38
CA ASP D 314 8.09 3.87 17.34
C ASP D 314 9.36 3.78 16.52
N TYR D 315 10.53 3.67 17.17
CA TYR D 315 11.76 3.65 16.39
C TYR D 315 12.04 2.29 15.78
N PHE D 316 11.41 1.22 16.26
CA PHE D 316 11.43 -0.04 15.53
C PHE D 316 10.85 0.14 14.14
N ALA D 317 9.70 0.80 14.04
CA ALA D 317 9.08 1.08 12.75
C ALA D 317 9.80 2.20 12.01
N ARG D 318 10.22 3.24 12.73
CA ARG D 318 10.86 4.38 12.06
C ARG D 318 12.21 3.99 11.47
N ASP D 319 13.06 3.33 12.26
CA ASP D 319 14.37 2.93 11.75
C ASP D 319 14.24 1.95 10.59
N CYS D 320 13.37 0.95 10.73
CA CYS D 320 13.11 0.03 9.62
C CYS D 320 12.70 0.78 8.36
N HIS D 321 11.84 1.79 8.53
CA HIS D 321 11.37 2.58 7.38
C HIS D 321 12.49 3.34 6.72
N HIS D 322 13.52 3.72 7.47
CA HIS D 322 14.57 4.59 6.98
C HIS D 322 15.84 3.85 6.55
N LEU D 323 15.99 2.57 6.93
CA LEU D 323 17.16 1.79 6.55
C LEU D 323 16.88 0.74 5.49
N GLY D 324 15.63 0.56 5.10
CA GLY D 324 15.30 -0.49 4.15
C GLY D 324 15.23 -1.87 4.76
N ILE D 325 15.16 -1.97 6.08
CA ILE D 325 14.93 -3.24 6.76
C ILE D 325 13.43 -3.38 6.99
N GLN D 326 12.94 -4.62 6.92
CA GLN D 326 11.51 -4.88 6.98
C GLN D 326 11.05 -5.00 8.42
N ASN D 327 9.93 -4.36 8.74
CA ASN D 327 9.30 -4.45 10.05
C ASN D 327 8.17 -5.46 9.99
N ASN D 328 8.16 -6.40 10.92
CA ASN D 328 7.17 -7.46 10.96
C ASN D 328 6.22 -7.35 12.15
N PHE D 329 6.43 -6.38 13.04
CA PHE D 329 5.59 -6.21 14.22
C PHE D 329 4.47 -5.23 13.92
N ASP D 330 3.24 -5.73 13.89
CA ASP D 330 2.06 -4.88 13.72
C ASP D 330 1.72 -4.28 15.08
N TYR D 331 2.14 -3.02 15.30
CA TYR D 331 1.91 -2.41 16.60
C TYR D 331 0.47 -1.98 16.79
N LYS D 332 -0.22 -1.59 15.71
CA LYS D 332 -1.63 -1.21 15.85
C LYS D 332 -2.49 -2.41 16.22
N ARG D 333 -2.13 -3.60 15.73
CA ARG D 333 -2.84 -4.81 16.13
C ARG D 333 -2.61 -5.11 17.60
N PHE D 334 -1.41 -4.83 18.10
CA PHE D 334 -1.09 -5.10 19.50
C PHE D 334 -1.88 -4.17 20.42
N ILE D 335 -2.07 -2.91 20.03
CA ILE D 335 -2.83 -1.98 20.84
C ILE D 335 -4.28 -2.42 20.94
N LYS D 336 -4.84 -2.91 19.83
CA LYS D 336 -6.26 -3.29 19.81
C LYS D 336 -6.56 -4.45 20.73
N PHE D 337 -5.55 -5.26 21.09
CA PHE D 337 -5.75 -6.40 21.97
C PHE D 337 -5.04 -6.25 23.30
N ALA D 338 -4.54 -5.06 23.62
CA ALA D 338 -3.92 -4.82 24.92
C ALA D 338 -5.00 -4.59 25.97
N ARG D 339 -4.86 -5.26 27.12
CA ARG D 339 -5.81 -5.13 28.21
C ARG D 339 -5.05 -5.04 29.53
N VAL D 340 -5.66 -4.37 30.50
CA VAL D 340 -5.10 -4.29 31.85
C VAL D 340 -5.66 -5.44 32.67
N CYS D 341 -4.78 -6.18 33.35
CA CYS D 341 -5.18 -7.36 34.08
C CYS D 341 -4.45 -7.40 35.42
N GLU D 342 -5.01 -8.18 36.34
CA GLU D 342 -4.44 -8.36 37.67
C GLU D 342 -3.46 -9.53 37.64
N VAL D 343 -2.19 -9.25 37.89
CA VAL D 343 -1.13 -10.25 37.91
C VAL D 343 -0.41 -10.13 39.24
N ASP D 344 -0.54 -11.13 40.10
CA ASP D 344 0.09 -11.14 41.43
C ASP D 344 -0.27 -9.90 42.23
N ASN D 345 -1.56 -9.54 42.20
CA ASN D 345 -2.10 -8.37 42.87
C ASN D 345 -1.56 -7.06 42.33
N GLU D 346 -1.09 -7.05 41.08
CA GLU D 346 -0.55 -5.86 40.44
C GLU D 346 -1.26 -5.65 39.11
N LEU D 347 -1.67 -4.41 38.84
CA LEU D 347 -2.31 -4.07 37.58
C LEU D 347 -1.22 -3.89 36.52
N ARG D 348 -1.18 -4.80 35.55
CA ARG D 348 -0.22 -4.75 34.46
C ARG D 348 -0.96 -4.75 33.13
N ILE D 349 -0.31 -4.20 32.11
CA ILE D 349 -0.85 -4.22 30.76
C ILE D 349 -0.51 -5.56 30.13
N CYS D 350 -1.53 -6.33 29.79
CA CYS D 350 -1.36 -7.68 29.27
C CYS D 350 -1.73 -7.73 27.79
N ALA D 351 -1.22 -8.75 27.12
CA ALA D 351 -1.48 -8.96 25.70
C ALA D 351 -2.42 -10.13 25.52
N ARG D 352 -3.16 -10.11 24.41
CA ARG D 352 -3.98 -11.26 24.06
C ARG D 352 -3.08 -12.45 23.72
N ASP D 353 -3.53 -13.66 24.09
CA ASP D 353 -2.73 -14.84 23.84
C ASP D 353 -2.45 -15.05 22.35
N LYS D 354 -3.40 -14.68 21.49
CA LYS D 354 -3.25 -14.79 20.05
C LYS D 354 -2.31 -13.72 19.47
N GLU D 355 -1.55 -13.03 20.31
CA GLU D 355 -0.59 -12.02 19.87
C GLU D 355 0.85 -12.42 20.17
N VAL D 356 1.08 -13.68 20.55
CA VAL D 356 2.45 -14.13 20.82
C VAL D 356 3.24 -14.21 19.53
N GLY D 357 2.59 -14.51 18.40
CA GLY D 357 3.28 -14.51 17.13
C GLY D 357 3.70 -13.12 16.70
N ASN D 358 2.88 -12.12 16.99
CA ASN D 358 3.27 -10.74 16.77
C ASN D 358 4.39 -10.34 17.72
N LEU D 359 4.37 -10.87 18.95
CA LEU D 359 5.41 -10.56 19.92
C LEU D 359 6.77 -11.09 19.46
N TYR D 360 6.81 -12.34 19.00
CA TYR D 360 8.04 -12.90 18.47
C TYR D 360 8.58 -12.06 17.33
N ASP D 361 7.70 -11.66 16.40
CA ASP D 361 8.11 -10.84 15.27
C ASP D 361 8.72 -9.52 15.74
N MET D 362 8.26 -9.01 16.88
CA MET D 362 8.82 -7.77 17.41
C MET D 362 10.24 -8.00 17.93
N PHE D 363 10.46 -9.12 18.63
CA PHE D 363 11.79 -9.44 19.13
C PHE D 363 12.78 -9.62 18.00
N HIS D 364 12.38 -10.39 16.97
CA HIS D 364 13.25 -10.60 15.81
C HIS D 364 13.57 -9.29 15.12
N THR D 365 12.60 -8.38 15.05
CA THR D 365 12.82 -7.10 14.38
C THR D 365 13.83 -6.24 15.14
N ARG D 366 13.87 -6.35 16.46
CA ARG D 366 14.85 -5.59 17.23
C ARG D 366 16.25 -6.18 17.07
N ASN D 367 16.35 -7.52 17.01
CA ASN D 367 17.65 -8.13 16.82
C ASN D 367 18.21 -7.82 15.43
N SER D 368 17.37 -7.90 14.39
CA SER D 368 17.83 -7.59 13.05
C SER D 368 18.33 -6.15 12.96
N LEU D 369 17.64 -5.22 13.64
CA LEU D 369 18.11 -3.84 13.67
C LEU D 369 19.44 -3.72 14.42
N HIS D 370 19.61 -4.49 15.49
CA HIS D 370 20.86 -4.45 16.23
C HIS D 370 22.00 -5.10 15.45
N ARG D 371 21.75 -6.25 14.85
CA ARG D 371 22.82 -6.98 14.17
C ARG D 371 23.27 -6.29 12.89
N ARG D 372 22.36 -5.59 12.20
CA ARG D 372 22.66 -5.02 10.89
C ARG D 372 22.93 -3.52 10.94
N ALA D 373 22.31 -2.78 11.85
CA ALA D 373 22.40 -1.33 11.86
C ALA D 373 23.11 -0.79 13.10
N TYR D 374 22.57 -1.05 14.29
CA TYR D 374 23.13 -0.45 15.50
C TYR D 374 24.56 -0.90 15.76
N GLN D 375 24.90 -2.14 15.41
CA GLN D 375 26.24 -2.67 15.59
C GLN D 375 27.07 -2.66 14.31
N HIS D 376 26.73 -1.77 13.37
CA HIS D 376 27.51 -1.69 12.14
C HIS D 376 28.95 -1.29 12.44
N LYS D 377 29.89 -1.98 11.78
CA LYS D 377 31.30 -1.81 12.13
C LYS D 377 31.84 -0.45 11.67
N VAL D 378 31.28 0.10 10.60
CA VAL D 378 31.75 1.40 10.11
C VAL D 378 31.00 2.55 10.79
N GLY D 379 29.70 2.37 11.03
CA GLY D 379 28.94 3.42 11.69
C GLY D 379 29.43 3.72 13.09
N ASN D 380 29.83 2.68 13.83
CA ASN D 380 30.34 2.89 15.18
C ASN D 380 31.73 3.50 15.16
N ILE D 381 32.54 3.18 14.15
CA ILE D 381 33.83 3.84 14.00
C ILE D 381 33.64 5.34 13.86
N ILE D 382 32.73 5.75 12.96
CA ILE D 382 32.47 7.16 12.75
C ILE D 382 31.99 7.84 14.03
N ASP D 383 31.23 7.11 14.86
CA ASP D 383 30.82 7.67 16.14
C ASP D 383 32.02 7.98 17.03
N THR D 384 32.99 7.07 17.08
CA THR D 384 34.18 7.32 17.88
C THR D 384 35.02 8.45 17.31
N MET D 385 35.02 8.63 15.99
CA MET D 385 35.76 9.73 15.39
C MET D 385 35.11 11.07 15.72
N ILE D 386 33.78 11.14 15.70
CA ILE D 386 33.09 12.37 16.09
C ILE D 386 33.32 12.64 17.57
N THR D 387 33.31 11.59 18.40
CA THR D 387 33.63 11.77 19.81
C THR D 387 35.07 12.23 19.99
N ASP D 388 35.99 11.70 19.18
CA ASP D 388 37.38 12.12 19.28
C ASP D 388 37.55 13.58 18.89
N ALA D 389 36.85 14.04 17.85
CA ALA D 389 36.91 15.44 17.47
C ALA D 389 36.31 16.32 18.56
N PHE D 390 35.18 15.90 19.14
CA PHE D 390 34.57 16.65 20.22
C PHE D 390 35.51 16.77 21.42
N LEU D 391 36.21 15.68 21.75
CA LEU D 391 37.12 15.70 22.87
C LEU D 391 38.28 16.67 22.63
N LYS D 392 38.85 16.65 21.41
CA LYS D 392 39.91 17.58 21.09
C LYS D 392 39.43 19.03 21.03
N ALA D 393 38.13 19.25 20.81
CA ALA D 393 37.58 20.58 20.71
C ALA D 393 36.88 21.05 21.97
N ASP D 394 36.80 20.19 23.00
CA ASP D 394 36.05 20.54 24.20
C ASP D 394 36.68 21.72 24.95
N ASP D 395 38.00 21.90 24.82
CA ASP D 395 38.69 22.95 25.55
C ASP D 395 38.59 24.31 24.88
N TYR D 396 38.00 24.40 23.69
CA TYR D 396 38.03 25.64 22.93
C TYR D 396 36.68 26.12 22.42
N ILE D 397 35.62 25.30 22.51
CA ILE D 397 34.29 25.74 22.17
C ILE D 397 33.64 26.36 23.40
N GLU D 398 32.81 27.38 23.19
CA GLU D 398 32.14 28.08 24.28
C GLU D 398 30.65 28.16 23.96
N ILE D 399 29.82 27.70 24.89
CA ILE D 399 28.37 27.80 24.78
C ILE D 399 27.90 28.73 25.90
N THR D 400 27.23 29.82 25.53
CA THR D 400 26.77 30.80 26.50
C THR D 400 25.51 30.29 27.19
N GLY D 401 25.52 30.32 28.52
CA GLY D 401 24.39 29.89 29.32
C GLY D 401 23.64 31.05 29.93
N ALA D 402 22.93 30.76 31.02
CA ALA D 402 22.16 31.78 31.72
C ALA D 402 23.10 32.73 32.46
N GLY D 403 22.96 34.03 32.22
CA GLY D 403 23.85 34.99 32.81
C GLY D 403 25.16 35.19 32.06
N GLY D 404 25.23 34.74 30.81
CA GLY D 404 26.43 34.91 30.03
C GLY D 404 27.58 33.99 30.37
N LYS D 405 27.36 33.00 31.23
CA LYS D 405 28.43 32.10 31.64
C LYS D 405 28.81 31.17 30.49
N LYS D 406 30.10 31.05 30.23
CA LYS D 406 30.60 30.20 29.15
C LYS D 406 30.68 28.75 29.63
N TYR D 407 30.14 27.83 28.83
CA TYR D 407 30.14 26.42 29.16
C TYR D 407 30.84 25.63 28.07
N ARG D 408 31.50 24.55 28.47
CA ARG D 408 32.07 23.62 27.51
C ARG D 408 31.00 22.67 26.98
N ILE D 409 31.36 21.89 25.96
CA ILE D 409 30.45 20.88 25.45
C ILE D 409 30.15 19.86 26.54
N SER D 410 31.15 19.52 27.36
CA SER D 410 30.97 18.54 28.42
C SER D 410 30.22 19.11 29.62
N THR D 411 30.40 20.39 29.92
CA THR D 411 29.75 21.01 31.07
C THR D 411 28.41 21.64 30.73
N ALA D 412 28.03 21.68 29.45
CA ALA D 412 26.76 22.28 29.07
C ALA D 412 25.57 21.52 29.64
N ILE D 413 25.77 20.28 30.08
CA ILE D 413 24.71 19.51 30.71
C ILE D 413 24.33 20.05 32.07
N ASP D 414 25.15 20.92 32.66
CA ASP D 414 24.83 21.55 33.93
C ASP D 414 23.90 22.75 33.78
N ASP D 415 23.67 23.22 32.55
CA ASP D 415 22.88 24.42 32.31
C ASP D 415 21.95 24.15 31.13
N MET D 416 20.65 24.13 31.39
CA MET D 416 19.69 23.84 30.32
C MET D 416 19.62 24.99 29.31
N GLU D 417 19.90 26.21 29.75
CA GLU D 417 19.95 27.34 28.83
C GLU D 417 21.04 27.15 27.79
N ALA D 418 22.16 26.54 28.19
CA ALA D 418 23.24 26.25 27.25
C ALA D 418 22.98 24.94 26.50
N TYR D 419 22.43 23.94 27.19
CA TYR D 419 22.14 22.67 26.55
C TYR D 419 21.12 22.81 25.43
N THR D 420 20.25 23.82 25.51
CA THR D 420 19.29 24.07 24.44
C THR D 420 19.99 24.44 23.14
N LYS D 421 21.18 25.05 23.23
CA LYS D 421 21.94 25.45 22.06
C LYS D 421 22.97 24.42 21.63
N LEU D 422 22.95 23.23 22.22
CA LEU D 422 23.93 22.18 21.92
C LEU D 422 23.24 21.12 21.06
N THR D 423 23.40 21.24 19.76
CA THR D 423 22.77 20.32 18.81
C THR D 423 23.84 19.77 17.88
N ASP D 424 23.41 19.25 16.73
CA ASP D 424 24.34 18.61 15.80
C ASP D 424 25.19 19.62 15.03
N ASN D 425 24.81 20.89 15.01
CA ASN D 425 25.57 21.87 14.24
C ASN D 425 26.94 22.16 14.83
N ILE D 426 27.20 21.77 16.08
CA ILE D 426 28.54 21.90 16.64
C ILE D 426 29.52 21.03 15.86
N PHE D 427 29.02 19.97 15.22
CA PHE D 427 29.81 19.23 14.25
C PHE D 427 30.28 20.15 13.13
N LEU D 428 29.35 20.89 12.53
CA LEU D 428 29.69 21.77 11.41
C LEU D 428 30.43 23.01 11.90
N GLU D 429 30.15 23.48 13.12
CA GLU D 429 30.92 24.58 13.69
C GLU D 429 32.41 24.23 13.77
N ILE D 430 32.72 22.99 14.16
CA ILE D 430 34.10 22.55 14.20
C ILE D 430 34.65 22.36 12.79
N LEU D 431 33.83 21.82 11.89
CA LEU D 431 34.31 21.53 10.54
C LEU D 431 34.59 22.81 9.76
N TYR D 432 33.80 23.86 9.97
CA TYR D 432 33.97 25.12 9.27
C TYR D 432 34.79 26.13 10.05
N SER D 433 35.43 25.70 11.13
CA SER D 433 36.16 26.64 11.99
C SER D 433 37.49 27.04 11.36
N THR D 434 37.90 28.27 11.66
CA THR D 434 39.19 28.80 11.24
C THR D 434 40.18 28.93 12.38
N ASP D 435 39.74 28.76 13.62
CA ASP D 435 40.62 28.87 14.78
C ASP D 435 41.71 27.80 14.71
N PRO D 436 42.99 28.18 14.85
CA PRO D 436 44.04 27.15 14.94
C PRO D 436 43.89 26.25 16.16
N LYS D 437 43.25 26.73 17.22
CA LYS D 437 43.04 25.90 18.40
C LYS D 437 42.19 24.68 18.08
N LEU D 438 41.29 24.81 17.10
CA LEU D 438 40.38 23.73 16.72
C LEU D 438 40.89 22.92 15.52
N LYS D 439 42.11 23.18 15.06
CA LYS D 439 42.61 22.49 13.88
C LYS D 439 42.72 20.99 14.12
N ASP D 440 43.22 20.59 15.29
CA ASP D 440 43.36 19.16 15.57
C ASP D 440 42.01 18.46 15.53
N ALA D 441 40.96 19.11 16.03
CA ALA D 441 39.63 18.52 15.94
C ALA D 441 39.08 18.58 14.52
N ARG D 442 39.38 19.67 13.80
CA ARG D 442 38.91 19.80 12.43
C ARG D 442 39.47 18.71 11.53
N GLU D 443 40.72 18.30 11.78
CA GLU D 443 41.35 17.30 10.93
C GLU D 443 40.61 15.97 11.00
N ILE D 444 40.14 15.59 12.18
CA ILE D 444 39.42 14.32 12.32
C ILE D 444 38.13 14.36 11.52
N LEU D 445 37.40 15.48 11.57
CA LEU D 445 36.16 15.59 10.81
C LEU D 445 36.45 15.56 9.31
N LYS D 446 37.56 16.17 8.89
CA LYS D 446 37.97 16.07 7.49
C LYS D 446 38.22 14.63 7.10
N GLN D 447 38.77 13.83 8.03
CA GLN D 447 39.02 12.42 7.74
C GLN D 447 37.74 11.66 7.45
N ILE D 448 36.63 12.06 8.07
CA ILE D 448 35.35 11.40 7.80
C ILE D 448 34.88 11.70 6.38
N GLU D 449 35.09 12.93 5.91
CA GLU D 449 34.66 13.30 4.57
C GLU D 449 35.46 12.57 3.49
N TYR D 450 36.70 12.19 3.80
CA TYR D 450 37.57 11.48 2.87
C TYR D 450 37.50 9.97 3.02
N ARG D 451 36.72 9.48 3.98
CA ARG D 451 36.69 8.04 4.32
C ARG D 451 38.08 7.54 4.67
N ASN D 452 38.85 8.37 5.37
CA ASN D 452 40.12 7.94 5.96
C ASN D 452 39.89 7.63 7.43
N LEU D 453 39.13 6.56 7.66
CA LEU D 453 38.63 6.23 8.98
C LEU D 453 39.65 5.43 9.77
N PHE D 454 39.40 5.30 11.07
CA PHE D 454 40.22 4.45 11.92
C PHE D 454 40.13 3.01 11.44
N LYS D 455 41.19 2.25 11.72
CA LYS D 455 41.30 0.88 11.22
C LYS D 455 40.81 -0.09 12.28
N TYR D 456 39.87 -0.95 11.88
CA TYR D 456 39.35 -1.99 12.76
C TYR D 456 40.46 -2.98 13.06
N VAL D 457 40.79 -3.13 14.34
CA VAL D 457 41.75 -4.12 14.77
C VAL D 457 41.08 -5.45 15.04
N GLY D 458 40.04 -5.45 15.87
CA GLY D 458 39.33 -6.68 16.18
C GLY D 458 38.13 -6.39 17.05
N GLU D 459 37.42 -7.46 17.39
CA GLU D 459 36.21 -7.39 18.20
C GLU D 459 36.26 -8.51 19.22
N THR D 460 35.74 -8.25 20.42
CA THR D 460 35.70 -9.27 21.47
C THR D 460 34.43 -9.05 22.29
N GLN D 461 34.25 -9.89 23.31
CA GLN D 461 33.02 -9.89 24.05
C GLN D 461 33.23 -10.41 25.46
N PRO D 462 32.66 -9.74 26.47
CA PRO D 462 32.79 -10.21 27.86
C PRO D 462 31.72 -11.23 28.24
N THR D 463 31.70 -12.36 27.53
CA THR D 463 30.78 -13.44 27.88
C THR D 463 31.18 -14.05 29.23
N GLY D 464 30.22 -14.18 30.13
CA GLY D 464 30.52 -14.67 31.46
C GLY D 464 31.35 -13.74 32.30
N GLN D 465 31.61 -12.53 31.83
CA GLN D 465 32.40 -11.54 32.56
C GLN D 465 31.51 -10.41 33.03
N ILE D 466 32.00 -9.68 34.04
CA ILE D 466 31.32 -8.46 34.47
C ILE D 466 31.44 -7.42 33.36
N LYS D 467 30.31 -6.82 32.99
CA LYS D 467 30.29 -5.87 31.89
C LYS D 467 31.12 -4.63 32.24
N ILE D 468 31.75 -4.05 31.22
CA ILE D 468 32.53 -2.83 31.42
C ILE D 468 31.59 -1.65 31.61
N LYS D 469 31.91 -0.80 32.60
CA LYS D 469 31.08 0.33 32.96
C LYS D 469 31.59 1.61 32.30
N ARG D 470 30.73 2.62 32.29
CA ARG D 470 31.07 3.88 31.63
C ARG D 470 32.22 4.60 32.30
N GLU D 471 32.32 4.50 33.63
CA GLU D 471 33.38 5.21 34.36
C GLU D 471 34.76 4.61 34.13
N ASP D 472 34.85 3.46 33.47
CA ASP D 472 36.13 2.84 33.16
C ASP D 472 36.47 2.92 31.67
N TYR D 473 35.68 3.65 30.88
CA TYR D 473 35.96 3.78 29.46
C TYR D 473 37.28 4.50 29.23
N GLU D 474 37.54 5.56 30.00
CA GLU D 474 38.73 6.38 29.80
C GLU D 474 40.03 5.62 30.05
N SER D 475 39.99 4.57 30.87
CA SER D 475 41.18 3.79 31.19
C SER D 475 41.42 2.65 30.21
N LEU D 476 40.47 2.36 29.32
CA LEU D 476 40.60 1.18 28.46
C LEU D 476 41.73 1.29 27.45
N PRO D 477 41.86 2.38 26.68
CA PRO D 477 42.96 2.42 25.69
C PRO D 477 44.34 2.39 26.31
N LYS D 478 44.51 2.96 27.50
CA LYS D 478 45.79 2.85 28.20
C LYS D 478 46.06 1.41 28.63
N GLU D 479 45.00 0.63 28.87
CA GLU D 479 45.16 -0.75 29.28
C GLU D 479 45.54 -1.65 28.11
N VAL D 480 45.07 -1.32 26.90
CA VAL D 480 45.42 -2.12 25.73
C VAL D 480 46.86 -1.85 25.31
N ALA D 481 47.28 -0.59 25.35
CA ALA D 481 48.66 -0.25 25.00
C ALA D 481 49.66 -0.77 26.02
N SER D 482 49.21 -1.14 27.22
CA SER D 482 50.09 -1.69 28.25
C SER D 482 50.18 -3.22 28.19
N ALA D 483 49.58 -3.84 27.18
CA ALA D 483 49.64 -5.29 27.05
C ALA D 483 51.07 -5.74 26.75
N LYS D 484 51.33 -7.02 27.02
CA LYS D 484 52.66 -7.60 26.87
C LYS D 484 52.59 -8.77 25.90
N PRO D 485 52.68 -8.51 24.59
CA PRO D 485 52.76 -9.62 23.64
C PRO D 485 54.13 -10.29 23.71
N LYS D 486 54.14 -11.61 23.47
CA LYS D 486 55.39 -12.35 23.50
C LYS D 486 56.32 -11.93 22.36
N VAL D 487 55.80 -11.91 21.14
CA VAL D 487 56.60 -11.52 19.97
C VAL D 487 56.80 -10.02 20.01
N LEU D 488 58.00 -9.57 20.36
CA LEU D 488 58.31 -8.15 20.37
C LEU D 488 58.53 -7.63 18.96
N LEU D 489 57.95 -6.47 18.66
CA LEU D 489 58.07 -5.85 17.35
C LEU D 489 58.73 -4.49 17.49
N ASP D 490 59.19 -3.96 16.35
CA ASP D 490 59.87 -2.66 16.32
C ASP D 490 58.91 -1.49 16.38
N VAL D 491 57.62 -1.74 16.62
CA VAL D 491 56.60 -0.69 16.67
C VAL D 491 56.08 -0.63 18.10
N LYS D 492 56.48 0.41 18.83
CA LYS D 492 55.96 0.68 20.16
C LYS D 492 54.78 1.64 20.02
N LEU D 493 53.59 1.19 20.42
CA LEU D 493 52.37 1.97 20.29
C LEU D 493 51.98 2.58 21.62
N LYS D 494 51.43 3.79 21.57
CA LYS D 494 50.97 4.51 22.75
C LYS D 494 49.45 4.50 22.80
N ALA D 495 48.92 4.80 23.99
CA ALA D 495 47.47 4.78 24.20
C ALA D 495 46.74 5.77 23.29
N GLU D 496 47.43 6.81 22.81
CA GLU D 496 46.81 7.77 21.91
C GLU D 496 46.54 7.20 20.53
N ASP D 497 47.06 6.01 20.23
CA ASP D 497 46.84 5.36 18.95
C ASP D 497 45.71 4.34 18.99
N PHE D 498 45.08 4.15 20.15
CA PHE D 498 44.03 3.15 20.32
C PHE D 498 42.71 3.82 20.63
N ILE D 499 41.64 3.31 20.00
CA ILE D 499 40.28 3.67 20.34
C ILE D 499 39.55 2.39 20.75
N VAL D 500 38.94 2.42 21.94
CA VAL D 500 38.20 1.29 22.47
C VAL D 500 36.73 1.66 22.49
N ASP D 501 35.93 0.95 21.69
CA ASP D 501 34.51 1.21 21.56
C ASP D 501 33.73 0.14 22.32
N VAL D 502 32.78 0.57 23.15
CA VAL D 502 31.90 -0.32 23.88
C VAL D 502 30.49 -0.12 23.34
N ILE D 503 29.94 -1.16 22.74
CA ILE D 503 28.60 -1.14 22.16
C ILE D 503 27.69 -1.98 23.04
N ASN D 504 26.70 -1.35 23.65
CA ASN D 504 25.73 -2.02 24.50
C ASN D 504 24.36 -1.97 23.85
N MET D 505 23.71 -3.12 23.72
CA MET D 505 22.34 -3.14 23.20
C MET D 505 21.38 -2.53 24.21
N ASP D 506 21.71 -2.60 25.50
CA ASP D 506 20.99 -1.86 26.53
C ASP D 506 21.92 -1.74 27.72
N TYR D 507 22.47 -0.54 27.94
CA TYR D 507 23.45 -0.35 29.02
C TYR D 507 22.83 -0.68 30.38
N GLY D 508 21.60 -0.26 30.60
CA GLY D 508 20.92 -0.56 31.85
C GLY D 508 20.04 -1.78 31.76
N MET D 509 20.65 -2.96 31.63
CA MET D 509 19.90 -4.20 31.53
C MET D 509 20.84 -5.37 31.83
N GLN D 510 20.26 -6.46 32.31
CA GLN D 510 20.99 -7.70 32.56
C GLN D 510 20.39 -8.81 31.72
N GLU D 511 21.23 -9.78 31.36
CA GLU D 511 20.85 -10.84 30.43
C GLU D 511 19.63 -11.62 30.91
N LYS D 512 18.50 -11.43 30.23
CA LYS D 512 17.26 -12.11 30.57
C LYS D 512 16.38 -12.19 29.33
N ASN D 513 15.53 -13.20 29.29
CA ASN D 513 14.55 -13.33 28.22
C ASN D 513 13.33 -12.49 28.55
N PRO D 514 12.96 -11.51 27.73
CA PRO D 514 11.85 -10.62 28.10
C PRO D 514 10.49 -11.29 28.09
N ILE D 515 10.32 -12.42 27.41
CA ILE D 515 9.02 -13.09 27.42
C ILE D 515 8.66 -13.54 28.82
N ASP D 516 9.66 -13.88 29.63
CA ASP D 516 9.40 -14.32 31.00
C ASP D 516 8.75 -13.24 31.84
N HIS D 517 8.82 -11.98 31.41
CA HIS D 517 8.19 -10.86 32.09
C HIS D 517 7.05 -10.27 31.26
N VAL D 518 6.44 -11.08 30.41
CA VAL D 518 5.29 -10.69 29.61
C VAL D 518 4.12 -11.60 30.00
N SER D 519 2.99 -10.99 30.37
CA SER D 519 1.82 -11.72 30.81
C SER D 519 0.70 -11.58 29.78
N PHE D 520 0.01 -12.68 29.52
CA PHE D 520 -1.05 -12.74 28.53
C PHE D 520 -2.39 -13.02 29.21
N TYR D 521 -3.46 -12.91 28.43
CA TYR D 521 -4.81 -13.18 28.91
C TYR D 521 -5.57 -13.98 27.88
N CYS D 522 -6.60 -14.69 28.34
CA CYS D 522 -7.47 -15.46 27.48
C CYS D 522 -8.81 -14.74 27.29
N LYS D 523 -9.51 -15.09 26.20
CA LYS D 523 -10.81 -14.50 25.95
C LYS D 523 -11.82 -14.87 27.03
N THR D 524 -11.62 -16.01 27.69
CA THR D 524 -12.56 -16.45 28.70
C THR D 524 -12.29 -15.82 30.06
N ALA D 525 -11.02 -15.55 30.39
CA ALA D 525 -10.64 -14.93 31.66
C ALA D 525 -9.91 -13.62 31.36
N PRO D 526 -10.64 -12.57 30.97
CA PRO D 526 -9.99 -11.32 30.56
C PRO D 526 -9.52 -10.46 31.72
N ASN D 527 -9.42 -11.04 32.91
CA ASN D 527 -8.91 -10.32 34.07
C ASN D 527 -7.78 -11.03 34.80
N ARG D 528 -7.49 -12.28 34.48
CA ARG D 528 -6.41 -13.03 35.10
C ARG D 528 -5.41 -13.49 34.03
N ALA D 529 -4.14 -13.43 34.38
CA ALA D 529 -3.07 -13.85 33.46
C ALA D 529 -3.02 -15.37 33.40
N ILE D 530 -2.03 -15.89 32.68
CA ILE D 530 -1.87 -17.33 32.48
C ILE D 530 -0.58 -17.78 33.15
N ARG D 531 -0.70 -18.79 34.02
CA ARG D 531 0.49 -19.41 34.60
C ARG D 531 1.26 -20.16 33.52
N ILE D 532 2.59 -20.05 33.58
CA ILE D 532 3.44 -20.67 32.57
C ILE D 532 4.61 -21.39 33.22
N LEU D 541 13.47 -20.98 19.54
CA LEU D 541 13.20 -20.06 18.45
C LEU D 541 13.60 -18.60 18.74
N PRO D 542 13.28 -18.09 19.94
CA PRO D 542 13.76 -16.73 20.28
C PRO D 542 15.28 -16.67 20.29
N GLU D 543 15.81 -15.56 19.79
CA GLU D 543 17.24 -15.38 19.60
C GLU D 543 17.84 -14.78 20.87
N LYS D 544 18.61 -15.60 21.59
CA LYS D 544 19.33 -15.10 22.75
C LYS D 544 20.39 -14.11 22.28
N PHE D 545 20.39 -12.91 22.84
CA PHE D 545 21.15 -11.80 22.29
C PHE D 545 22.30 -11.39 23.19
N ALA D 546 23.47 -11.20 22.57
CA ALA D 546 24.61 -10.62 23.27
C ALA D 546 24.29 -9.19 23.70
N GLU D 547 24.93 -8.76 24.79
CA GLU D 547 24.68 -7.42 25.33
C GLU D 547 25.77 -6.42 25.00
N GLN D 548 27.04 -6.78 25.19
CA GLN D 548 28.13 -5.82 25.08
C GLN D 548 29.19 -6.36 24.14
N LEU D 549 29.64 -5.51 23.22
CA LEU D 549 30.69 -5.84 22.27
C LEU D 549 31.82 -4.83 22.41
N ILE D 550 33.05 -5.34 22.43
CA ILE D 550 34.25 -4.51 22.60
C ILE D 550 34.99 -4.51 21.29
N ARG D 551 35.03 -3.35 20.63
CA ARG D 551 35.78 -3.18 19.39
C ARG D 551 36.96 -2.24 19.64
N VAL D 552 38.07 -2.51 18.95
CA VAL D 552 39.29 -1.72 19.09
C VAL D 552 39.69 -1.21 17.71
N TYR D 553 39.91 0.10 17.61
CA TYR D 553 40.36 0.74 16.39
C TYR D 553 41.72 1.39 16.62
N CYS D 554 42.50 1.48 15.55
CA CYS D 554 43.81 2.11 15.57
C CYS D 554 43.81 3.38 14.75
N LYS D 555 44.59 4.36 15.20
CA LYS D 555 44.70 5.63 14.49
C LYS D 555 45.82 5.64 13.45
N LYS D 556 46.85 4.82 13.65
CA LYS D 556 47.85 4.63 12.61
C LYS D 556 47.25 3.88 11.44
N VAL D 557 47.83 4.11 10.26
CA VAL D 557 47.35 3.47 9.03
C VAL D 557 48.42 2.62 8.37
N ASP D 558 49.63 2.58 8.92
CA ASP D 558 50.68 1.77 8.33
C ASP D 558 50.55 0.32 8.78
N ARG D 559 50.95 -0.60 7.90
CA ARG D 559 50.74 -2.03 8.12
C ARG D 559 51.55 -2.53 9.31
N LYS D 560 52.72 -1.96 9.56
CA LYS D 560 53.53 -2.39 10.70
C LYS D 560 52.83 -2.07 12.02
N SER D 561 52.33 -0.85 12.17
CA SER D 561 51.61 -0.49 13.39
C SER D 561 50.26 -1.18 13.46
N LEU D 562 49.58 -1.32 12.32
CA LEU D 562 48.27 -1.95 12.30
C LEU D 562 48.36 -3.43 12.69
N TYR D 563 49.45 -4.11 12.30
CA TYR D 563 49.63 -5.48 12.73
C TYR D 563 50.08 -5.56 14.19
N ALA D 564 50.88 -4.59 14.63
CA ALA D 564 51.29 -4.55 16.03
C ALA D 564 50.09 -4.32 16.94
N ALA D 565 49.18 -3.42 16.56
CA ALA D 565 47.99 -3.18 17.36
C ALA D 565 47.13 -4.44 17.45
N ARG D 566 47.09 -5.24 16.39
CA ARG D 566 46.39 -6.51 16.45
C ARG D 566 47.04 -7.44 17.48
N GLN D 567 48.36 -7.38 17.59
CA GLN D 567 49.06 -8.21 18.57
C GLN D 567 48.75 -7.76 19.99
N TYR D 568 48.75 -6.44 20.23
CA TYR D 568 48.37 -5.93 21.55
C TYR D 568 46.95 -6.34 21.91
N PHE D 569 46.04 -6.32 20.92
CA PHE D 569 44.63 -6.54 21.21
C PHE D 569 44.36 -7.99 21.59
N VAL D 570 44.97 -8.95 20.88
CA VAL D 570 44.76 -10.35 21.23
C VAL D 570 45.41 -10.67 22.57
N GLN D 571 46.47 -9.93 22.93
CA GLN D 571 47.09 -10.14 24.24
C GLN D 571 46.20 -9.57 25.34
N TRP D 572 45.57 -8.43 25.10
CA TRP D 572 44.65 -7.84 26.06
C TRP D 572 43.39 -8.68 26.22
N CYS D 573 43.04 -9.50 25.22
CA CYS D 573 41.83 -10.31 25.31
C CYS D 573 42.02 -11.51 26.22
N ALA D 574 43.25 -12.00 26.34
CA ALA D 574 43.52 -13.08 27.28
C ALA D 574 43.71 -12.55 28.70
N ASP D 575 44.25 -11.34 28.83
CA ASP D 575 44.41 -10.75 30.15
C ASP D 575 43.06 -10.35 30.73
N ARG D 576 42.21 -9.72 29.93
CA ARG D 576 40.88 -9.32 30.36
C ARG D 576 39.90 -10.50 30.42
N ASN D 577 40.36 -11.70 30.08
CA ASN D 577 39.53 -12.91 30.13
C ASN D 577 38.28 -12.77 29.26
N PHE D 578 38.45 -12.13 28.10
CA PHE D 578 37.37 -12.00 27.13
C PHE D 578 37.50 -13.09 26.07
N THR D 579 36.47 -13.18 25.22
CA THR D 579 36.47 -14.20 24.18
C THR D 579 37.63 -13.98 23.21
N LYS D 580 38.14 -15.08 22.69
CA LYS D 580 39.31 -15.01 21.82
C LYS D 580 38.93 -14.40 20.48
N PRO D 581 39.65 -13.39 20.00
CA PRO D 581 39.30 -12.77 18.72
C PRO D 581 39.45 -13.74 17.56
N GLN D 582 38.46 -13.75 16.68
CA GLN D 582 38.49 -14.51 15.45
C GLN D 582 38.43 -13.57 14.25
N ASP D 583 39.06 -13.98 13.16
CA ASP D 583 39.01 -13.28 11.88
C ASP D 583 39.81 -14.06 10.84
FE FE I . 17.56 16.45 -8.31
CA CA J . 17.67 19.64 -11.06
FE FE K . -24.19 1.56 -10.03
CA CA L . -25.91 3.20 -13.27
FE FE M . -6.77 -25.26 -3.96
CA CA N . -7.44 -28.77 -3.65
CA CA O . 15.46 7.98 25.40
FE FE P . 13.05 7.44 22.53
#